data_8FUG
#
_entry.id   8FUG
#
loop_
_entity.id
_entity.type
_entity.pdbx_description
1 polymer 'Microtubule-associated protein tau'
2 non-polymer (5S)-2-[4-(2-fluoroethyl)piperidin-1-yl]pyrimido[1,2-a]benzimidazole
#
_entity_poly.entity_id   1
_entity_poly.type   'polypeptide(L)'
_entity_poly.pdbx_seq_one_letter_code
;VQIVYKPVDLSKVTSKCGSLGNIHHKPGGGQVEVKSEKLDFKDRVQSKIGSLDNITHVPGGGNKKIETHKLTF
;
_entity_poly.pdbx_strand_id   A,B,C,D,E,F,G,H,I,J,K,L,M,N,O,P,Q,R,S,T,U,V,W
#
# COMPACT_ATOMS: atom_id res chain seq x y z
N VAL A 1 -36.29 58.68 -26.10
CA VAL A 1 -35.85 57.41 -26.66
C VAL A 1 -36.51 56.26 -25.93
N GLN A 2 -36.90 55.23 -26.67
CA GLN A 2 -37.57 54.06 -26.12
C GLN A 2 -36.93 52.80 -26.69
N ILE A 3 -36.74 51.80 -25.83
CA ILE A 3 -36.15 50.53 -26.21
C ILE A 3 -36.99 49.41 -25.62
N VAL A 4 -37.24 48.37 -26.42
CA VAL A 4 -37.97 47.19 -25.99
C VAL A 4 -37.17 45.96 -26.38
N TYR A 5 -37.12 44.98 -25.47
CA TYR A 5 -36.33 43.78 -25.69
C TYR A 5 -37.09 42.62 -25.04
N LYS A 6 -37.91 41.94 -25.84
CA LYS A 6 -38.77 40.86 -25.37
C LYS A 6 -38.63 39.66 -26.31
N PRO A 7 -37.46 39.02 -26.34
CA PRO A 7 -37.29 37.79 -27.12
C PRO A 7 -37.94 36.62 -26.41
N VAL A 8 -38.79 35.88 -27.12
CA VAL A 8 -39.51 34.74 -26.59
C VAL A 8 -38.91 33.47 -27.18
N ASP A 9 -38.61 32.51 -26.32
CA ASP A 9 -38.04 31.24 -26.74
C ASP A 9 -38.82 30.11 -26.10
N LEU A 10 -39.17 29.10 -26.90
CA LEU A 10 -39.87 27.92 -26.42
C LEU A 10 -39.39 26.75 -27.25
N SER A 11 -38.35 26.06 -26.78
CA SER A 11 -37.69 25.02 -27.54
C SER A 11 -37.55 23.77 -26.69
N LYS A 12 -37.71 22.61 -27.32
CA LYS A 12 -37.58 21.32 -26.66
C LYS A 12 -36.49 20.54 -27.38
N VAL A 13 -35.33 20.42 -26.74
CA VAL A 13 -34.21 19.65 -27.28
C VAL A 13 -34.35 18.24 -26.72
N THR A 14 -35.16 17.42 -27.40
CA THR A 14 -35.48 16.08 -26.94
C THR A 14 -34.37 15.10 -27.32
N SER A 15 -34.27 14.03 -26.54
CA SER A 15 -33.29 12.98 -26.80
C SER A 15 -33.86 11.68 -26.24
N LYS A 16 -34.27 10.77 -27.12
CA LYS A 16 -34.82 9.48 -26.74
C LYS A 16 -33.93 8.37 -27.29
N CYS A 17 -33.61 7.41 -26.43
CA CYS A 17 -32.85 6.24 -26.85
C CYS A 17 -33.33 5.04 -26.05
N GLY A 18 -33.38 3.87 -26.70
CA GLY A 18 -33.79 2.66 -26.04
C GLY A 18 -32.72 2.09 -25.14
N SER A 19 -31.55 1.82 -25.71
CA SER A 19 -30.43 1.29 -24.94
C SER A 19 -29.16 1.46 -25.75
N LEU A 20 -28.13 2.04 -25.14
CA LEU A 20 -26.88 2.30 -25.85
C LEU A 20 -26.27 0.99 -26.32
N GLY A 21 -25.82 0.14 -25.39
CA GLY A 21 -25.31 -1.16 -25.71
C GLY A 21 -23.92 -1.35 -25.17
N ASN A 22 -23.22 -2.34 -25.72
CA ASN A 22 -21.89 -2.74 -25.25
C ASN A 22 -20.85 -1.88 -25.96
N ILE A 23 -20.29 -0.95 -25.21
CA ILE A 23 -19.28 -0.03 -25.74
C ILE A 23 -17.93 -0.40 -25.13
N HIS A 24 -16.93 -0.59 -25.98
CA HIS A 24 -15.60 -1.01 -25.56
C HIS A 24 -14.56 -0.01 -26.04
N HIS A 25 -13.61 0.30 -25.16
CA HIS A 25 -12.54 1.24 -25.46
C HIS A 25 -11.25 0.63 -24.91
N LYS A 26 -10.46 0.03 -25.80
CA LYS A 26 -9.26 -0.72 -25.44
C LYS A 26 -8.08 -0.18 -26.22
N PRO A 27 -7.59 1.01 -25.85
CA PRO A 27 -6.42 1.57 -26.53
C PRO A 27 -5.12 0.94 -26.07
N GLY A 28 -4.15 0.93 -26.98
CA GLY A 28 -2.81 0.47 -26.68
C GLY A 28 -1.88 1.63 -26.42
N GLY A 29 -1.21 1.63 -25.26
CA GLY A 29 -0.37 2.74 -24.88
C GLY A 29 0.77 3.00 -25.83
N GLY A 30 0.87 4.24 -26.29
CA GLY A 30 1.93 4.67 -27.17
C GLY A 30 3.07 5.33 -26.43
N GLN A 31 3.77 6.23 -27.11
CA GLN A 31 4.91 6.91 -26.54
C GLN A 31 4.91 8.36 -27.02
N VAL A 32 5.17 9.28 -26.09
CA VAL A 32 5.19 10.71 -26.39
C VAL A 32 6.46 11.31 -25.78
N GLU A 33 7.12 12.18 -26.54
CA GLU A 33 8.33 12.84 -26.08
C GLU A 33 8.30 14.29 -26.54
N VAL A 34 8.43 15.21 -25.60
CA VAL A 34 8.47 16.64 -25.89
C VAL A 34 9.72 17.23 -25.25
N LYS A 35 10.43 18.06 -26.02
CA LYS A 35 11.68 18.66 -25.56
C LYS A 35 11.65 20.15 -25.89
N SER A 36 11.72 20.98 -24.86
CA SER A 36 11.76 22.42 -25.00
C SER A 36 12.82 23.00 -24.06
N GLU A 37 13.05 24.30 -24.17
CA GLU A 37 14.00 25.00 -23.31
C GLU A 37 13.34 26.07 -22.47
N LYS A 38 12.60 27.00 -23.07
CA LYS A 38 12.03 28.12 -22.36
C LYS A 38 10.56 28.28 -22.74
N LEU A 39 9.73 28.58 -21.74
CA LEU A 39 8.31 28.84 -21.92
C LEU A 39 7.96 30.18 -21.30
N ASP A 40 7.24 31.01 -22.06
CA ASP A 40 6.82 32.33 -21.60
C ASP A 40 5.35 32.50 -21.99
N PHE A 41 4.46 32.35 -21.02
CA PHE A 41 3.02 32.38 -21.25
C PHE A 41 2.41 33.58 -20.55
N LYS A 42 1.45 34.23 -21.20
CA LYS A 42 0.81 35.41 -20.64
C LYS A 42 -0.57 35.60 -21.26
N ASP A 43 -1.44 36.27 -20.50
CA ASP A 43 -2.66 36.88 -21.00
C ASP A 43 -3.58 35.84 -21.66
N ARG A 44 -4.11 34.96 -20.81
CA ARG A 44 -5.14 34.01 -21.19
C ARG A 44 -4.62 33.01 -22.23
N VAL A 45 -3.61 32.25 -21.80
CA VAL A 45 -3.02 31.19 -22.62
C VAL A 45 -3.15 29.89 -21.85
N GLN A 46 -3.84 28.92 -22.45
CA GLN A 46 -3.99 27.59 -21.89
C GLN A 46 -3.28 26.59 -22.79
N SER A 47 -2.37 25.80 -22.22
CA SER A 47 -1.52 24.92 -23.00
C SER A 47 -1.62 23.49 -22.45
N LYS A 48 -1.30 22.54 -23.32
CA LYS A 48 -1.27 21.12 -22.97
C LYS A 48 -0.04 20.53 -23.65
N ILE A 49 1.05 20.42 -22.90
CA ILE A 49 2.35 20.02 -23.44
C ILE A 49 2.65 18.62 -22.90
N GLY A 50 2.45 17.61 -23.74
CA GLY A 50 2.77 16.25 -23.36
C GLY A 50 1.60 15.55 -22.72
N SER A 51 0.92 14.69 -23.46
CA SER A 51 -0.28 14.05 -22.94
C SER A 51 -0.53 12.76 -23.68
N LEU A 52 -0.94 11.74 -22.93
CA LEU A 52 -1.40 10.47 -23.47
C LEU A 52 -2.68 10.15 -22.71
N ASP A 53 -3.80 10.66 -23.21
CA ASP A 53 -5.05 10.67 -22.48
C ASP A 53 -6.12 9.88 -23.22
N ASN A 54 -6.89 9.10 -22.47
CA ASN A 54 -7.98 8.31 -23.00
C ASN A 54 -9.26 8.69 -22.27
N ILE A 55 -10.31 8.98 -23.02
CA ILE A 55 -11.59 9.37 -22.44
C ILE A 55 -12.70 8.58 -23.13
N THR A 56 -13.64 8.09 -22.34
CA THR A 56 -14.82 7.36 -22.84
C THR A 56 -16.04 8.09 -22.31
N HIS A 57 -16.51 9.07 -23.06
CA HIS A 57 -17.67 9.88 -22.68
C HIS A 57 -18.91 9.24 -23.30
N VAL A 58 -19.75 8.65 -22.44
CA VAL A 58 -20.95 7.95 -22.91
C VAL A 58 -22.14 8.46 -22.11
N PRO A 59 -22.58 9.69 -22.34
CA PRO A 59 -23.74 10.19 -21.59
C PRO A 59 -25.06 9.82 -22.26
N GLY A 60 -25.95 9.17 -21.51
CA GLY A 60 -27.26 8.90 -22.05
C GLY A 60 -28.05 10.19 -22.09
N GLY A 61 -28.18 10.77 -23.28
CA GLY A 61 -28.78 12.08 -23.43
C GLY A 61 -27.72 13.16 -23.39
N GLY A 62 -27.37 13.70 -24.56
CA GLY A 62 -26.44 14.81 -24.64
C GLY A 62 -27.05 15.98 -25.38
N ASN A 63 -27.27 17.08 -24.67
CA ASN A 63 -27.97 18.22 -25.24
C ASN A 63 -27.49 19.48 -24.56
N LYS A 64 -26.93 20.40 -25.34
CA LYS A 64 -26.46 21.68 -24.81
C LYS A 64 -27.10 22.81 -25.58
N LYS A 65 -27.77 23.70 -24.85
CA LYS A 65 -28.48 24.83 -25.43
C LYS A 65 -27.84 26.11 -24.91
N ILE A 66 -27.29 26.91 -25.82
CA ILE A 66 -26.56 28.13 -25.48
C ILE A 66 -27.32 29.32 -26.02
N GLU A 67 -27.53 30.32 -25.16
CA GLU A 67 -28.19 31.57 -25.54
C GLU A 67 -27.36 32.71 -24.96
N THR A 68 -26.96 33.63 -25.82
CA THR A 68 -26.15 34.79 -25.42
C THR A 68 -26.91 36.06 -25.76
N HIS A 69 -27.65 36.58 -24.78
CA HIS A 69 -28.36 37.84 -24.96
C HIS A 69 -27.43 38.99 -24.60
N LYS A 70 -27.44 40.03 -25.43
CA LYS A 70 -26.57 41.18 -25.22
C LYS A 70 -27.34 42.44 -25.60
N LEU A 71 -26.95 43.56 -24.99
CA LEU A 71 -27.57 44.84 -25.28
C LEU A 71 -26.66 45.94 -24.76
N THR A 72 -26.33 46.90 -25.63
CA THR A 72 -25.36 47.93 -25.32
C THR A 72 -25.89 49.28 -25.78
N PHE A 73 -25.42 50.34 -25.13
CA PHE A 73 -25.81 51.70 -25.47
C PHE A 73 -24.59 52.55 -25.81
N VAL B 1 38.08 -56.15 -32.31
CA VAL B 1 37.67 -54.79 -32.66
C VAL B 1 38.31 -53.78 -31.73
N GLN B 2 38.73 -52.65 -32.28
CA GLN B 2 39.39 -51.59 -31.52
C GLN B 2 38.77 -50.25 -31.89
N ILE B 3 38.57 -49.41 -30.88
CA ILE B 3 37.98 -48.08 -31.06
C ILE B 3 38.82 -47.09 -30.27
N VAL B 4 39.08 -45.93 -30.87
CA VAL B 4 39.82 -44.85 -30.22
C VAL B 4 39.04 -43.56 -30.42
N TYR B 5 38.96 -42.76 -29.36
CA TYR B 5 38.19 -41.52 -29.40
C TYR B 5 38.94 -40.49 -28.55
N LYS B 6 39.78 -39.69 -29.20
CA LYS B 6 40.63 -38.71 -28.53
C LYS B 6 40.52 -37.38 -29.25
N PRO B 7 39.35 -36.73 -29.22
CA PRO B 7 39.22 -35.38 -29.78
C PRO B 7 39.85 -34.35 -28.86
N VAL B 8 40.72 -33.52 -29.42
CA VAL B 8 41.42 -32.49 -28.67
C VAL B 8 40.85 -31.13 -29.07
N ASP B 9 40.54 -30.32 -28.06
CA ASP B 9 39.99 -29.00 -28.28
C ASP B 9 40.75 -28.00 -27.43
N LEU B 10 41.13 -26.88 -28.05
CA LEU B 10 41.82 -25.80 -27.35
C LEU B 10 41.37 -24.49 -28.00
N SER B 11 40.32 -23.90 -27.44
CA SER B 11 39.69 -22.72 -28.04
C SER B 11 39.53 -21.64 -26.99
N LYS B 12 39.73 -20.39 -27.41
CA LYS B 12 39.57 -19.22 -26.55
C LYS B 12 38.51 -18.32 -27.16
N VAL B 13 37.32 -18.30 -26.55
CA VAL B 13 36.23 -17.44 -26.98
C VAL B 13 36.36 -16.14 -26.18
N THR B 14 37.19 -15.23 -26.70
CA THR B 14 37.50 -14.00 -26.00
C THR B 14 36.42 -12.96 -26.25
N SER B 15 36.29 -12.03 -25.30
CA SER B 15 35.33 -10.94 -25.41
C SER B 15 35.88 -9.76 -24.61
N LYS B 16 36.33 -8.73 -25.32
CA LYS B 16 36.88 -7.52 -24.71
C LYS B 16 36.01 -6.32 -25.09
N CYS B 17 35.66 -5.51 -24.10
CA CYS B 17 34.93 -4.29 -24.33
C CYS B 17 35.38 -3.24 -23.34
N GLY B 18 35.46 -1.99 -23.78
CA GLY B 18 35.87 -0.90 -22.91
C GLY B 18 34.77 -0.48 -21.96
N SER B 19 33.62 -0.11 -22.51
CA SER B 19 32.48 0.30 -21.70
C SER B 19 31.22 0.28 -22.56
N LEU B 20 30.18 -0.38 -22.08
CA LEU B 20 28.95 -0.51 -22.85
C LEU B 20 28.36 0.88 -23.13
N GLY B 21 27.88 1.55 -22.07
CA GLY B 21 27.40 2.90 -22.19
C GLY B 21 25.98 3.01 -21.66
N ASN B 22 25.31 4.08 -22.06
CA ASN B 22 23.96 4.41 -21.56
C ASN B 22 22.95 3.68 -22.44
N ILE B 23 22.35 2.65 -21.88
CA ILE B 23 21.34 1.85 -22.57
C ILE B 23 19.99 2.12 -21.94
N HIS B 24 19.02 2.45 -22.78
CA HIS B 24 17.68 2.82 -22.33
C HIS B 24 16.65 1.92 -23.00
N HIS B 25 15.67 1.48 -22.22
CA HIS B 25 14.61 0.61 -22.70
C HIS B 25 13.30 1.13 -22.11
N LYS B 26 12.55 1.89 -22.91
CA LYS B 26 11.34 2.57 -22.45
C LYS B 26 10.18 2.17 -23.34
N PRO B 27 9.68 0.95 -23.19
CA PRO B 27 8.52 0.53 -23.98
C PRO B 27 7.21 1.09 -23.47
N GLY B 28 6.27 1.25 -24.39
CA GLY B 28 4.92 1.66 -24.05
C GLY B 28 3.97 0.49 -24.02
N GLY B 29 3.28 0.30 -22.90
CA GLY B 29 2.41 -0.85 -22.72
C GLY B 29 1.31 -0.94 -23.75
N GLY B 30 1.21 -2.08 -24.41
CA GLY B 30 0.17 -2.34 -25.38
C GLY B 30 -1.00 -3.11 -24.78
N GLN B 31 -1.67 -3.87 -25.64
CA GLN B 31 -2.83 -4.63 -25.22
C GLN B 31 -2.83 -5.97 -25.94
N VAL B 32 -3.12 -7.03 -25.19
CA VAL B 32 -3.14 -8.39 -25.71
C VAL B 32 -4.42 -9.07 -25.26
N GLU B 33 -5.06 -9.80 -26.17
CA GLU B 33 -6.29 -10.51 -25.86
C GLU B 33 -6.25 -11.86 -26.56
N VAL B 34 -6.42 -12.94 -25.79
CA VAL B 34 -6.45 -14.29 -26.32
C VAL B 34 -7.73 -14.97 -25.83
N LYS B 35 -8.41 -15.65 -26.73
CA LYS B 35 -9.69 -16.31 -26.42
C LYS B 35 -9.65 -17.72 -26.99
N SER B 36 -9.75 -18.71 -26.12
CA SER B 36 -9.81 -20.11 -26.51
C SER B 36 -10.89 -20.82 -25.70
N GLU B 37 -11.12 -22.08 -26.04
CA GLU B 37 -12.10 -22.91 -25.34
C GLU B 37 -11.48 -24.12 -24.66
N LYS B 38 -10.72 -24.94 -25.40
CA LYS B 38 -10.17 -26.17 -24.86
C LYS B 38 -8.70 -26.28 -25.23
N LEU B 39 -7.90 -26.75 -24.26
CA LEU B 39 -6.48 -26.99 -24.45
C LEU B 39 -6.15 -28.41 -24.05
N ASP B 40 -5.42 -29.11 -24.92
CA ASP B 40 -5.01 -30.49 -24.67
C ASP B 40 -3.53 -30.61 -25.05
N PHE B 41 -2.67 -30.63 -24.05
CA PHE B 41 -1.23 -30.63 -24.24
C PHE B 41 -0.64 -31.95 -23.72
N LYS B 42 0.33 -32.49 -24.46
CA LYS B 42 0.95 -33.74 -24.08
C LYS B 42 2.34 -33.85 -24.68
N ASP B 43 3.19 -34.65 -24.02
CA ASP B 43 4.43 -35.17 -24.59
C ASP B 43 5.38 -34.05 -25.02
N ARG B 44 5.88 -33.33 -24.02
CA ARG B 44 6.93 -32.33 -24.22
C ARG B 44 6.45 -31.17 -25.09
N VAL B 45 5.43 -30.49 -24.57
CA VAL B 45 4.86 -29.30 -25.21
C VAL B 45 4.97 -28.14 -24.24
N GLN B 46 5.68 -27.10 -24.64
CA GLN B 46 5.83 -25.87 -23.85
C GLN B 46 5.16 -24.73 -24.59
N SER B 47 4.23 -24.05 -23.93
CA SER B 47 3.41 -23.03 -24.57
C SER B 47 3.50 -21.72 -23.78
N LYS B 48 3.20 -20.63 -24.49
CA LYS B 48 3.17 -19.29 -23.91
C LYS B 48 1.96 -18.59 -24.52
N ILE B 49 0.85 -18.58 -23.79
CA ILE B 49 -0.43 -18.09 -24.28
C ILE B 49 -0.73 -16.80 -23.54
N GLY B 50 -0.50 -15.66 -24.18
CA GLY B 50 -0.83 -14.39 -23.59
C GLY B 50 0.32 -13.82 -22.80
N SER B 51 1.02 -12.85 -23.37
CA SER B 51 2.21 -12.32 -22.72
C SER B 51 2.49 -10.92 -23.23
N LEU B 52 2.88 -10.05 -22.31
CA LEU B 52 3.37 -8.71 -22.61
C LEU B 52 4.63 -8.54 -21.78
N ASP B 53 5.76 -8.97 -22.33
CA ASP B 53 6.99 -9.11 -21.57
C ASP B 53 8.08 -8.22 -22.14
N ASN B 54 8.83 -7.59 -21.24
CA ASN B 54 9.94 -6.73 -21.61
C ASN B 54 11.20 -7.24 -20.91
N ILE B 55 12.27 -7.41 -21.66
CA ILE B 55 13.54 -7.90 -21.13
C ILE B 55 14.65 -7.02 -21.64
N THR B 56 15.59 -6.67 -20.75
CA THR B 56 16.76 -5.89 -21.08
C THR B 56 17.97 -6.70 -20.64
N HIS B 57 18.47 -7.55 -21.55
CA HIS B 57 19.61 -8.42 -21.27
C HIS B 57 20.88 -7.71 -21.74
N VAL B 58 21.68 -7.27 -20.78
CA VAL B 58 22.90 -6.52 -21.07
C VAL B 58 24.06 -7.16 -20.34
N PRO B 59 24.52 -8.34 -20.76
CA PRO B 59 25.65 -8.98 -20.08
C PRO B 59 26.98 -8.51 -20.63
N GLY B 60 27.86 -7.99 -19.77
CA GLY B 60 29.19 -7.66 -20.22
C GLY B 60 29.97 -8.93 -20.45
N GLY B 61 30.12 -9.30 -21.71
CA GLY B 61 30.72 -10.57 -22.06
C GLY B 61 29.65 -11.64 -22.24
N GLY B 62 29.35 -11.97 -23.49
CA GLY B 62 28.41 -13.03 -23.78
C GLY B 62 29.03 -14.07 -24.68
N ASN B 63 29.23 -15.28 -24.17
CA ASN B 63 29.94 -16.31 -24.91
C ASN B 63 29.43 -17.67 -24.46
N LYS B 64 28.90 -18.45 -25.39
CA LYS B 64 28.39 -19.78 -25.10
C LYS B 64 29.05 -20.78 -26.03
N LYS B 65 29.69 -21.79 -25.45
CA LYS B 65 30.42 -22.81 -26.19
C LYS B 65 29.76 -24.16 -25.91
N ILE B 66 29.23 -24.78 -26.96
CA ILE B 66 28.49 -26.02 -26.85
C ILE B 66 29.25 -27.13 -27.56
N GLU B 67 29.44 -28.25 -26.87
CA GLU B 67 30.11 -29.42 -27.43
C GLU B 67 29.26 -30.64 -27.08
N THR B 68 28.87 -31.41 -28.10
CA THR B 68 28.04 -32.60 -27.92
C THR B 68 28.82 -33.80 -28.44
N HIS B 69 29.52 -34.49 -27.55
CA HIS B 69 30.22 -35.71 -27.91
C HIS B 69 29.29 -36.90 -27.78
N LYS B 70 29.31 -37.78 -28.77
CA LYS B 70 28.43 -38.94 -28.77
C LYS B 70 29.20 -40.13 -29.35
N LEU B 71 28.79 -41.33 -28.94
CA LEU B 71 29.41 -42.55 -29.43
C LEU B 71 28.47 -43.71 -29.13
N THR B 72 28.18 -44.50 -30.15
CA THR B 72 27.19 -45.57 -30.05
C THR B 72 27.73 -46.82 -30.71
N PHE B 73 27.23 -47.97 -30.26
CA PHE B 73 27.62 -49.27 -30.82
C PHE B 73 26.40 -50.02 -31.33
N VAL C 1 -35.28 59.00 -21.29
CA VAL C 1 -34.86 57.72 -21.85
C VAL C 1 -35.54 56.58 -21.12
N GLN C 2 -35.96 55.56 -21.87
CA GLN C 2 -36.64 54.41 -21.31
C GLN C 2 -36.03 53.14 -21.88
N ILE C 3 -35.86 52.14 -21.03
CA ILE C 3 -35.29 50.85 -21.41
C ILE C 3 -36.15 49.74 -20.82
N VAL C 4 -36.42 48.71 -21.61
CA VAL C 4 -37.17 47.55 -21.18
C VAL C 4 -36.40 46.30 -21.57
N TYR C 5 -36.36 45.32 -20.66
CA TYR C 5 -35.60 44.10 -20.88
C TYR C 5 -36.38 42.96 -20.24
N LYS C 6 -37.21 42.29 -21.04
CA LYS C 6 -38.08 41.22 -20.57
C LYS C 6 -37.97 40.02 -21.50
N PRO C 7 -36.82 39.38 -21.54
CA PRO C 7 -36.67 38.14 -22.32
C PRO C 7 -37.35 36.98 -21.60
N VAL C 8 -38.20 36.26 -22.32
CA VAL C 8 -38.94 35.12 -21.78
C VAL C 8 -38.37 33.84 -22.38
N ASP C 9 -38.08 32.88 -21.51
CA ASP C 9 -37.54 31.60 -21.93
C ASP C 9 -38.35 30.48 -21.29
N LEU C 10 -38.71 29.49 -22.10
CA LEU C 10 -39.44 28.32 -21.61
C LEU C 10 -38.97 27.13 -22.45
N SER C 11 -37.95 26.43 -21.98
CA SER C 11 -37.31 25.37 -22.74
C SER C 11 -37.19 24.12 -21.89
N LYS C 12 -37.39 22.97 -22.52
CA LYS C 12 -37.27 21.67 -21.86
C LYS C 12 -36.19 20.87 -22.59
N VAL C 13 -35.03 20.73 -21.95
CA VAL C 13 -33.94 19.93 -22.49
C VAL C 13 -34.10 18.53 -21.93
N THR C 14 -34.92 17.73 -22.61
CA THR C 14 -35.26 16.40 -22.13
C THR C 14 -34.19 15.40 -22.53
N SER C 15 -34.09 14.32 -21.74
CA SER C 15 -33.14 13.24 -22.01
C SER C 15 -33.73 11.96 -21.44
N LYS C 16 -34.16 11.07 -22.33
CA LYS C 16 -34.73 9.78 -21.94
C LYS C 16 -33.88 8.66 -22.49
N CYS C 17 -33.56 7.68 -21.64
CA CYS C 17 -32.83 6.50 -22.06
C CYS C 17 -33.33 5.31 -21.26
N GLY C 18 -33.40 4.15 -21.91
CA GLY C 18 -33.84 2.94 -21.24
C GLY C 18 -32.78 2.35 -20.35
N SER C 19 -31.61 2.06 -20.92
CA SER C 19 -30.50 1.51 -20.16
C SER C 19 -29.22 1.66 -20.97
N LEU C 20 -28.18 2.21 -20.36
CA LEU C 20 -26.93 2.45 -21.06
C LEU C 20 -26.35 1.13 -21.54
N GLY C 21 -25.91 0.27 -20.62
CA GLY C 21 -25.43 -1.04 -20.94
C GLY C 21 -24.03 -1.26 -20.39
N ASN C 22 -23.35 -2.26 -20.95
CA ASN C 22 -22.04 -2.68 -20.48
C ASN C 22 -20.99 -1.84 -21.19
N ILE C 23 -20.39 -0.91 -20.44
CA ILE C 23 -19.37 -0.03 -20.96
C ILE C 23 -18.03 -0.41 -20.35
N HIS C 24 -17.03 -0.62 -21.21
CA HIS C 24 -15.71 -1.07 -20.80
C HIS C 24 -14.66 -0.09 -21.27
N HIS C 25 -13.70 0.20 -20.40
CA HIS C 25 -12.61 1.12 -20.70
C HIS C 25 -11.33 0.49 -20.16
N LYS C 26 -10.56 -0.13 -21.05
CA LYS C 26 -9.37 -0.91 -20.68
C LYS C 26 -8.18 -0.38 -21.46
N PRO C 27 -7.68 0.79 -21.09
CA PRO C 27 -6.49 1.33 -21.77
C PRO C 27 -5.20 0.67 -21.32
N GLY C 28 -4.23 0.65 -22.23
CA GLY C 28 -2.90 0.17 -21.93
C GLY C 28 -1.95 1.31 -21.67
N GLY C 29 -1.28 1.30 -20.51
CA GLY C 29 -0.41 2.39 -20.13
C GLY C 29 0.73 2.64 -21.09
N GLY C 30 0.85 3.88 -21.55
CA GLY C 30 1.93 4.27 -22.43
C GLY C 30 3.08 4.91 -21.68
N GLN C 31 3.78 5.80 -22.37
CA GLN C 31 4.94 6.47 -21.81
C GLN C 31 4.97 7.91 -22.29
N VAL C 32 5.25 8.82 -21.37
CA VAL C 32 5.29 10.25 -21.65
C VAL C 32 6.57 10.83 -21.05
N GLU C 33 7.24 11.69 -21.81
CA GLU C 33 8.47 12.33 -21.35
C GLU C 33 8.47 13.77 -21.82
N VAL C 34 8.62 14.69 -20.88
CA VAL C 34 8.68 16.12 -21.16
C VAL C 34 9.95 16.68 -20.53
N LYS C 35 10.66 17.50 -21.28
CA LYS C 35 11.92 18.08 -20.83
C LYS C 35 11.92 19.56 -21.16
N SER C 36 12.01 20.40 -20.13
CA SER C 36 12.09 21.84 -20.28
C SER C 36 13.15 22.39 -19.33
N GLU C 37 13.42 23.69 -19.44
CA GLU C 37 14.37 24.37 -18.59
C GLU C 37 13.74 25.46 -17.73
N LYS C 38 13.02 26.39 -18.35
CA LYS C 38 12.46 27.53 -17.63
C LYS C 38 11.00 27.72 -18.01
N LEU C 39 10.18 28.03 -17.00
CA LEU C 39 8.76 28.32 -17.19
C LEU C 39 8.44 29.67 -16.56
N ASP C 40 7.74 30.51 -17.32
CA ASP C 40 7.33 31.84 -16.86
C ASP C 40 5.88 32.04 -17.25
N PHE C 41 4.98 31.91 -16.28
CA PHE C 41 3.54 31.96 -16.51
C PHE C 41 2.95 33.17 -15.80
N LYS C 42 2.00 33.84 -16.46
CA LYS C 42 1.38 35.03 -15.90
C LYS C 42 0.01 35.25 -16.51
N ASP C 43 -0.84 35.94 -15.76
CA ASP C 43 -2.06 36.57 -16.25
C ASP C 43 -3.00 35.54 -16.90
N ARG C 44 -3.54 34.68 -16.05
CA ARG C 44 -4.60 33.74 -16.44
C ARG C 44 -4.09 32.73 -17.48
N VAL C 45 -3.10 31.96 -17.05
CA VAL C 45 -2.53 30.89 -17.87
C VAL C 45 -2.68 29.58 -17.10
N GLN C 46 -3.38 28.63 -17.70
CA GLN C 46 -3.56 27.30 -17.13
C GLN C 46 -2.88 26.28 -18.03
N SER C 47 -1.97 25.49 -17.47
CA SER C 47 -1.15 24.58 -18.24
C SER C 47 -1.28 23.17 -17.70
N LYS C 48 -0.97 22.20 -18.57
CA LYS C 48 -0.97 20.79 -18.22
C LYS C 48 0.26 20.17 -18.90
N ILE C 49 1.35 20.03 -18.15
CA ILE C 49 2.63 19.61 -18.69
C ILE C 49 2.90 18.21 -18.16
N GLY C 50 2.68 17.20 -18.99
CA GLY C 50 2.99 15.83 -18.62
C GLY C 50 1.80 15.17 -17.97
N SER C 51 1.11 14.31 -18.71
CA SER C 51 -0.10 13.69 -18.19
C SER C 51 -0.38 12.41 -18.94
N LEU C 52 -0.81 11.40 -18.18
CA LEU C 52 -1.30 10.13 -18.73
C LEU C 52 -2.58 9.84 -17.96
N ASP C 53 -3.69 10.37 -18.46
CA ASP C 53 -4.95 10.42 -17.73
C ASP C 53 -6.02 9.64 -18.47
N ASN C 54 -6.81 8.88 -17.72
CA ASN C 54 -7.92 8.10 -18.25
C ASN C 54 -9.18 8.51 -17.51
N ILE C 55 -10.23 8.82 -18.25
CA ILE C 55 -11.51 9.23 -17.69
C ILE C 55 -12.63 8.47 -18.37
N THR C 56 -13.58 7.99 -17.58
CA THR C 56 -14.76 7.28 -18.07
C THR C 56 -15.98 8.03 -17.53
N HIS C 57 -16.43 9.02 -18.29
CA HIS C 57 -17.57 9.85 -17.91
C HIS C 57 -18.84 9.25 -18.52
N VAL C 58 -19.68 8.66 -17.68
CA VAL C 58 -20.89 8.00 -18.13
C VAL C 58 -22.07 8.52 -17.33
N PRO C 59 -22.49 9.76 -17.56
CA PRO C 59 -23.64 10.29 -16.82
C PRO C 59 -24.96 9.93 -17.47
N GLY C 60 -25.87 9.29 -16.73
CA GLY C 60 -27.19 9.06 -17.27
C GLY C 60 -27.95 10.36 -17.31
N GLY C 61 -28.06 10.95 -18.49
CA GLY C 61 -28.63 12.26 -18.64
C GLY C 61 -27.56 13.33 -18.61
N GLY C 62 -27.21 13.86 -19.77
CA GLY C 62 -26.26 14.95 -19.86
C GLY C 62 -26.84 16.12 -20.59
N ASN C 63 -27.05 17.23 -19.88
CA ASN C 63 -27.72 18.39 -20.46
C ASN C 63 -27.21 19.65 -19.77
N LYS C 64 -26.64 20.55 -20.55
CA LYS C 64 -26.14 21.82 -20.02
C LYS C 64 -26.76 22.97 -20.79
N LYS C 65 -27.41 23.87 -20.07
CA LYS C 65 -28.10 25.02 -20.64
C LYS C 65 -27.44 26.29 -20.13
N ILE C 66 -26.88 27.07 -21.04
CA ILE C 66 -26.12 28.27 -20.69
C ILE C 66 -26.86 29.48 -21.24
N GLU C 67 -27.05 30.48 -20.37
CA GLU C 67 -27.69 31.74 -20.75
C GLU C 67 -26.84 32.86 -20.17
N THR C 68 -26.42 33.79 -21.03
CA THR C 68 -25.58 34.91 -20.64
C THR C 68 -26.33 36.20 -20.97
N HIS C 69 -27.05 36.73 -19.99
CA HIS C 69 -27.73 38.02 -20.17
C HIS C 69 -26.79 39.15 -19.81
N LYS C 70 -26.77 40.19 -20.65
CA LYS C 70 -25.89 41.33 -20.43
C LYS C 70 -26.62 42.60 -20.81
N LEU C 71 -26.22 43.71 -20.20
CA LEU C 71 -26.82 45.00 -20.49
C LEU C 71 -25.88 46.09 -19.97
N THR C 72 -25.54 47.03 -20.84
CA THR C 72 -24.55 48.05 -20.53
C THR C 72 -25.05 49.40 -20.99
N PHE C 73 -24.56 50.45 -20.34
CA PHE C 73 -24.92 51.82 -20.68
C PHE C 73 -23.69 52.64 -21.03
N VAL D 1 36.91 -57.21 -27.64
CA VAL D 1 36.51 -55.85 -27.99
C VAL D 1 37.17 -54.85 -27.05
N GLN D 2 37.62 -53.73 -27.61
CA GLN D 2 38.29 -52.68 -26.85
C GLN D 2 37.71 -51.33 -27.22
N ILE D 3 37.51 -50.49 -26.21
CA ILE D 3 36.96 -49.15 -26.38
C ILE D 3 37.81 -48.17 -25.59
N VAL D 4 38.11 -47.03 -26.19
CA VAL D 4 38.86 -45.95 -25.55
C VAL D 4 38.10 -44.65 -25.75
N TYR D 5 38.03 -43.84 -24.69
CA TYR D 5 37.29 -42.59 -24.72
C TYR D 5 38.06 -41.58 -23.87
N LYS D 6 38.91 -40.80 -24.52
CA LYS D 6 39.78 -39.83 -23.85
C LYS D 6 39.70 -38.49 -24.58
N PRO D 7 38.55 -37.83 -24.53
CA PRO D 7 38.44 -36.48 -25.11
C PRO D 7 39.09 -35.46 -24.19
N VAL D 8 39.98 -34.64 -24.75
CA VAL D 8 40.70 -33.62 -24.00
C VAL D 8 40.15 -32.26 -24.39
N ASP D 9 39.85 -31.44 -23.39
CA ASP D 9 39.32 -30.11 -23.61
C ASP D 9 40.11 -29.13 -22.76
N LEU D 10 40.51 -28.01 -23.38
CA LEU D 10 41.22 -26.95 -22.67
C LEU D 10 40.79 -25.63 -23.32
N SER D 11 39.76 -25.02 -22.77
CA SER D 11 39.14 -23.83 -23.36
C SER D 11 39.02 -22.74 -22.31
N LYS D 12 39.23 -21.50 -22.73
CA LYS D 12 39.10 -20.33 -21.87
C LYS D 12 38.05 -19.40 -22.48
N VAL D 13 36.88 -19.37 -21.87
CA VAL D 13 35.79 -18.48 -22.30
C VAL D 13 35.96 -17.19 -21.50
N THR D 14 36.79 -16.29 -22.01
CA THR D 14 37.12 -15.07 -21.31
C THR D 14 36.07 -13.99 -21.56
N SER D 15 35.96 -13.07 -20.61
CA SER D 15 35.02 -11.96 -20.72
C SER D 15 35.60 -10.79 -19.93
N LYS D 16 36.06 -9.77 -20.64
CA LYS D 16 36.63 -8.57 -20.03
C LYS D 16 35.79 -7.36 -20.41
N CYS D 17 35.45 -6.54 -19.41
CA CYS D 17 34.75 -5.30 -19.64
C CYS D 17 35.22 -4.26 -18.65
N GLY D 18 35.32 -3.01 -19.09
CA GLY D 18 35.75 -1.93 -18.22
C GLY D 18 34.66 -1.50 -17.27
N SER D 19 33.51 -1.10 -17.82
CA SER D 19 32.37 -0.68 -17.00
C SER D 19 31.13 -0.67 -17.87
N LEU D 20 30.07 -1.31 -17.38
CA LEU D 20 28.84 -1.41 -18.16
C LEU D 20 28.28 -0.02 -18.43
N GLY D 21 27.82 0.65 -17.38
CA GLY D 21 27.35 2.02 -17.49
C GLY D 21 25.94 2.16 -16.96
N ASN D 22 25.29 3.25 -17.36
CA ASN D 22 23.95 3.60 -16.85
C ASN D 22 22.92 2.89 -17.73
N ILE D 23 22.30 1.86 -17.16
CA ILE D 23 21.29 1.09 -17.87
C ILE D 23 19.94 1.38 -17.24
N HIS D 24 18.96 1.73 -18.08
CA HIS D 24 17.64 2.13 -17.62
C HIS D 24 16.59 1.25 -18.29
N HIS D 25 15.60 0.82 -17.50
CA HIS D 25 14.51 -0.02 -17.99
C HIS D 25 13.23 0.52 -17.39
N LYS D 26 12.49 1.29 -18.18
CA LYS D 26 11.29 2.00 -17.72
C LYS D 26 10.12 1.62 -18.61
N PRO D 27 9.59 0.41 -18.46
CA PRO D 27 8.43 0.01 -19.26
C PRO D 27 7.13 0.60 -18.73
N GLY D 28 6.19 0.78 -19.65
CA GLY D 28 4.86 1.21 -19.32
C GLY D 28 3.89 0.05 -19.28
N GLY D 29 3.19 -0.12 -18.17
CA GLY D 29 2.31 -1.25 -17.99
C GLY D 29 1.19 -1.31 -19.01
N GLY D 30 1.08 -2.46 -19.68
CA GLY D 30 0.03 -2.70 -20.64
C GLY D 30 -1.15 -3.44 -20.04
N GLN D 31 -1.84 -4.20 -20.89
CA GLN D 31 -3.02 -4.93 -20.48
C GLN D 31 -3.04 -6.27 -21.19
N VAL D 32 -3.35 -7.34 -20.45
CA VAL D 32 -3.40 -8.70 -20.97
C VAL D 32 -4.69 -9.35 -20.51
N GLU D 33 -5.34 -10.06 -21.42
CA GLU D 33 -6.59 -10.75 -21.11
C GLU D 33 -6.57 -12.10 -21.81
N VAL D 34 -6.76 -13.17 -21.05
CA VAL D 34 -6.82 -14.52 -21.57
C VAL D 34 -8.11 -15.17 -21.07
N LYS D 35 -8.81 -15.85 -21.98
CA LYS D 35 -10.09 -16.48 -21.66
C LYS D 35 -10.09 -17.89 -22.24
N SER D 36 -10.21 -18.88 -21.36
CA SER D 36 -10.28 -20.28 -21.75
C SER D 36 -11.38 -20.96 -20.94
N GLU D 37 -11.63 -22.23 -21.28
CA GLU D 37 -12.63 -23.02 -20.58
C GLU D 37 -12.03 -24.26 -19.91
N LYS D 38 -11.30 -25.08 -20.65
CA LYS D 38 -10.76 -26.33 -20.12
C LYS D 38 -9.29 -26.47 -20.48
N LEU D 39 -8.51 -26.95 -19.52
CA LEU D 39 -7.08 -27.22 -19.70
C LEU D 39 -6.79 -28.66 -19.31
N ASP D 40 -6.07 -29.36 -20.18
CA ASP D 40 -5.68 -30.75 -19.94
C ASP D 40 -4.22 -30.90 -20.31
N PHE D 41 -3.34 -30.94 -19.31
CA PHE D 41 -1.91 -30.97 -19.50
C PHE D 41 -1.34 -32.28 -18.99
N LYS D 42 -0.37 -32.84 -19.72
CA LYS D 42 0.22 -34.12 -19.35
C LYS D 42 1.61 -34.25 -19.96
N ASP D 43 2.43 -35.06 -19.29
CA ASP D 43 3.67 -35.61 -19.86
C ASP D 43 4.63 -34.50 -20.31
N ARG D 44 5.16 -33.80 -19.31
CA ARG D 44 6.22 -32.81 -19.49
C ARG D 44 5.75 -31.64 -20.36
N VAL D 45 4.75 -30.94 -19.84
CA VAL D 45 4.21 -29.75 -20.48
C VAL D 45 4.34 -28.59 -19.51
N GLN D 46 5.08 -27.55 -19.91
CA GLN D 46 5.24 -26.34 -19.13
C GLN D 46 4.59 -25.18 -19.87
N SER D 47 3.67 -24.48 -19.20
CA SER D 47 2.87 -23.45 -19.83
C SER D 47 2.99 -22.15 -19.06
N LYS D 48 2.71 -21.04 -19.76
CA LYS D 48 2.71 -19.71 -19.17
C LYS D 48 1.51 -18.98 -19.78
N ILE D 49 0.40 -18.96 -19.05
CA ILE D 49 -0.86 -18.43 -19.55
C ILE D 49 -1.16 -17.14 -18.80
N GLY D 50 -0.90 -16.01 -19.44
CA GLY D 50 -1.20 -14.72 -18.86
C GLY D 50 -0.03 -14.19 -18.07
N SER D 51 0.68 -13.22 -18.64
CA SER D 51 1.88 -12.72 -17.98
C SER D 51 2.19 -11.32 -18.49
N LEU D 52 2.60 -10.47 -17.57
CA LEU D 52 3.11 -9.13 -17.88
C LEU D 52 4.37 -8.98 -17.04
N ASP D 53 5.49 -9.44 -17.59
CA ASP D 53 6.72 -9.60 -16.84
C ASP D 53 7.82 -8.73 -17.41
N ASN D 54 8.59 -8.11 -16.51
CA ASN D 54 9.72 -7.27 -16.88
C ASN D 54 10.96 -7.81 -16.18
N ILE D 55 12.03 -7.99 -16.94
CA ILE D 55 13.29 -8.52 -16.41
C ILE D 55 14.43 -7.66 -16.92
N THR D 56 15.36 -7.33 -16.04
CA THR D 56 16.56 -6.56 -16.37
C THR D 56 17.76 -7.40 -15.93
N HIS D 57 18.23 -8.25 -16.83
CA HIS D 57 19.35 -9.15 -16.56
C HIS D 57 20.63 -8.47 -17.03
N VAL D 58 21.45 -8.03 -16.07
CA VAL D 58 22.67 -7.31 -16.38
C VAL D 58 23.84 -7.98 -15.63
N PRO D 59 24.26 -9.17 -16.06
CA PRO D 59 25.38 -9.82 -15.38
C PRO D 59 26.72 -9.37 -15.93
N GLY D 60 27.60 -8.89 -15.07
CA GLY D 60 28.94 -8.57 -15.53
C GLY D 60 29.70 -9.86 -15.75
N GLY D 61 29.84 -10.22 -17.01
CA GLY D 61 30.42 -11.51 -17.36
C GLY D 61 29.33 -12.54 -17.55
N GLY D 62 29.02 -12.88 -18.79
CA GLY D 62 28.06 -13.93 -19.09
C GLY D 62 28.67 -14.97 -20.00
N ASN D 63 28.85 -16.18 -19.47
CA ASN D 63 29.53 -17.24 -20.21
C ASN D 63 28.99 -18.58 -19.76
N LYS D 64 28.44 -19.35 -20.70
CA LYS D 64 27.92 -20.67 -20.40
C LYS D 64 28.56 -21.68 -21.34
N LYS D 65 29.18 -22.71 -20.75
CA LYS D 65 29.89 -23.74 -21.50
C LYS D 65 29.20 -25.07 -21.22
N ILE D 66 28.65 -25.68 -22.26
CA ILE D 66 27.89 -26.91 -22.16
C ILE D 66 28.64 -28.03 -22.87
N GLU D 67 28.80 -29.16 -22.18
CA GLU D 67 29.44 -30.34 -22.74
C GLU D 67 28.57 -31.55 -22.38
N THR D 68 28.17 -32.31 -23.41
CA THR D 68 27.31 -33.48 -23.21
C THR D 68 28.06 -34.70 -23.75
N HIS D 69 28.76 -35.39 -22.86
CA HIS D 69 29.44 -36.63 -23.22
C HIS D 69 28.48 -37.81 -23.09
N LYS D 70 28.48 -38.68 -24.08
CA LYS D 70 27.58 -39.83 -24.08
C LYS D 70 28.33 -41.02 -24.66
N LEU D 71 27.90 -42.22 -24.25
CA LEU D 71 28.50 -43.46 -24.73
C LEU D 71 27.54 -44.60 -24.44
N THR D 72 27.22 -45.38 -25.46
CA THR D 72 26.21 -46.43 -25.35
C THR D 72 26.73 -47.69 -26.01
N PHE D 73 26.21 -48.84 -25.57
CA PHE D 73 26.57 -50.13 -26.13
C PHE D 73 25.34 -50.87 -26.64
N VAL E 1 -34.25 59.31 -16.48
CA VAL E 1 -33.85 58.01 -17.05
C VAL E 1 -34.55 56.89 -16.31
N GLN E 2 -34.99 55.88 -17.06
CA GLN E 2 -35.70 54.73 -16.51
C GLN E 2 -35.10 53.45 -17.09
N ILE E 3 -34.96 52.45 -16.22
CA ILE E 3 -34.41 51.15 -16.60
C ILE E 3 -35.29 50.06 -16.02
N VAL E 4 -35.57 49.03 -16.81
CA VAL E 4 -36.36 47.89 -16.37
C VAL E 4 -35.61 46.63 -16.77
N TYR E 5 -35.58 45.65 -15.87
CA TYR E 5 -34.84 44.41 -16.08
C TYR E 5 -35.65 43.28 -15.43
N LYS E 6 -36.49 42.63 -16.23
CA LYS E 6 -37.39 41.58 -15.76
C LYS E 6 -37.31 40.38 -16.69
N PRO E 7 -36.15 39.71 -16.73
CA PRO E 7 -36.04 38.47 -17.51
C PRO E 7 -36.73 37.32 -16.80
N VAL E 8 -37.61 36.62 -17.51
CA VAL E 8 -38.36 35.50 -16.97
C VAL E 8 -37.81 34.21 -17.57
N ASP E 9 -37.55 33.24 -16.71
CA ASP E 9 -37.03 31.95 -17.13
C ASP E 9 -37.85 30.85 -16.49
N LEU E 10 -38.24 29.85 -17.29
CA LEU E 10 -38.99 28.70 -16.81
C LEU E 10 -38.55 27.51 -17.64
N SER E 11 -37.53 26.79 -17.17
CA SER E 11 -36.91 25.72 -17.94
C SER E 11 -36.82 24.46 -17.09
N LYS E 12 -37.04 23.31 -17.72
CA LYS E 12 -36.95 22.01 -17.06
C LYS E 12 -35.88 21.20 -17.79
N VAL E 13 -34.73 21.03 -17.15
CA VAL E 13 -33.64 20.21 -17.69
C VAL E 13 -33.84 18.81 -17.13
N THR E 14 -34.67 18.02 -17.81
CA THR E 14 -35.04 16.71 -17.34
C THR E 14 -33.98 15.68 -17.74
N SER E 15 -33.91 14.61 -16.95
CA SER E 15 -32.98 13.51 -17.22
C SER E 15 -33.59 12.23 -16.64
N LYS E 16 -34.04 11.36 -17.53
CA LYS E 16 -34.63 10.08 -17.15
C LYS E 16 -33.79 8.94 -17.70
N CYS E 17 -33.50 7.96 -16.85
CA CYS E 17 -32.80 6.77 -17.27
C CYS E 17 -33.32 5.58 -16.46
N GLY E 18 -33.41 4.42 -17.12
CA GLY E 18 -33.87 3.23 -16.45
C GLY E 18 -32.82 2.61 -15.56
N SER E 19 -31.65 2.30 -16.14
CA SER E 19 -30.56 1.73 -15.37
C SER E 19 -29.28 1.85 -16.19
N LEU E 20 -28.22 2.39 -15.58
CA LEU E 20 -26.97 2.60 -16.28
C LEU E 20 -26.42 1.26 -16.77
N GLY E 21 -25.99 0.41 -15.84
CA GLY E 21 -25.54 -0.92 -16.15
C GLY E 21 -24.15 -1.16 -15.61
N ASN E 22 -23.48 -2.17 -16.18
CA ASN E 22 -22.18 -2.62 -15.70
C ASN E 22 -21.11 -1.80 -16.41
N ILE E 23 -20.50 -0.89 -15.67
CA ILE E 23 -19.46 -0.02 -16.20
C ILE E 23 -18.13 -0.44 -15.59
N HIS E 24 -17.13 -0.65 -16.45
CA HIS E 24 -15.83 -1.13 -16.03
C HIS E 24 -14.75 -0.17 -16.51
N HIS E 25 -13.79 0.10 -15.63
CA HIS E 25 -12.68 1.00 -15.94
C HIS E 25 -11.42 0.34 -15.41
N LYS E 26 -10.65 -0.29 -16.30
CA LYS E 26 -9.48 -1.09 -15.93
C LYS E 26 -8.28 -0.57 -16.71
N PRO E 27 -7.75 0.58 -16.34
CA PRO E 27 -6.56 1.10 -17.03
C PRO E 27 -5.28 0.42 -16.57
N GLY E 28 -4.31 0.38 -17.48
CA GLY E 28 -2.99 -0.13 -17.19
C GLY E 28 -2.02 0.99 -16.93
N GLY E 29 -1.35 0.96 -15.78
CA GLY E 29 -0.46 2.03 -15.38
C GLY E 29 0.69 2.26 -16.35
N GLY E 30 0.83 3.49 -16.81
CA GLY E 30 1.91 3.88 -17.69
C GLY E 30 3.08 4.49 -16.94
N GLN E 31 3.80 5.37 -17.64
CA GLN E 31 4.97 6.02 -17.07
C GLN E 31 5.03 7.45 -17.55
N VAL E 32 5.32 8.37 -16.63
CA VAL E 32 5.40 9.79 -16.92
C VAL E 32 6.68 10.35 -16.31
N GLU E 33 7.37 11.19 -17.07
CA GLU E 33 8.61 11.80 -16.62
C GLU E 33 8.63 13.25 -17.08
N VAL E 34 8.80 14.17 -16.14
CA VAL E 34 8.90 15.60 -16.43
C VAL E 34 10.17 16.13 -15.80
N LYS E 35 10.90 16.94 -16.56
CA LYS E 35 12.18 17.49 -16.10
C LYS E 35 12.21 18.97 -16.43
N SER E 36 12.31 19.81 -15.41
CA SER E 36 12.41 21.26 -15.55
C SER E 36 13.48 21.78 -14.60
N GLU E 37 13.77 23.08 -14.72
CA GLU E 37 14.74 23.73 -13.86
C GLU E 37 14.13 24.84 -13.01
N LYS E 38 13.43 25.79 -13.63
CA LYS E 38 12.89 26.93 -12.90
C LYS E 38 11.44 27.15 -13.28
N LEU E 39 10.63 27.48 -12.27
CA LEU E 39 9.22 27.79 -12.46
C LEU E 39 8.91 29.14 -11.83
N ASP E 40 8.22 30.00 -12.59
CA ASP E 40 7.85 31.33 -12.12
C ASP E 40 6.39 31.57 -12.52
N PHE E 41 5.49 31.45 -11.55
CA PHE E 41 4.06 31.53 -11.77
C PHE E 41 3.50 32.75 -11.06
N LYS E 42 2.56 33.44 -11.72
CA LYS E 42 1.96 34.64 -11.15
C LYS E 42 0.59 34.88 -11.77
N ASP E 43 -0.24 35.58 -11.00
CA ASP E 43 -1.45 36.24 -11.50
C ASP E 43 -2.42 35.24 -12.15
N ARG E 44 -2.97 34.38 -11.30
CA ARG E 44 -4.04 33.46 -11.68
C ARG E 44 -3.56 32.45 -12.72
N VAL E 45 -2.58 31.65 -12.30
CA VAL E 45 -2.04 30.57 -13.12
C VAL E 45 -2.21 29.27 -12.35
N GLN E 46 -2.92 28.33 -12.95
CA GLN E 46 -3.13 27.00 -12.38
C GLN E 46 -2.47 25.98 -13.29
N SER E 47 -1.58 25.16 -12.72
CA SER E 47 -0.77 24.23 -13.50
C SER E 47 -0.92 22.83 -12.95
N LYS E 48 -0.64 21.86 -13.82
CA LYS E 48 -0.66 20.43 -13.47
C LYS E 48 0.55 19.80 -14.16
N ILE E 49 1.63 19.65 -13.41
CA ILE E 49 2.92 19.20 -13.95
C ILE E 49 3.16 17.79 -13.41
N GLY E 50 2.92 16.79 -14.25
CA GLY E 50 3.20 15.42 -13.88
C GLY E 50 2.00 14.77 -13.23
N SER E 51 1.29 13.93 -13.97
CA SER E 51 0.07 13.34 -13.45
C SER E 51 -0.24 12.05 -14.19
N LEU E 52 -0.69 11.06 -13.44
CA LEU E 52 -1.19 9.80 -13.98
C LEU E 52 -2.48 9.53 -13.21
N ASP E 53 -3.59 10.08 -13.71
CA ASP E 53 -4.83 10.14 -12.98
C ASP E 53 -5.93 9.40 -13.72
N ASN E 54 -6.73 8.65 -12.96
CA ASN E 54 -7.85 7.89 -13.49
C ASN E 54 -9.10 8.32 -12.75
N ILE E 55 -10.15 8.65 -13.50
CA ILE E 55 -11.42 9.09 -12.92
C ILE E 55 -12.55 8.34 -13.61
N THR E 56 -13.52 7.88 -12.82
CA THR E 56 -14.71 7.20 -13.31
C THR E 56 -15.91 7.97 -12.77
N HIS E 57 -16.36 8.97 -13.53
CA HIS E 57 -17.48 9.82 -13.14
C HIS E 57 -18.74 9.24 -13.75
N VAL E 58 -19.60 8.68 -12.91
CA VAL E 58 -20.81 8.03 -13.36
C VAL E 58 -21.98 8.58 -12.55
N PRO E 59 -22.39 9.82 -12.78
CA PRO E 59 -23.52 10.38 -12.04
C PRO E 59 -24.86 10.05 -12.69
N GLY E 60 -25.76 9.43 -11.95
CA GLY E 60 -27.10 9.22 -12.49
C GLY E 60 -27.84 10.54 -12.52
N GLY E 61 -27.93 11.12 -13.71
CA GLY E 61 -28.49 12.45 -13.85
C GLY E 61 -27.38 13.48 -13.83
N GLY E 62 -27.03 14.02 -14.99
CA GLY E 62 -26.06 15.08 -15.07
C GLY E 62 -26.62 16.27 -15.81
N ASN E 63 -26.81 17.38 -15.10
CA ASN E 63 -27.46 18.55 -15.67
C ASN E 63 -26.93 19.80 -14.98
N LYS E 64 -26.34 20.70 -15.77
CA LYS E 64 -25.81 21.95 -15.24
C LYS E 64 -26.41 23.11 -16.01
N LYS E 65 -27.04 24.03 -15.28
CA LYS E 65 -27.72 25.19 -15.86
C LYS E 65 -27.03 26.44 -15.34
N ILE E 66 -26.45 27.21 -16.25
CA ILE E 66 -25.67 28.39 -15.91
C ILE E 66 -26.38 29.63 -16.45
N GLU E 67 -26.56 30.63 -15.59
CA GLU E 67 -27.18 31.91 -15.96
C GLU E 67 -26.30 33.01 -15.39
N THR E 68 -25.87 33.92 -16.25
CA THR E 68 -25.01 35.03 -15.85
C THR E 68 -25.73 36.34 -16.18
N HIS E 69 -26.44 36.89 -15.20
CA HIS E 69 -27.10 38.17 -15.38
C HIS E 69 -26.14 39.30 -15.02
N LYS E 70 -26.09 40.33 -15.86
CA LYS E 70 -25.20 41.45 -15.64
C LYS E 70 -25.91 42.74 -16.02
N LEU E 71 -25.48 43.83 -15.41
CA LEU E 71 -26.05 45.15 -15.69
C LEU E 71 -25.09 46.20 -15.18
N THR E 72 -24.74 47.15 -16.05
CA THR E 72 -23.72 48.15 -15.75
C THR E 72 -24.21 49.52 -16.20
N PHE E 73 -23.69 50.55 -15.55
CA PHE E 73 -24.03 51.93 -15.89
C PHE E 73 -22.78 52.73 -16.24
N VAL F 1 35.72 -58.25 -22.96
CA VAL F 1 35.34 -56.88 -23.31
C VAL F 1 36.03 -55.90 -22.37
N GLN F 2 36.49 -54.79 -22.94
CA GLN F 2 37.18 -53.76 -22.18
C GLN F 2 36.62 -52.40 -22.54
N ILE F 3 36.45 -51.55 -21.53
CA ILE F 3 35.92 -50.20 -21.70
C ILE F 3 36.79 -49.23 -20.91
N VAL F 4 37.11 -48.09 -21.52
CA VAL F 4 37.88 -47.04 -20.87
C VAL F 4 37.15 -45.72 -21.08
N TYR F 5 37.11 -44.91 -20.02
CA TYR F 5 36.38 -43.64 -20.04
C TYR F 5 37.17 -42.65 -19.19
N LYS F 6 38.03 -41.88 -19.85
CA LYS F 6 38.92 -40.93 -19.18
C LYS F 6 38.87 -39.60 -19.91
N PRO F 7 37.73 -38.91 -19.86
CA PRO F 7 37.64 -37.56 -20.43
C PRO F 7 38.32 -36.55 -19.51
N VAL F 8 39.22 -35.75 -20.08
CA VAL F 8 39.96 -34.75 -19.33
C VAL F 8 39.44 -33.36 -19.71
N ASP F 9 39.15 -32.55 -18.71
CA ASP F 9 38.65 -31.20 -18.93
C ASP F 9 39.46 -30.23 -18.09
N LEU F 10 39.88 -29.13 -18.70
CA LEU F 10 40.62 -28.08 -18.00
C LEU F 10 40.21 -26.76 -18.65
N SER F 11 39.18 -26.12 -18.09
CA SER F 11 38.59 -24.92 -18.68
C SER F 11 38.48 -23.83 -17.64
N LYS F 12 38.72 -22.59 -18.05
CA LYS F 12 38.61 -21.42 -17.19
C LYS F 12 37.58 -20.48 -17.80
N VAL F 13 36.41 -20.41 -17.18
CA VAL F 13 35.34 -19.51 -17.62
C VAL F 13 35.53 -18.23 -16.81
N THR F 14 36.38 -17.34 -17.33
CA THR F 14 36.74 -16.12 -16.63
C THR F 14 35.70 -15.03 -16.89
N SER F 15 35.61 -14.11 -15.93
CA SER F 15 34.69 -12.98 -16.04
C SER F 15 35.29 -11.82 -15.24
N LYS F 16 35.78 -10.81 -15.95
CA LYS F 16 36.37 -9.62 -15.34
C LYS F 16 35.55 -8.39 -15.72
N CYS F 17 35.23 -7.57 -14.73
CA CYS F 17 34.54 -6.31 -14.95
C CYS F 17 35.04 -5.28 -13.96
N GLY F 18 35.17 -4.04 -14.40
CA GLY F 18 35.61 -2.97 -13.53
C GLY F 18 34.53 -2.51 -12.58
N SER F 19 33.40 -2.09 -13.13
CA SER F 19 32.27 -1.64 -12.31
C SER F 19 31.02 -1.62 -13.17
N LEU F 20 29.95 -2.24 -12.69
CA LEU F 20 28.72 -2.31 -13.46
C LEU F 20 28.18 -0.92 -13.73
N GLY F 21 27.74 -0.23 -12.68
CA GLY F 21 27.29 1.15 -12.78
C GLY F 21 25.89 1.31 -12.25
N ASN F 22 25.25 2.40 -12.65
CA ASN F 22 23.93 2.78 -12.16
C ASN F 22 22.89 2.10 -13.02
N ILE F 23 22.24 1.08 -12.46
CA ILE F 23 21.22 0.32 -13.15
C ILE F 23 19.87 0.65 -12.52
N HIS F 24 18.91 1.02 -13.36
CA HIS F 24 17.58 1.43 -12.91
C HIS F 24 16.52 0.58 -13.57
N HIS F 25 15.53 0.16 -12.78
CA HIS F 25 14.43 -0.66 -13.27
C HIS F 25 13.15 -0.08 -12.67
N LYS F 26 12.42 0.70 -13.45
CA LYS F 26 11.24 1.43 -13.00
C LYS F 26 10.06 1.08 -13.89
N PRO F 27 9.51 -0.13 -13.74
CA PRO F 27 8.34 -0.51 -14.53
C PRO F 27 7.06 0.10 -14.01
N GLY F 28 6.12 0.30 -14.93
CA GLY F 28 4.79 0.76 -14.59
C GLY F 28 3.80 -0.38 -14.55
N GLY F 29 3.09 -0.53 -13.43
CA GLY F 29 2.19 -1.65 -13.25
C GLY F 29 1.08 -1.70 -14.28
N GLY F 30 0.94 -2.83 -14.93
CA GLY F 30 -0.11 -3.05 -15.89
C GLY F 30 -1.30 -3.77 -15.30
N GLN F 31 -2.01 -4.51 -16.15
CA GLN F 31 -3.20 -5.23 -15.73
C GLN F 31 -3.25 -6.57 -16.45
N VAL F 32 -3.57 -7.62 -15.70
CA VAL F 32 -3.65 -8.98 -16.23
C VAL F 32 -4.95 -9.61 -15.76
N GLU F 33 -5.63 -10.31 -16.68
CA GLU F 33 -6.89 -10.98 -16.36
C GLU F 33 -6.90 -12.33 -17.07
N VAL F 34 -7.10 -13.39 -16.29
CA VAL F 34 -7.19 -14.75 -16.82
C VAL F 34 -8.49 -15.37 -16.33
N LYS F 35 -9.20 -16.03 -17.23
CA LYS F 35 -10.49 -16.64 -16.91
C LYS F 35 -10.52 -18.05 -17.49
N SER F 36 -10.66 -19.05 -16.62
CA SER F 36 -10.76 -20.44 -17.01
C SER F 36 -11.87 -21.11 -16.20
N GLU F 37 -12.15 -22.36 -16.53
CA GLU F 37 -13.15 -23.15 -15.82
C GLU F 37 -12.58 -24.38 -15.15
N LYS F 38 -11.86 -25.22 -15.90
CA LYS F 38 -11.35 -26.48 -15.36
C LYS F 38 -9.88 -26.64 -15.72
N LEU F 39 -9.10 -27.15 -14.77
CA LEU F 39 -7.70 -27.43 -14.95
C LEU F 39 -7.42 -28.88 -14.56
N ASP F 40 -6.71 -29.60 -15.43
CA ASP F 40 -6.36 -31.00 -15.19
C ASP F 40 -4.89 -31.16 -15.57
N PHE F 41 -4.02 -31.22 -14.56
CA PHE F 41 -2.58 -31.29 -14.77
C PHE F 41 -2.04 -32.61 -14.25
N LYS F 42 -1.09 -33.19 -14.98
CA LYS F 42 -0.52 -34.47 -14.61
C LYS F 42 0.87 -34.63 -15.22
N ASP F 43 1.68 -35.46 -14.56
CA ASP F 43 2.90 -36.03 -15.13
C ASP F 43 3.89 -34.94 -15.58
N ARG F 44 4.42 -34.24 -14.58
CA ARG F 44 5.51 -33.28 -14.77
C ARG F 44 5.06 -32.11 -15.63
N VAL F 45 4.07 -31.38 -15.12
CA VAL F 45 3.56 -30.18 -15.75
C VAL F 45 3.71 -29.02 -14.78
N GLN F 46 4.46 -28.00 -15.18
CA GLN F 46 4.65 -26.79 -14.39
C GLN F 46 4.02 -25.62 -15.14
N SER F 47 3.12 -24.90 -14.47
CA SER F 47 2.34 -23.85 -15.10
C SER F 47 2.48 -22.55 -14.33
N LYS F 48 2.23 -21.46 -15.03
CA LYS F 48 2.24 -20.11 -14.45
C LYS F 48 1.06 -19.36 -15.04
N ILE F 49 -0.05 -19.32 -14.31
CA ILE F 49 -1.31 -18.77 -14.81
C ILE F 49 -1.57 -17.48 -14.05
N GLY F 50 -1.29 -16.35 -14.71
CA GLY F 50 -1.57 -15.06 -14.11
C GLY F 50 -0.39 -14.54 -13.33
N SER F 51 0.34 -13.60 -13.90
CA SER F 51 1.55 -13.11 -13.25
C SER F 51 1.89 -11.73 -13.76
N LEU F 52 2.31 -10.87 -12.83
CA LEU F 52 2.85 -9.55 -13.15
C LEU F 52 4.11 -9.42 -12.30
N ASP F 53 5.23 -9.90 -12.86
CA ASP F 53 6.46 -10.09 -12.11
C ASP F 53 7.57 -9.24 -12.68
N ASN F 54 8.35 -8.63 -11.78
CA ASN F 54 9.49 -7.81 -12.15
C ASN F 54 10.72 -8.37 -11.46
N ILE F 55 11.80 -8.58 -12.22
CA ILE F 55 13.04 -9.12 -11.68
C ILE F 55 14.20 -8.28 -12.21
N THR F 56 15.14 -7.97 -11.32
CA THR F 56 16.35 -7.23 -11.66
C THR F 56 17.52 -8.09 -11.22
N HIS F 57 17.99 -8.96 -12.12
CA HIS F 57 19.09 -9.87 -11.85
C HIS F 57 20.38 -9.21 -12.31
N VAL F 58 21.21 -8.80 -11.36
CA VAL F 58 22.45 -8.10 -11.67
C VAL F 58 23.59 -8.79 -10.93
N PRO F 59 24.00 -9.98 -11.35
CA PRO F 59 25.11 -10.65 -10.68
C PRO F 59 26.45 -10.23 -11.24
N GLY F 60 27.35 -9.75 -10.37
CA GLY F 60 28.69 -9.47 -10.83
C GLY F 60 29.43 -10.77 -11.07
N GLY F 61 29.56 -11.15 -12.33
CA GLY F 61 30.11 -12.44 -12.67
C GLY F 61 29.00 -13.46 -12.85
N GLY F 62 28.68 -13.79 -14.10
CA GLY F 62 27.70 -14.81 -14.39
C GLY F 62 28.28 -15.87 -15.30
N ASN F 63 28.44 -17.08 -14.78
CA ASN F 63 29.10 -18.15 -15.52
C ASN F 63 28.55 -19.48 -15.07
N LYS F 64 27.98 -20.24 -16.00
CA LYS F 64 27.43 -21.56 -15.71
C LYS F 64 28.05 -22.58 -16.65
N LYS F 65 28.65 -23.60 -16.06
CA LYS F 65 29.34 -24.66 -16.81
C LYS F 65 28.63 -25.97 -16.53
N ILE F 66 28.07 -26.57 -17.57
CA ILE F 66 27.28 -27.80 -17.46
C ILE F 66 28.00 -28.92 -18.18
N GLU F 67 28.15 -30.06 -17.49
CA GLU F 67 28.77 -31.26 -18.05
C GLU F 67 27.87 -32.43 -17.69
N THR F 68 27.46 -33.19 -18.71
CA THR F 68 26.59 -34.35 -18.52
C THR F 68 27.31 -35.58 -19.05
N HIS F 69 27.99 -36.29 -18.17
CA HIS F 69 28.64 -37.53 -18.53
C HIS F 69 27.66 -38.69 -18.40
N LYS F 70 27.65 -39.57 -19.39
CA LYS F 70 26.73 -40.70 -19.39
C LYS F 70 27.44 -41.92 -19.97
N LEU F 71 26.99 -43.10 -19.57
CA LEU F 71 27.57 -44.34 -20.04
C LEU F 71 26.59 -45.47 -19.74
N THR F 72 26.26 -46.24 -20.77
CA THR F 72 25.23 -47.27 -20.66
C THR F 72 25.72 -48.55 -21.32
N PHE F 73 25.18 -49.69 -20.88
CA PHE F 73 25.52 -50.98 -21.44
C PHE F 73 24.27 -51.70 -21.94
N VAL G 1 -33.21 59.58 -11.69
CA VAL G 1 -32.83 58.29 -12.25
C VAL G 1 -33.55 57.18 -11.50
N GLN G 2 -34.00 56.17 -12.26
CA GLN G 2 -34.74 55.04 -11.71
C GLN G 2 -34.17 53.75 -12.28
N ILE G 3 -34.04 52.74 -11.42
CA ILE G 3 -33.51 51.43 -11.80
C ILE G 3 -34.42 50.37 -11.21
N VAL G 4 -34.72 49.34 -12.00
CA VAL G 4 -35.53 48.21 -11.57
C VAL G 4 -34.81 46.93 -11.96
N TYR G 5 -34.79 45.96 -11.06
CA TYR G 5 -34.09 44.70 -11.28
C TYR G 5 -34.91 43.60 -10.64
N LYS G 6 -35.76 42.96 -11.43
CA LYS G 6 -36.68 41.93 -10.95
C LYS G 6 -36.61 40.72 -11.90
N PRO G 7 -35.48 40.03 -11.93
CA PRO G 7 -35.39 38.78 -12.71
C PRO G 7 -36.10 37.64 -11.99
N VAL G 8 -36.99 36.97 -12.72
CA VAL G 8 -37.77 35.86 -12.17
C VAL G 8 -37.24 34.56 -12.77
N ASP G 9 -37.00 33.58 -11.90
CA ASP G 9 -36.51 32.28 -12.34
C ASP G 9 -37.35 31.20 -11.69
N LEU G 10 -37.75 30.22 -12.49
CA LEU G 10 -38.52 29.07 -12.00
C LEU G 10 -38.11 27.87 -12.84
N SER G 11 -37.10 27.14 -12.37
CA SER G 11 -36.51 26.06 -13.14
C SER G 11 -36.44 24.80 -12.29
N LYS G 12 -36.68 23.65 -12.92
CA LYS G 12 -36.61 22.34 -12.26
C LYS G 12 -35.56 21.51 -12.99
N VAL G 13 -34.41 21.33 -12.35
CA VAL G 13 -33.35 20.49 -12.90
C VAL G 13 -33.57 19.09 -12.34
N THR G 14 -34.41 18.33 -13.02
CA THR G 14 -34.80 17.01 -12.54
C THR G 14 -33.77 15.96 -12.94
N SER G 15 -33.71 14.89 -12.16
CA SER G 15 -32.80 13.78 -12.43
C SER G 15 -33.44 12.51 -11.85
N LYS G 16 -33.90 11.64 -12.73
CA LYS G 16 -34.52 10.38 -12.35
C LYS G 16 -33.71 9.22 -12.90
N CYS G 17 -33.43 8.24 -12.06
CA CYS G 17 -32.74 7.03 -12.48
C CYS G 17 -33.29 5.85 -11.67
N GLY G 18 -33.40 4.70 -12.33
CA GLY G 18 -33.90 3.51 -11.66
C GLY G 18 -32.84 2.88 -10.77
N SER G 19 -31.69 2.54 -11.34
CA SER G 19 -30.60 1.95 -10.58
C SER G 19 -29.33 2.04 -11.41
N LEU G 20 -28.26 2.56 -10.79
CA LEU G 20 -27.00 2.75 -11.50
C LEU G 20 -26.47 1.40 -11.99
N GLY G 21 -26.07 0.54 -11.05
CA GLY G 21 -25.64 -0.80 -11.38
C GLY G 21 -24.25 -1.06 -10.84
N ASN G 22 -23.61 -2.09 -11.39
CA ASN G 22 -22.31 -2.56 -10.93
C ASN G 22 -21.23 -1.76 -11.64
N ILE G 23 -20.59 -0.85 -10.89
CA ILE G 23 -19.54 -0.01 -11.43
C ILE G 23 -18.21 -0.44 -10.83
N HIS G 24 -17.23 -0.69 -11.68
CA HIS G 24 -15.94 -1.19 -11.27
C HIS G 24 -14.84 -0.25 -11.74
N HIS G 25 -13.87 0.01 -10.87
CA HIS G 25 -12.74 0.89 -11.17
C HIS G 25 -11.49 0.20 -10.64
N LYS G 26 -10.74 -0.45 -11.54
CA LYS G 26 -9.59 -1.26 -11.18
C LYS G 26 -8.37 -0.78 -11.95
N PRO G 27 -7.82 0.37 -11.59
CA PRO G 27 -6.63 0.86 -12.27
C PRO G 27 -5.36 0.16 -11.82
N GLY G 28 -4.39 0.10 -12.73
CA GLY G 28 -3.08 -0.43 -12.43
C GLY G 28 -2.08 0.68 -12.18
N GLY G 29 -1.42 0.63 -11.03
CA GLY G 29 -0.50 1.68 -10.64
C GLY G 29 0.64 1.89 -11.61
N GLY G 30 0.81 3.12 -12.07
CA GLY G 30 1.89 3.48 -12.95
C GLY G 30 3.07 4.08 -12.21
N GLN G 31 3.82 4.94 -12.90
CA GLN G 31 4.99 5.56 -12.34
C GLN G 31 5.09 7.00 -12.82
N VAL G 32 5.39 7.91 -11.90
CA VAL G 32 5.49 9.33 -12.18
C VAL G 32 6.79 9.86 -11.58
N GLU G 33 7.50 10.69 -12.34
CA GLU G 33 8.74 11.28 -11.89
C GLU G 33 8.80 12.72 -12.36
N VAL G 34 8.98 13.64 -11.41
CA VAL G 34 9.10 15.07 -11.69
C VAL G 34 10.39 15.57 -11.07
N LYS G 35 11.14 16.37 -11.83
CA LYS G 35 12.42 16.90 -11.37
C LYS G 35 12.48 18.39 -11.71
N SER G 36 12.60 19.21 -10.68
CA SER G 36 12.73 20.65 -10.82
C SER G 36 13.81 21.16 -9.88
N GLU G 37 14.12 22.45 -9.99
CA GLU G 37 15.11 23.09 -9.14
C GLU G 37 14.52 24.21 -8.28
N LYS G 38 13.84 25.17 -8.90
CA LYS G 38 13.31 26.32 -8.18
C LYS G 38 11.87 26.57 -8.55
N LEU G 39 11.06 26.92 -7.55
CA LEU G 39 9.66 27.25 -7.72
C LEU G 39 9.38 28.61 -7.10
N ASP G 40 8.72 29.48 -7.85
CA ASP G 40 8.36 30.82 -7.39
C ASP G 40 6.92 31.07 -7.79
N PHE G 41 6.01 30.97 -6.80
CA PHE G 41 4.58 31.09 -7.03
C PHE G 41 4.04 32.31 -6.32
N LYS G 42 3.12 33.02 -6.98
CA LYS G 42 2.54 34.23 -6.41
C LYS G 42 1.18 34.50 -7.02
N ASP G 43 0.35 35.22 -6.25
CA ASP G 43 -0.85 35.90 -6.76
C ASP G 43 -1.82 34.92 -7.40
N ARG G 44 -2.39 34.08 -6.55
CA ARG G 44 -3.49 33.18 -6.93
C ARG G 44 -3.03 32.15 -7.97
N VAL G 45 -2.06 31.34 -7.56
CA VAL G 45 -1.54 30.25 -8.36
C VAL G 45 -1.73 28.95 -7.60
N GLN G 46 -2.47 28.02 -8.20
CA GLN G 46 -2.69 26.70 -7.63
C GLN G 46 -2.06 25.66 -8.54
N SER G 47 -1.18 24.83 -7.97
CA SER G 47 -0.40 23.89 -8.75
C SER G 47 -0.57 22.48 -8.21
N LYS G 48 -0.30 21.51 -9.08
CA LYS G 48 -0.35 20.09 -8.73
C LYS G 48 0.84 19.44 -9.42
N ILE G 49 1.92 19.26 -8.66
CA ILE G 49 3.19 18.77 -9.22
C ILE G 49 3.41 17.37 -8.68
N GLY G 50 3.15 16.38 -9.52
CA GLY G 50 3.41 15.00 -9.15
C GLY G 50 2.20 14.37 -8.48
N SER G 51 1.47 13.55 -9.24
CA SER G 51 0.24 12.98 -8.71
C SER G 51 -0.09 11.70 -9.45
N LEU G 52 -0.56 10.71 -8.69
CA LEU G 52 -1.09 9.46 -9.24
C LEU G 52 -2.39 9.21 -8.47
N ASP G 53 -3.47 9.79 -8.97
CA ASP G 53 -4.73 9.88 -8.23
C ASP G 53 -5.83 9.14 -8.97
N ASN G 54 -6.64 8.41 -8.21
CA ASN G 54 -7.78 7.68 -8.74
C ASN G 54 -9.03 8.13 -8.00
N ILE G 55 -10.07 8.48 -8.75
CA ILE G 55 -11.32 8.95 -8.16
C ILE G 55 -12.48 8.23 -8.85
N THR G 56 -13.45 7.78 -8.05
CA THR G 56 -14.65 7.12 -8.55
C THR G 56 -15.84 7.92 -8.01
N HIS G 57 -16.26 8.92 -8.76
CA HIS G 57 -17.36 9.79 -8.37
C HIS G 57 -18.65 9.24 -8.98
N VAL G 58 -19.51 8.69 -8.14
CA VAL G 58 -20.75 8.06 -8.59
C VAL G 58 -21.90 8.64 -7.78
N PRO G 59 -22.28 9.89 -8.01
CA PRO G 59 -23.40 10.46 -7.25
C PRO G 59 -24.74 10.16 -7.91
N GLY G 60 -25.66 9.56 -7.17
CA GLY G 60 -26.99 9.37 -7.70
C GLY G 60 -27.71 10.70 -7.74
N GLY G 61 -27.80 11.29 -8.93
CA GLY G 61 -28.33 12.62 -9.06
C GLY G 61 -27.21 13.64 -9.04
N GLY G 62 -26.85 14.17 -10.21
CA GLY G 62 -25.85 15.22 -10.29
C GLY G 62 -26.40 16.42 -11.03
N ASN G 63 -26.55 17.53 -10.32
CA ASN G 63 -27.19 18.71 -10.88
C ASN G 63 -26.63 19.95 -10.20
N LYS G 64 -26.03 20.84 -10.99
CA LYS G 64 -25.47 22.08 -10.45
C LYS G 64 -26.06 23.25 -11.23
N LYS G 65 -26.66 24.18 -10.50
CA LYS G 65 -27.32 25.34 -11.07
C LYS G 65 -26.60 26.58 -10.56
N ILE G 66 -26.02 27.35 -11.47
CA ILE G 66 -25.22 28.52 -11.13
C ILE G 66 -25.91 29.76 -11.67
N GLU G 67 -26.06 30.77 -10.80
CA GLU G 67 -26.66 32.05 -11.18
C GLU G 67 -25.75 33.14 -10.60
N THR G 68 -25.30 34.04 -11.46
CA THR G 68 -24.43 35.14 -11.06
C THR G 68 -25.12 36.46 -11.40
N HIS G 69 -25.83 37.02 -10.42
CA HIS G 69 -26.46 38.32 -10.59
C HIS G 69 -25.47 39.42 -10.23
N LYS G 70 -25.41 40.46 -11.07
CA LYS G 70 -24.49 41.57 -10.85
C LYS G 70 -25.18 42.86 -11.24
N LEU G 71 -24.73 43.95 -10.63
CA LEU G 71 -25.27 45.27 -10.91
C LEU G 71 -24.29 46.31 -10.39
N THR G 72 -23.93 47.25 -11.26
CA THR G 72 -22.89 48.23 -10.97
C THR G 72 -23.35 49.61 -11.41
N PHE G 73 -22.80 50.64 -10.77
CA PHE G 73 -23.12 52.01 -11.11
C PHE G 73 -21.86 52.80 -11.45
N VAL H 1 34.51 -59.28 -18.28
CA VAL H 1 34.17 -57.90 -18.63
C VAL H 1 34.87 -56.93 -17.70
N GLN H 2 35.35 -55.83 -18.25
CA GLN H 2 36.07 -54.81 -17.49
C GLN H 2 35.53 -53.43 -17.86
N ILE H 3 35.38 -52.58 -16.85
CA ILE H 3 34.87 -51.22 -17.02
C ILE H 3 35.77 -50.28 -16.24
N VAL H 4 36.10 -49.14 -16.84
CA VAL H 4 36.89 -48.11 -16.20
C VAL H 4 36.19 -46.77 -16.39
N TYR H 5 36.15 -45.96 -15.33
CA TYR H 5 35.45 -44.68 -15.37
C TYR H 5 36.26 -43.70 -14.52
N LYS H 6 37.15 -42.95 -15.18
CA LYS H 6 38.05 -42.02 -14.50
C LYS H 6 38.02 -40.68 -15.22
N PRO H 7 36.89 -39.98 -15.18
CA PRO H 7 36.83 -38.62 -15.75
C PRO H 7 37.53 -37.63 -14.83
N VAL H 8 38.44 -36.84 -15.40
CA VAL H 8 39.20 -35.85 -14.65
C VAL H 8 38.71 -34.46 -15.04
N ASP H 9 38.44 -33.64 -14.03
CA ASP H 9 37.96 -32.29 -14.26
C ASP H 9 38.80 -31.33 -13.40
N LEU H 10 39.23 -30.24 -14.03
CA LEU H 10 39.99 -29.20 -13.33
C LEU H 10 39.60 -27.87 -13.97
N SER H 11 38.59 -27.21 -13.41
CA SER H 11 38.02 -26.01 -14.00
C SER H 11 37.94 -24.91 -12.95
N LYS H 12 38.20 -23.68 -13.37
CA LYS H 12 38.12 -22.51 -12.52
C LYS H 12 37.10 -21.54 -13.12
N VAL H 13 35.92 -21.46 -12.49
CA VAL H 13 34.88 -20.54 -12.93
C VAL H 13 35.09 -19.25 -12.13
N THR H 14 35.96 -18.39 -12.65
CA THR H 14 36.35 -17.17 -11.95
C THR H 14 35.32 -16.07 -12.20
N SER H 15 35.25 -15.14 -11.24
CA SER H 15 34.36 -13.99 -11.35
C SER H 15 34.98 -12.84 -10.55
N LYS H 16 35.48 -11.85 -11.27
CA LYS H 16 36.10 -10.67 -10.66
C LYS H 16 35.30 -9.42 -11.04
N CYS H 17 35.00 -8.60 -10.04
CA CYS H 17 34.34 -7.33 -10.27
C CYS H 17 34.86 -6.30 -9.27
N GLY H 18 35.01 -5.07 -9.71
CA GLY H 18 35.48 -4.00 -8.85
C GLY H 18 34.40 -3.52 -7.89
N SER H 19 33.27 -3.08 -8.44
CA SER H 19 32.16 -2.62 -7.62
C SER H 19 30.91 -2.56 -8.48
N LEU H 20 29.82 -3.17 -7.99
CA LEU H 20 28.59 -3.22 -8.76
C LEU H 20 28.08 -1.81 -9.02
N GLY H 21 27.65 -1.11 -7.98
CA GLY H 21 27.24 0.27 -8.08
C GLY H 21 25.83 0.46 -7.54
N ASN H 22 25.21 1.57 -7.95
CA ASN H 22 23.91 1.97 -7.45
C ASN H 22 22.84 1.30 -8.31
N ILE H 23 22.18 0.30 -7.75
CA ILE H 23 21.14 -0.43 -8.44
C ILE H 23 19.80 -0.09 -7.81
N HIS H 24 18.84 0.30 -8.65
CA HIS H 24 17.53 0.74 -8.19
C HIS H 24 16.44 -0.09 -8.85
N HIS H 25 15.45 -0.48 -8.07
CA HIS H 25 14.33 -1.30 -8.54
C HIS H 25 13.06 -0.69 -7.94
N LYS H 26 12.35 0.10 -8.74
CA LYS H 26 11.19 0.86 -8.27
C LYS H 26 10.00 0.53 -9.16
N PRO H 27 9.43 -0.67 -9.01
CA PRO H 27 8.25 -1.03 -9.80
C PRO H 27 6.97 -0.40 -9.27
N GLY H 28 6.04 -0.17 -10.19
CA GLY H 28 4.72 0.31 -9.85
C GLY H 28 3.71 -0.81 -9.81
N GLY H 29 3.00 -0.95 -8.69
CA GLY H 29 2.08 -2.05 -8.51
C GLY H 29 0.96 -2.08 -9.53
N GLY H 30 0.80 -3.21 -10.19
CA GLY H 30 -0.25 -3.41 -11.16
C GLY H 30 -1.46 -4.11 -10.56
N GLN H 31 -2.18 -4.84 -11.40
CA GLN H 31 -3.39 -5.53 -10.99
C GLN H 31 -3.47 -6.87 -11.70
N VAL H 32 -3.81 -7.92 -10.95
CA VAL H 32 -3.91 -9.27 -11.48
C VAL H 32 -5.22 -9.88 -11.02
N GLU H 33 -5.90 -10.56 -11.93
CA GLU H 33 -7.18 -11.20 -11.62
C GLU H 33 -7.22 -12.56 -12.31
N VAL H 34 -7.44 -13.62 -11.54
CA VAL H 34 -7.55 -14.97 -12.07
C VAL H 34 -8.86 -15.57 -11.57
N LYS H 35 -9.59 -16.21 -12.48
CA LYS H 35 -10.89 -16.80 -12.16
C LYS H 35 -10.95 -18.20 -12.73
N SER H 36 -11.11 -19.20 -11.86
CA SER H 36 -11.23 -20.59 -12.25
C SER H 36 -12.35 -21.23 -11.44
N GLU H 37 -12.65 -22.48 -11.78
CA GLU H 37 -13.67 -23.25 -11.07
C GLU H 37 -13.12 -24.50 -10.39
N LYS H 38 -12.42 -25.35 -11.15
CA LYS H 38 -11.93 -26.62 -10.60
C LYS H 38 -10.47 -26.80 -10.98
N LEU H 39 -9.70 -27.32 -10.02
CA LEU H 39 -8.30 -27.64 -10.21
C LEU H 39 -8.04 -29.09 -9.82
N ASP H 40 -7.36 -29.82 -10.69
CA ASP H 40 -7.03 -31.23 -10.44
C ASP H 40 -5.56 -31.43 -10.83
N PHE H 41 -4.69 -31.50 -9.83
CA PHE H 41 -3.25 -31.59 -10.02
C PHE H 41 -2.74 -32.93 -9.51
N LYS H 42 -1.80 -33.52 -10.25
CA LYS H 42 -1.25 -34.81 -9.88
C LYS H 42 0.13 -35.00 -10.49
N ASP H 43 0.93 -35.84 -9.82
CA ASP H 43 2.14 -36.44 -10.40
C ASP H 43 3.13 -35.36 -10.85
N ARG H 44 3.69 -34.68 -9.85
CA ARG H 44 4.79 -33.74 -10.04
C ARG H 44 4.37 -32.56 -10.91
N VAL H 45 3.39 -31.81 -10.39
CA VAL H 45 2.90 -30.60 -11.02
C VAL H 45 3.08 -29.44 -10.04
N GLN H 46 3.85 -28.44 -10.45
CA GLN H 46 4.05 -27.24 -9.66
C GLN H 46 3.45 -26.05 -10.41
N SER H 47 2.56 -25.32 -9.74
CA SER H 47 1.80 -24.26 -10.37
C SER H 47 1.97 -22.95 -9.59
N LYS H 48 1.73 -21.85 -10.29
CA LYS H 48 1.78 -20.51 -9.71
C LYS H 48 0.61 -19.74 -10.30
N ILE H 49 -0.49 -19.67 -9.57
CA ILE H 49 -1.74 -19.10 -10.07
C ILE H 49 -1.97 -17.80 -9.32
N GLY H 50 -1.69 -16.68 -9.96
CA GLY H 50 -1.94 -15.39 -9.38
C GLY H 50 -0.75 -14.88 -8.59
N SER H 51 0.01 -13.96 -9.16
CA SER H 51 1.22 -13.50 -8.51
C SER H 51 1.59 -12.11 -9.02
N LEU H 52 2.03 -11.27 -8.10
CA LEU H 52 2.59 -9.96 -8.42
C LEU H 52 3.85 -9.86 -7.58
N ASP H 53 4.96 -10.34 -8.13
CA ASP H 53 6.19 -10.57 -7.38
C ASP H 53 7.32 -9.73 -7.96
N ASN H 54 8.11 -9.15 -7.06
CA ASN H 54 9.27 -8.35 -7.43
C ASN H 54 10.49 -8.93 -6.74
N ILE H 55 11.55 -9.16 -7.49
CA ILE H 55 12.79 -9.73 -6.97
C ILE H 55 13.96 -8.91 -7.49
N THR H 56 14.90 -8.61 -6.61
CA THR H 56 16.13 -7.89 -6.94
C THR H 56 17.29 -8.78 -6.50
N HIS H 57 17.73 -9.65 -7.40
CA HIS H 57 18.82 -10.59 -7.13
C HIS H 57 20.13 -9.95 -7.60
N VAL H 58 20.97 -9.56 -6.65
CA VAL H 58 22.21 -8.88 -6.96
C VAL H 58 23.35 -9.60 -6.23
N PRO H 59 23.72 -10.79 -6.66
CA PRO H 59 24.83 -11.49 -5.98
C PRO H 59 26.18 -11.10 -6.53
N GLY H 60 27.08 -10.64 -5.67
CA GLY H 60 28.43 -10.38 -6.13
C GLY H 60 29.14 -11.69 -6.37
N GLY H 61 29.27 -12.06 -7.63
CA GLY H 61 29.78 -13.37 -7.97
C GLY H 61 28.66 -14.37 -8.16
N GLY H 62 28.34 -14.69 -9.40
CA GLY H 62 27.34 -15.69 -9.69
C GLY H 62 27.90 -16.76 -10.60
N ASN H 63 28.03 -17.98 -10.08
CA ASN H 63 28.67 -19.05 -10.82
C ASN H 63 28.09 -20.38 -10.37
N LYS H 64 27.51 -21.12 -11.30
CA LYS H 64 26.93 -22.42 -11.01
C LYS H 64 27.53 -23.46 -11.95
N LYS H 65 28.12 -24.51 -11.37
CA LYS H 65 28.78 -25.56 -12.12
C LYS H 65 28.05 -26.87 -11.83
N ILE H 66 27.47 -27.46 -12.88
CA ILE H 66 26.66 -28.66 -12.77
C ILE H 66 27.37 -29.81 -13.48
N GLU H 67 27.48 -30.94 -12.79
CA GLU H 67 28.08 -32.15 -13.36
C GLU H 67 27.16 -33.32 -13.00
N THR H 68 26.73 -34.06 -14.02
CA THR H 68 25.84 -35.21 -13.83
C THR H 68 26.54 -36.44 -14.36
N HIS H 69 27.20 -37.17 -13.47
CA HIS H 69 27.84 -38.44 -13.84
C HIS H 69 26.84 -39.57 -13.70
N LYS H 70 26.80 -40.45 -14.70
CA LYS H 70 25.87 -41.57 -14.70
C LYS H 70 26.56 -42.79 -15.28
N LEU H 71 26.08 -43.96 -14.87
CA LEU H 71 26.63 -45.22 -15.35
C LEU H 71 25.64 -46.32 -15.05
N THR H 72 25.28 -47.09 -16.08
CA THR H 72 24.24 -48.10 -15.97
C THR H 72 24.71 -49.39 -16.63
N PHE H 73 24.14 -50.51 -16.18
CA PHE H 73 24.46 -51.81 -16.75
C PHE H 73 23.20 -52.51 -17.24
N VAL I 1 -32.14 59.84 -6.88
CA VAL I 1 -31.80 58.54 -7.45
C VAL I 1 -32.55 57.44 -6.71
N GLN I 2 -33.02 56.45 -7.46
CA GLN I 2 -33.76 55.33 -6.90
C GLN I 2 -33.23 54.02 -7.48
N ILE I 3 -33.12 53.02 -6.61
CA ILE I 3 -32.61 51.70 -7.00
C ILE I 3 -33.55 50.65 -6.41
N VAL I 4 -33.87 49.64 -7.20
CA VAL I 4 -34.69 48.51 -6.77
C VAL I 4 -33.99 47.22 -7.16
N TYR I 5 -34.00 46.24 -6.26
CA TYR I 5 -33.31 44.98 -6.47
C TYR I 5 -34.15 43.89 -5.84
N LYS I 6 -35.02 43.26 -6.63
CA LYS I 6 -35.95 42.25 -6.15
C LYS I 6 -35.92 41.05 -7.09
N PRO I 7 -34.80 40.34 -7.13
CA PRO I 7 -34.74 39.09 -7.92
C PRO I 7 -35.47 37.97 -7.19
N VAL I 8 -36.36 37.30 -7.91
CA VAL I 8 -37.16 36.21 -7.36
C VAL I 8 -36.67 34.91 -7.97
N ASP I 9 -36.43 33.92 -7.10
CA ASP I 9 -35.96 32.61 -7.53
C ASP I 9 -36.82 31.54 -6.88
N LEU I 10 -37.26 30.56 -7.68
CA LEU I 10 -38.04 29.44 -7.20
C LEU I 10 -37.66 28.23 -8.04
N SER I 11 -36.67 27.48 -7.57
CA SER I 11 -36.09 26.38 -8.34
C SER I 11 -36.04 25.12 -7.49
N LYS I 12 -36.30 23.98 -8.12
CA LYS I 12 -36.26 22.68 -7.46
C LYS I 12 -35.23 21.82 -8.19
N VAL I 13 -34.07 21.61 -7.56
CA VAL I 13 -33.03 20.76 -8.11
C VAL I 13 -33.28 19.37 -7.54
N THR I 14 -34.14 18.61 -8.22
CA THR I 14 -34.56 17.30 -7.74
C THR I 14 -33.53 16.24 -8.15
N SER I 15 -33.50 15.17 -7.36
CA SER I 15 -32.61 14.04 -7.64
C SER I 15 -33.28 12.79 -7.06
N LYS I 16 -33.76 11.92 -7.94
CA LYS I 16 -34.40 10.67 -7.56
C LYS I 16 -33.61 9.50 -8.11
N CYS I 17 -33.35 8.51 -7.26
CA CYS I 17 -32.69 7.29 -7.68
C CYS I 17 -33.24 6.12 -6.88
N GLY I 18 -33.40 4.98 -7.54
CA GLY I 18 -33.90 3.79 -6.87
C GLY I 18 -32.86 3.13 -5.98
N SER I 19 -31.72 2.78 -6.55
CA SER I 19 -30.64 2.17 -5.80
C SER I 19 -29.36 2.24 -6.61
N LEU I 20 -28.28 2.74 -6.00
CA LEU I 20 -27.03 2.91 -6.72
C LEU I 20 -26.52 1.55 -7.20
N GLY I 21 -26.12 0.68 -6.27
CA GLY I 21 -25.72 -0.67 -6.60
C GLY I 21 -24.34 -0.96 -6.06
N ASN I 22 -23.73 -2.00 -6.62
CA ASN I 22 -22.43 -2.50 -6.15
C ASN I 22 -21.34 -1.72 -6.87
N ILE I 23 -20.69 -0.82 -6.13
CA ILE I 23 -19.61 0.00 -6.65
C ILE I 23 -18.29 -0.46 -6.05
N HIS I 24 -17.32 -0.73 -6.91
CA HIS I 24 -16.03 -1.25 -6.50
C HIS I 24 -14.92 -0.33 -6.98
N HIS I 25 -13.94 -0.10 -6.12
CA HIS I 25 -12.80 0.77 -6.42
C HIS I 25 -11.55 0.06 -5.89
N LYS I 26 -10.83 -0.60 -6.78
CA LYS I 26 -9.69 -1.44 -6.42
C LYS I 26 -8.47 -0.99 -7.20
N PRO I 27 -7.89 0.16 -6.84
CA PRO I 27 -6.68 0.63 -7.52
C PRO I 27 -5.43 -0.10 -7.07
N GLY I 28 -4.47 -0.18 -7.99
CA GLY I 28 -3.17 -0.73 -7.69
C GLY I 28 -2.14 0.36 -7.44
N GLY I 29 -1.48 0.30 -6.29
CA GLY I 29 -0.55 1.33 -5.90
C GLY I 29 0.59 1.52 -6.87
N GLY I 30 0.79 2.74 -7.33
CA GLY I 30 1.89 3.09 -8.21
C GLY I 30 3.07 3.66 -7.47
N GLN I 31 3.83 4.51 -8.17
CA GLN I 31 5.01 5.11 -7.60
C GLN I 31 5.13 6.54 -8.08
N VAL I 32 5.47 7.45 -7.16
CA VAL I 32 5.59 8.87 -7.45
C VAL I 32 6.89 9.36 -6.84
N GLU I 33 7.62 10.19 -7.61
CA GLU I 33 8.88 10.76 -7.16
C GLU I 33 8.96 12.20 -7.62
N VAL I 34 9.16 13.11 -6.68
CA VAL I 34 9.30 14.53 -6.97
C VAL I 34 10.60 15.02 -6.34
N LYS I 35 11.37 15.80 -7.10
CA LYS I 35 12.66 16.30 -6.65
C LYS I 35 12.74 17.79 -6.98
N SER I 36 12.88 18.62 -5.95
CA SER I 36 13.04 20.05 -6.09
C SER I 36 14.13 20.53 -5.15
N GLU I 37 14.46 21.82 -5.27
CA GLU I 37 15.46 22.45 -4.41
C GLU I 37 14.90 23.57 -3.56
N LYS I 38 14.24 24.55 -4.18
CA LYS I 38 13.74 25.70 -3.44
C LYS I 38 12.29 25.98 -3.82
N LEU I 39 11.50 26.34 -2.81
CA LEU I 39 10.11 26.71 -2.99
C LEU I 39 9.85 28.07 -2.36
N ASP I 40 9.20 28.94 -3.12
CA ASP I 40 8.87 30.30 -2.65
C ASP I 40 7.43 30.58 -3.04
N PHE I 41 6.53 30.50 -2.07
CA PHE I 41 5.09 30.63 -2.29
C PHE I 41 4.58 31.87 -1.58
N LYS I 42 3.66 32.59 -2.23
CA LYS I 42 3.12 33.82 -1.66
C LYS I 42 1.76 34.12 -2.28
N ASP I 43 0.94 34.85 -1.51
CA ASP I 43 -0.23 35.55 -2.01
C ASP I 43 -1.24 34.59 -2.66
N ARG I 44 -1.82 33.75 -1.80
CA ARG I 44 -2.93 32.87 -2.18
C ARG I 44 -2.48 31.84 -3.22
N VAL I 45 -1.53 31.01 -2.80
CA VAL I 45 -1.03 29.91 -3.61
C VAL I 45 -1.25 28.62 -2.85
N GLN I 46 -2.01 27.70 -3.44
CA GLN I 46 -2.26 26.38 -2.88
C GLN I 46 -1.65 25.33 -3.79
N SER I 47 -0.78 24.49 -3.22
CA SER I 47 -0.02 23.53 -4.00
C SER I 47 -0.22 22.13 -3.46
N LYS I 48 0.02 21.15 -4.33
CA LYS I 48 -0.04 19.73 -3.99
C LYS I 48 1.14 19.05 -4.67
N ILE I 49 2.21 18.86 -3.93
CA ILE I 49 3.47 18.36 -4.47
C ILE I 49 3.67 16.94 -3.94
N GLY I 50 3.39 15.95 -4.77
CA GLY I 50 3.61 14.57 -4.40
C GLY I 50 2.40 13.96 -3.75
N SER I 51 1.65 13.16 -4.49
CA SER I 51 0.41 12.62 -3.96
C SER I 51 0.05 11.34 -4.70
N LEU I 52 -0.42 10.36 -3.95
CA LEU I 52 -0.98 9.12 -4.49
C LEU I 52 -2.29 8.91 -3.72
N ASP I 53 -3.37 9.50 -4.22
CA ASP I 53 -4.61 9.60 -3.48
C ASP I 53 -5.73 8.90 -4.22
N ASN I 54 -6.56 8.18 -3.46
CA ASN I 54 -7.71 7.47 -3.99
C ASN I 54 -8.94 7.94 -3.24
N ILE I 55 -9.98 8.31 -3.98
CA ILE I 55 -11.23 8.80 -3.41
C ILE I 55 -12.40 8.09 -4.09
N THR I 56 -13.37 7.68 -3.29
CA THR I 56 -14.59 7.04 -3.78
C THR I 56 -15.75 7.86 -3.23
N HIS I 57 -16.16 8.87 -4.00
CA HIS I 57 -17.25 9.76 -3.60
C HIS I 57 -18.54 9.23 -4.20
N VAL I 58 -19.41 8.69 -3.36
CA VAL I 58 -20.66 8.10 -3.81
C VAL I 58 -21.80 8.69 -3.00
N PRO I 59 -22.16 9.95 -3.23
CA PRO I 59 -23.28 10.54 -2.48
C PRO I 59 -24.61 10.27 -3.13
N GLY I 60 -25.55 9.68 -2.39
CA GLY I 60 -26.88 9.51 -2.92
C GLY I 60 -27.58 10.86 -2.96
N GLY I 61 -27.66 11.45 -4.14
CA GLY I 61 -28.15 12.80 -4.28
C GLY I 61 -27.02 13.79 -4.26
N GLY I 62 -26.65 14.31 -5.43
CA GLY I 62 -25.63 15.34 -5.51
C GLY I 62 -26.15 16.56 -6.24
N ASN I 63 -26.30 17.67 -5.53
CA ASN I 63 -26.90 18.86 -6.11
C ASN I 63 -26.32 20.09 -5.41
N LYS I 64 -25.70 20.96 -6.19
CA LYS I 64 -25.13 22.19 -5.67
C LYS I 64 -25.69 23.38 -6.44
N LYS I 65 -26.28 24.32 -5.71
CA LYS I 65 -26.91 25.50 -6.28
C LYS I 65 -26.17 26.73 -5.77
N ILE I 66 -25.57 27.47 -6.68
CA ILE I 66 -24.75 28.64 -6.34
C ILE I 66 -25.41 29.88 -6.88
N GLU I 67 -25.55 30.89 -6.02
CA GLU I 67 -26.11 32.19 -6.39
C GLU I 67 -25.20 33.27 -5.81
N THR I 68 -24.73 34.16 -6.68
CA THR I 68 -23.84 35.25 -6.28
C THR I 68 -24.50 36.57 -6.61
N HIS I 69 -25.19 37.15 -5.63
CA HIS I 69 -25.80 38.46 -5.80
C HIS I 69 -24.79 39.54 -5.45
N LYS I 70 -24.72 40.57 -6.28
CA LYS I 70 -23.78 41.66 -6.07
C LYS I 70 -24.44 42.97 -6.45
N LEU I 71 -23.97 44.05 -5.85
CA LEU I 71 -24.49 45.38 -6.13
C LEU I 71 -23.49 46.41 -5.61
N THR I 72 -23.11 47.33 -6.49
CA THR I 72 -22.05 48.29 -6.18
C THR I 72 -22.48 49.68 -6.63
N PHE I 73 -21.93 50.70 -5.99
CA PHE I 73 -22.21 52.09 -6.32
C PHE I 73 -20.93 52.84 -6.67
N VAL J 1 33.30 -60.27 -13.61
CA VAL J 1 32.98 -58.90 -13.96
C VAL J 1 33.70 -57.94 -13.01
N GLN J 2 34.20 -56.84 -13.58
CA GLN J 2 34.94 -55.84 -12.82
C GLN J 2 34.42 -54.46 -13.18
N ILE J 3 34.29 -53.60 -12.17
CA ILE J 3 33.81 -52.23 -12.35
C ILE J 3 34.73 -51.30 -11.55
N VAL J 4 35.07 -50.18 -12.17
CA VAL J 4 35.89 -49.16 -11.52
C VAL J 4 35.21 -47.81 -11.72
N TYR J 5 35.20 -47.00 -10.65
CA TYR J 5 34.52 -45.70 -10.69
C TYR J 5 35.35 -44.74 -9.84
N LYS J 6 36.24 -44.01 -10.49
CA LYS J 6 37.17 -43.09 -9.83
C LYS J 6 37.16 -41.75 -10.55
N PRO J 7 36.04 -41.02 -10.51
CA PRO J 7 36.01 -39.67 -11.08
C PRO J 7 36.73 -38.69 -10.15
N VAL J 8 37.65 -37.92 -10.71
CA VAL J 8 38.44 -36.95 -9.98
C VAL J 8 37.96 -35.55 -10.36
N ASP J 9 37.71 -34.72 -9.35
CA ASP J 9 37.27 -33.36 -9.58
C ASP J 9 38.12 -32.43 -8.73
N LEU J 10 38.57 -31.33 -9.35
CA LEU J 10 39.34 -30.31 -8.65
C LEU J 10 38.98 -28.97 -9.30
N SER J 11 38.00 -28.30 -8.73
CA SER J 11 37.44 -27.08 -9.32
C SER J 11 37.37 -25.99 -8.27
N LYS J 12 37.66 -24.76 -8.70
CA LYS J 12 37.60 -23.58 -7.84
C LYS J 12 36.60 -22.61 -8.44
N VAL J 13 35.44 -22.49 -7.82
CA VAL J 13 34.40 -21.55 -8.25
C VAL J 13 34.64 -20.27 -7.44
N THR J 14 35.53 -19.43 -7.96
CA THR J 14 35.94 -18.22 -7.26
C THR J 14 34.93 -17.09 -7.52
N SER J 15 34.89 -16.16 -6.56
CA SER J 15 34.01 -15.00 -6.66
C SER J 15 34.65 -13.87 -5.87
N LYS J 16 35.17 -12.87 -6.58
CA LYS J 16 35.81 -11.71 -5.97
C LYS J 16 35.04 -10.45 -6.35
N CYS J 17 34.76 -9.62 -5.35
CA CYS J 17 34.12 -8.34 -5.58
C CYS J 17 34.65 -7.33 -4.58
N GLY J 18 34.82 -6.09 -5.02
CA GLY J 18 35.32 -5.04 -4.16
C GLY J 18 34.25 -4.53 -3.21
N SER J 19 33.14 -4.07 -3.75
CA SER J 19 32.03 -3.59 -2.92
C SER J 19 30.78 -3.51 -3.79
N LEU J 20 29.68 -4.09 -3.30
CA LEU J 20 28.44 -4.12 -4.06
C LEU J 20 27.96 -2.70 -4.33
N GLY J 21 27.54 -1.99 -3.28
CA GLY J 21 27.16 -0.60 -3.39
C GLY J 21 25.77 -0.39 -2.85
N ASN J 22 25.17 0.73 -3.25
CA ASN J 22 23.86 1.16 -2.74
C ASN J 22 22.79 0.52 -3.61
N ILE J 23 22.11 -0.48 -3.04
CA ILE J 23 21.05 -1.20 -3.74
C ILE J 23 19.72 -0.82 -3.11
N HIS J 24 18.77 -0.42 -3.93
CA HIS J 24 17.47 0.05 -3.48
C HIS J 24 16.37 -0.76 -4.14
N HIS J 25 15.37 -1.14 -3.35
CA HIS J 25 14.23 -1.93 -3.83
C HIS J 25 12.98 -1.30 -3.22
N LYS J 26 12.27 -0.49 -4.01
CA LYS J 26 11.13 0.29 -3.55
C LYS J 26 9.93 -0.03 -4.43
N PRO J 27 9.34 -1.20 -4.29
CA PRO J 27 8.15 -1.54 -5.07
C PRO J 27 6.89 -0.88 -4.55
N GLY J 28 5.96 -0.65 -5.46
CA GLY J 28 4.65 -0.13 -5.12
C GLY J 28 3.61 -1.24 -5.08
N GLY J 29 2.92 -1.36 -3.95
CA GLY J 29 1.96 -2.45 -3.78
C GLY J 29 0.85 -2.45 -4.80
N GLY J 30 0.67 -3.58 -5.46
CA GLY J 30 -0.40 -3.77 -6.41
C GLY J 30 -1.62 -4.44 -5.81
N GLN J 31 -2.35 -5.16 -6.67
CA GLN J 31 -3.57 -5.82 -6.24
C GLN J 31 -3.67 -7.17 -6.96
N VAL J 32 -4.03 -8.20 -6.21
CA VAL J 32 -4.16 -9.55 -6.74
C VAL J 32 -5.49 -10.14 -6.26
N GLU J 33 -6.19 -10.81 -7.18
CA GLU J 33 -7.47 -11.43 -6.86
C GLU J 33 -7.53 -12.78 -7.57
N VAL J 34 -7.77 -13.83 -6.80
CA VAL J 34 -7.92 -15.18 -7.32
C VAL J 34 -9.24 -15.76 -6.82
N LYS J 35 -9.97 -16.39 -7.73
CA LYS J 35 -11.28 -16.95 -7.40
C LYS J 35 -11.36 -18.35 -7.98
N SER J 36 -11.54 -19.34 -7.11
CA SER J 36 -11.70 -20.73 -7.50
C SER J 36 -12.82 -21.35 -6.69
N GLU J 37 -13.16 -22.60 -7.02
CA GLU J 37 -14.19 -23.34 -6.31
C GLU J 37 -13.66 -24.60 -5.64
N LYS J 38 -12.98 -25.47 -6.39
CA LYS J 38 -12.51 -26.74 -5.86
C LYS J 38 -11.05 -26.97 -6.22
N LEU J 39 -10.29 -27.49 -5.27
CA LEU J 39 -8.89 -27.84 -5.46
C LEU J 39 -8.67 -29.29 -5.07
N ASP J 40 -7.99 -30.04 -5.94
CA ASP J 40 -7.70 -31.45 -5.69
C ASP J 40 -6.24 -31.68 -6.08
N PHE J 41 -5.36 -31.77 -5.08
CA PHE J 41 -3.93 -31.88 -5.28
C PHE J 41 -3.43 -33.23 -4.78
N LYS J 42 -2.51 -33.84 -5.51
CA LYS J 42 -1.99 -35.14 -5.14
C LYS J 42 -0.61 -35.35 -5.75
N ASP J 43 0.17 -36.21 -5.10
CA ASP J 43 1.37 -36.83 -5.67
C ASP J 43 2.39 -35.77 -6.11
N ARG J 44 2.96 -35.11 -5.12
CA ARG J 44 4.08 -34.19 -5.32
C ARG J 44 3.68 -32.99 -6.17
N VAL J 45 2.72 -32.23 -5.65
CA VAL J 45 2.24 -31.01 -6.29
C VAL J 45 2.44 -29.86 -5.31
N GLN J 46 3.23 -28.87 -5.73
CA GLN J 46 3.46 -27.66 -4.93
C GLN J 46 2.88 -26.48 -5.67
N SER J 47 2.01 -25.72 -5.00
CA SER J 47 1.27 -24.64 -5.64
C SER J 47 1.46 -23.35 -4.85
N LYS J 48 1.25 -22.24 -5.56
CA LYS J 48 1.31 -20.90 -4.97
C LYS J 48 0.16 -20.11 -5.58
N ILE J 49 -0.94 -20.02 -4.84
CA ILE J 49 -2.18 -19.43 -5.33
C ILE J 49 -2.39 -18.12 -4.57
N GLY J 50 -2.07 -17.00 -5.22
CA GLY J 50 -2.31 -15.71 -4.63
C GLY J 50 -1.10 -15.23 -3.85
N SER J 51 -0.34 -14.31 -4.43
CA SER J 51 0.89 -13.88 -3.77
C SER J 51 1.28 -12.51 -4.28
N LEU J 52 1.74 -11.67 -3.36
CA LEU J 52 2.32 -10.37 -3.68
C LEU J 52 3.60 -10.29 -2.84
N ASP J 53 4.69 -10.81 -3.40
CA ASP J 53 5.90 -11.04 -2.65
C ASP J 53 7.06 -10.23 -3.22
N ASN J 54 7.86 -9.66 -2.33
CA ASN J 54 9.03 -8.89 -2.70
C ASN J 54 10.25 -9.49 -2.01
N ILE J 55 11.31 -9.74 -2.78
CA ILE J 55 12.53 -10.33 -2.25
C ILE J 55 13.72 -9.53 -2.77
N THR J 56 14.66 -9.25 -1.89
CA THR J 56 15.91 -8.56 -2.22
C THR J 56 17.05 -9.47 -1.79
N HIS J 57 17.48 -10.34 -2.70
CA HIS J 57 18.55 -11.30 -2.43
C HIS J 57 19.86 -10.70 -2.90
N VAL J 58 20.71 -10.32 -1.94
CA VAL J 58 21.97 -9.65 -2.25
C VAL J 58 23.09 -10.39 -1.52
N PRO J 59 23.45 -11.60 -1.95
CA PRO J 59 24.53 -12.32 -1.27
C PRO J 59 25.89 -11.95 -1.83
N GLY J 60 26.81 -11.51 -0.97
CA GLY J 60 28.16 -11.27 -1.43
C GLY J 60 28.85 -12.60 -1.67
N GLY J 61 28.95 -12.98 -2.94
CA GLY J 61 29.45 -14.29 -3.29
C GLY J 61 28.31 -15.27 -3.47
N GLY J 62 27.98 -15.58 -4.71
CA GLY J 62 26.96 -16.57 -4.99
C GLY J 62 27.50 -17.65 -5.91
N ASN J 63 27.61 -18.87 -5.38
CA ASN J 63 28.23 -19.96 -6.13
C ASN J 63 27.62 -21.27 -5.67
N LYS J 64 27.02 -22.00 -6.62
CA LYS J 64 26.42 -23.29 -6.31
C LYS J 64 27.01 -24.34 -7.25
N LYS J 65 27.57 -25.40 -6.67
CA LYS J 65 28.21 -26.47 -7.42
C LYS J 65 27.46 -27.75 -7.14
N ILE J 66 26.87 -28.33 -8.18
CA ILE J 66 26.03 -29.52 -8.07
C ILE J 66 26.72 -30.68 -8.79
N GLU J 67 26.82 -31.82 -8.10
CA GLU J 67 27.38 -33.04 -8.66
C GLU J 67 26.45 -34.19 -8.30
N THR J 68 26.00 -34.92 -9.32
CA THR J 68 25.09 -36.04 -9.13
C THR J 68 25.76 -37.30 -9.67
N HIS J 69 26.42 -38.04 -8.77
CA HIS J 69 27.03 -39.31 -9.15
C HIS J 69 26.00 -40.43 -9.01
N LYS J 70 25.94 -41.30 -10.01
CA LYS J 70 24.99 -42.40 -10.00
C LYS J 70 25.66 -43.64 -10.58
N LEU J 71 25.16 -44.80 -10.18
CA LEU J 71 25.69 -46.07 -10.66
C LEU J 71 24.67 -47.16 -10.35
N THR J 72 24.31 -47.92 -11.39
CA THR J 72 23.24 -48.90 -11.27
C THR J 72 23.68 -50.20 -11.94
N PHE J 73 23.10 -51.31 -11.49
CA PHE J 73 23.38 -52.62 -12.04
C PHE J 73 22.12 -53.30 -12.55
N VAL K 1 -31.08 60.08 -2.08
CA VAL K 1 -30.76 58.77 -2.65
C VAL K 1 -31.52 57.68 -1.91
N GLN K 2 -32.02 56.70 -2.66
CA GLN K 2 -32.79 55.60 -2.10
C GLN K 2 -32.27 54.28 -2.67
N ILE K 3 -32.18 53.27 -1.82
CA ILE K 3 -31.70 51.94 -2.20
C ILE K 3 -32.65 50.91 -1.60
N VAL K 4 -32.99 49.90 -2.41
CA VAL K 4 -33.84 48.81 -1.97
C VAL K 4 -33.16 47.50 -2.37
N TYR K 5 -33.19 46.52 -1.46
CA TYR K 5 -32.52 45.24 -1.68
C TYR K 5 -33.39 44.16 -1.03
N LYS K 6 -34.26 43.56 -1.83
CA LYS K 6 -35.22 42.56 -1.35
C LYS K 6 -35.21 41.36 -2.29
N PRO K 7 -34.09 40.62 -2.33
CA PRO K 7 -34.06 39.39 -3.12
C PRO K 7 -34.81 38.27 -2.39
N VAL K 8 -35.72 37.62 -3.11
CA VAL K 8 -36.53 36.55 -2.56
C VAL K 8 -36.07 35.23 -3.16
N ASP K 9 -35.85 34.24 -2.30
CA ASP K 9 -35.42 32.93 -2.73
C ASP K 9 -36.30 31.87 -2.08
N LEU K 10 -36.74 30.91 -2.88
CA LEU K 10 -37.55 29.79 -2.39
C LEU K 10 -37.19 28.58 -3.24
N SER K 11 -36.21 27.80 -2.77
CA SER K 11 -35.65 26.70 -3.54
C SER K 11 -35.64 25.44 -2.69
N LYS K 12 -35.92 24.30 -3.32
CA LYS K 12 -35.89 23.00 -2.66
C LYS K 12 -34.88 22.13 -3.39
N VAL K 13 -33.74 21.89 -2.76
CA VAL K 13 -32.70 21.02 -3.31
C VAL K 13 -32.98 19.63 -2.75
N THR K 14 -33.86 18.90 -3.43
CA THR K 14 -34.30 17.59 -2.95
C THR K 14 -33.30 16.51 -3.36
N SER K 15 -33.28 15.44 -2.56
CA SER K 15 -32.41 14.29 -2.85
C SER K 15 -33.09 13.05 -2.27
N LYS K 16 -33.60 12.20 -3.15
CA LYS K 16 -34.27 10.95 -2.77
C LYS K 16 -33.50 9.77 -3.32
N CYS K 17 -33.25 8.78 -2.47
CA CYS K 17 -32.61 7.54 -2.89
C CYS K 17 -33.20 6.39 -2.09
N GLY K 18 -33.36 5.25 -2.74
CA GLY K 18 -33.89 4.07 -2.08
C GLY K 18 -32.87 3.40 -1.19
N SER K 19 -31.73 3.02 -1.77
CA SER K 19 -30.66 2.38 -1.01
C SER K 19 -29.38 2.43 -1.83
N LEU K 20 -28.29 2.91 -1.22
CA LEU K 20 -27.04 3.05 -1.93
C LEU K 20 -26.56 1.69 -2.42
N GLY K 21 -26.18 0.81 -1.50
CA GLY K 21 -25.80 -0.54 -1.81
C GLY K 21 -24.43 -0.86 -1.28
N ASN K 22 -23.83 -1.90 -1.85
CA ASN K 22 -22.55 -2.43 -1.38
C ASN K 22 -21.43 -1.67 -2.09
N ILE K 23 -20.77 -0.79 -1.36
CA ILE K 23 -19.68 0.01 -1.89
C ILE K 23 -18.37 -0.47 -1.29
N HIS K 24 -17.40 -0.76 -2.15
CA HIS K 24 -16.12 -1.31 -1.73
C HIS K 24 -14.99 -0.41 -2.22
N HIS K 25 -14.01 -0.18 -1.35
CA HIS K 25 -12.85 0.64 -1.65
C HIS K 25 -11.63 -0.08 -1.12
N LYS K 26 -10.91 -0.76 -2.02
CA LYS K 26 -9.78 -1.61 -1.66
C LYS K 26 -8.56 -1.18 -2.44
N PRO K 27 -7.96 -0.06 -2.08
CA PRO K 27 -6.75 0.39 -2.78
C PRO K 27 -5.50 -0.35 -2.32
N GLY K 28 -4.55 -0.45 -3.24
CA GLY K 28 -3.26 -1.03 -2.94
C GLY K 28 -2.21 0.03 -2.69
N GLY K 29 -1.55 -0.03 -1.54
CA GLY K 29 -0.60 0.98 -1.16
C GLY K 29 0.55 1.15 -2.13
N GLY K 30 0.77 2.37 -2.59
CA GLY K 30 1.87 2.69 -3.47
C GLY K 30 3.07 3.23 -2.73
N GLN K 31 3.84 4.07 -3.43
CA GLN K 31 5.04 4.66 -2.86
C GLN K 31 5.19 6.09 -3.35
N VAL K 32 5.53 6.98 -2.43
CA VAL K 32 5.68 8.40 -2.71
C VAL K 32 7.00 8.87 -2.12
N GLU K 33 7.73 9.69 -2.88
CA GLU K 33 9.01 10.22 -2.43
C GLU K 33 9.11 11.66 -2.90
N VAL K 34 9.33 12.58 -1.95
CA VAL K 34 9.51 13.99 -2.23
C VAL K 34 10.82 14.46 -1.61
N LYS K 35 11.59 15.22 -2.37
CA LYS K 35 12.90 15.69 -1.92
C LYS K 35 13.01 17.18 -2.26
N SER K 36 13.17 18.01 -1.22
CA SER K 36 13.35 19.44 -1.37
C SER K 36 14.45 19.90 -0.43
N GLU K 37 14.80 21.18 -0.54
CA GLU K 37 15.83 21.79 0.31
C GLU K 37 15.28 22.92 1.16
N LYS K 38 14.63 23.91 0.55
CA LYS K 38 14.16 25.09 1.28
C LYS K 38 12.72 25.38 0.91
N LEU K 39 11.93 25.76 1.91
CA LEU K 39 10.54 26.15 1.74
C LEU K 39 10.32 27.51 2.37
N ASP K 40 9.68 28.41 1.61
CA ASP K 40 9.38 29.76 2.08
C ASP K 40 7.94 30.07 1.69
N PHE K 41 7.04 30.01 2.68
CA PHE K 41 5.61 30.17 2.45
C PHE K 41 5.12 31.42 3.17
N LYS K 42 4.22 32.16 2.51
CA LYS K 42 3.70 33.39 3.08
C LYS K 42 2.34 33.71 2.47
N ASP K 43 1.54 34.47 3.24
CA ASP K 43 0.37 35.19 2.75
C ASP K 43 -0.64 34.24 2.10
N ARG K 44 -1.25 33.42 2.96
CA ARG K 44 -2.37 32.56 2.57
C ARG K 44 -1.95 31.53 1.53
N VAL K 45 -1.02 30.68 1.95
CA VAL K 45 -0.53 29.56 1.13
C VAL K 45 -0.77 28.27 1.89
N GLN K 46 -1.55 27.38 1.30
CA GLN K 46 -1.82 26.06 1.87
C GLN K 46 -1.23 25.00 0.96
N SER K 47 -0.39 24.14 1.52
CA SER K 47 0.36 23.17 0.74
C SER K 47 0.14 21.76 1.28
N LYS K 48 0.36 20.78 0.41
CA LYS K 48 0.26 19.37 0.76
C LYS K 48 1.43 18.66 0.07
N ILE K 49 2.51 18.44 0.81
CA ILE K 49 3.75 17.93 0.27
C ILE K 49 3.93 16.51 0.80
N GLY K 50 3.62 15.52 -0.04
CA GLY K 50 3.83 14.14 0.33
C GLY K 50 2.59 13.55 1.00
N SER K 51 1.83 12.77 0.25
CA SER K 51 0.58 12.24 0.78
C SER K 51 0.21 10.98 0.04
N LEU K 52 -0.30 10.01 0.79
CA LEU K 52 -0.89 8.77 0.25
C LEU K 52 -2.18 8.58 1.02
N ASP K 53 -3.25 9.20 0.53
CA ASP K 53 -4.49 9.33 1.27
C ASP K 53 -5.63 8.64 0.54
N ASN K 54 -6.46 7.94 1.30
CA ASN K 54 -7.63 7.25 0.77
C ASN K 54 -8.86 7.75 1.52
N ILE K 55 -9.89 8.14 0.77
CA ILE K 55 -11.12 8.65 1.36
C ILE K 55 -12.30 7.97 0.67
N THR K 56 -13.28 7.56 1.47
CA THR K 56 -14.52 6.95 0.99
C THR K 56 -15.67 7.79 1.53
N HIS K 57 -16.06 8.81 0.78
CA HIS K 57 -17.13 9.73 1.17
C HIS K 57 -18.43 9.22 0.56
N VAL K 58 -19.31 8.71 1.41
CA VAL K 58 -20.58 8.12 0.96
C VAL K 58 -21.70 8.74 1.77
N PRO K 59 -22.04 10.00 1.55
CA PRO K 59 -23.13 10.62 2.30
C PRO K 59 -24.48 10.37 1.64
N GLY K 60 -25.42 9.80 2.39
CA GLY K 60 -26.76 9.66 1.86
C GLY K 60 -27.44 11.02 1.83
N GLY K 61 -27.50 11.61 0.64
CA GLY K 61 -27.97 12.97 0.50
C GLY K 61 -26.82 13.94 0.52
N GLY K 62 -26.44 14.45 -0.64
CA GLY K 62 -25.40 15.46 -0.73
C GLY K 62 -25.90 16.68 -1.45
N ASN K 63 -26.02 17.81 -0.75
CA ASN K 63 -26.61 19.00 -1.31
C ASN K 63 -26.01 20.22 -0.63
N LYS K 64 -25.38 21.09 -1.41
CA LYS K 64 -24.77 22.31 -0.89
C LYS K 64 -25.32 23.50 -1.65
N LYS K 65 -25.89 24.45 -0.93
CA LYS K 65 -26.50 25.64 -1.50
C LYS K 65 -25.73 26.86 -0.99
N ILE K 66 -25.11 27.60 -1.90
CA ILE K 66 -24.27 28.73 -1.56
C ILE K 66 -24.92 30.00 -2.10
N GLU K 67 -25.03 31.01 -1.23
CA GLU K 67 -25.57 32.32 -1.60
C GLU K 67 -24.63 33.37 -1.03
N THR K 68 -24.15 34.27 -1.89
CA THR K 68 -23.23 35.33 -1.50
C THR K 68 -23.87 36.66 -1.83
N HIS K 69 -24.56 37.26 -0.85
CA HIS K 69 -25.14 38.58 -1.01
C HIS K 69 -24.11 39.64 -0.66
N LYS K 70 -24.01 40.67 -1.50
CA LYS K 70 -23.05 41.74 -1.28
C LYS K 70 -23.69 43.06 -1.66
N LEU K 71 -23.20 44.14 -1.06
CA LEU K 71 -23.69 45.47 -1.34
C LEU K 71 -22.67 46.49 -0.82
N THR K 72 -22.27 47.40 -1.70
CA THR K 72 -21.21 48.35 -1.40
C THR K 72 -21.61 49.74 -1.85
N PHE K 73 -21.02 50.75 -1.20
CA PHE K 73 -21.30 52.14 -1.54
C PHE K 73 -20.00 52.87 -1.89
N VAL L 1 32.07 -61.25 -8.93
CA VAL L 1 31.77 -59.87 -9.27
C VAL L 1 32.52 -58.92 -8.34
N GLN L 2 33.04 -57.83 -8.90
CA GLN L 2 33.80 -56.85 -8.14
C GLN L 2 33.31 -55.46 -8.51
N ILE L 3 33.19 -54.60 -7.49
CA ILE L 3 32.74 -53.22 -7.66
C ILE L 3 33.66 -52.31 -6.87
N VAL L 4 34.03 -51.18 -7.48
CA VAL L 4 34.87 -50.18 -6.84
C VAL L 4 34.22 -48.82 -7.04
N TYR L 5 34.22 -48.02 -5.98
CA TYR L 5 33.57 -46.70 -6.00
C TYR L 5 34.41 -45.76 -5.16
N LYS L 6 35.32 -45.04 -5.81
CA LYS L 6 36.27 -44.15 -5.15
C LYS L 6 36.29 -42.81 -5.87
N PRO L 7 35.19 -42.07 -5.83
CA PRO L 7 35.18 -40.71 -6.39
C PRO L 7 35.91 -39.74 -5.47
N VAL L 8 36.85 -38.99 -6.04
CA VAL L 8 37.65 -38.03 -5.30
C VAL L 8 37.21 -36.62 -5.69
N ASP L 9 36.97 -35.79 -4.68
CA ASP L 9 36.55 -34.41 -4.89
C ASP L 9 37.42 -33.50 -4.05
N LEU L 10 37.90 -32.42 -4.66
CA LEU L 10 38.69 -31.41 -3.98
C LEU L 10 38.36 -30.07 -4.61
N SER L 11 37.38 -29.37 -4.06
CA SER L 11 36.85 -28.15 -4.64
C SER L 11 36.81 -27.05 -3.59
N LYS L 12 37.11 -25.82 -4.01
CA LYS L 12 37.08 -24.65 -3.16
C LYS L 12 36.10 -23.65 -3.76
N VAL L 13 34.93 -23.52 -3.12
CA VAL L 13 33.91 -22.56 -3.56
C VAL L 13 34.18 -21.29 -2.76
N THR L 14 35.09 -20.45 -3.28
CA THR L 14 35.51 -19.26 -2.58
C THR L 14 34.54 -18.11 -2.82
N SER L 15 34.50 -17.18 -1.87
CA SER L 15 33.65 -15.99 -1.97
C SER L 15 34.31 -14.88 -1.18
N LYS L 16 34.85 -13.90 -1.89
CA LYS L 16 35.51 -12.74 -1.29
C LYS L 16 34.76 -11.47 -1.66
N CYS L 17 34.50 -10.64 -0.66
CA CYS L 17 33.88 -9.34 -0.89
C CYS L 17 34.45 -8.34 0.11
N GLY L 18 34.64 -7.11 -0.34
CA GLY L 18 35.14 -6.07 0.53
C GLY L 18 34.09 -5.54 1.48
N SER L 19 32.98 -5.06 0.94
CA SER L 19 31.89 -4.55 1.76
C SER L 19 30.64 -4.45 0.91
N LEU L 20 29.54 -5.01 1.40
CA LEU L 20 28.30 -5.02 0.64
C LEU L 20 27.83 -3.59 0.37
N GLY L 21 27.44 -2.88 1.43
CA GLY L 21 27.08 -1.48 1.32
C GLY L 21 25.69 -1.24 1.86
N ASN L 22 25.12 -0.11 1.46
CA ASN L 22 23.82 0.34 1.97
C ASN L 22 22.72 -0.28 1.10
N ILE L 23 22.03 -1.26 1.67
CA ILE L 23 20.97 -1.95 0.97
C ILE L 23 19.64 -1.56 1.61
N HIS L 24 18.69 -1.13 0.78
CA HIS L 24 17.40 -0.65 1.24
C HIS L 24 16.29 -1.44 0.58
N HIS L 25 15.28 -1.79 1.36
CA HIS L 25 14.13 -2.55 0.89
C HIS L 25 12.88 -1.90 1.50
N LYS L 26 12.20 -1.09 0.70
CA LYS L 26 11.06 -0.29 1.18
C LYS L 26 9.86 -0.57 0.29
N PRO L 27 9.25 -1.74 0.45
CA PRO L 27 8.06 -2.05 -0.34
C PRO L 27 6.80 -1.38 0.19
N GLY L 28 5.88 -1.13 -0.73
CA GLY L 28 4.58 -0.58 -0.38
C GLY L 28 3.52 -1.67 -0.34
N GLY L 29 2.82 -1.78 0.79
CA GLY L 29 1.86 -2.85 0.97
C GLY L 29 0.74 -2.83 -0.05
N GLY L 30 0.53 -3.96 -0.71
CA GLY L 30 -0.54 -4.12 -1.67
C GLY L 30 -1.77 -4.77 -1.07
N GLN L 31 -2.52 -5.47 -1.92
CA GLN L 31 -3.74 -6.12 -1.50
C GLN L 31 -3.88 -7.46 -2.21
N VAL L 32 -4.26 -8.48 -1.46
CA VAL L 32 -4.41 -9.84 -1.99
C VAL L 32 -5.74 -10.39 -1.52
N GLU L 33 -6.46 -11.05 -2.43
CA GLU L 33 -7.75 -11.64 -2.12
C GLU L 33 -7.85 -12.99 -2.81
N VAL L 34 -8.10 -14.04 -2.04
CA VAL L 34 -8.27 -15.39 -2.57
C VAL L 34 -9.60 -15.93 -2.07
N LYS L 35 -10.36 -16.56 -2.97
CA LYS L 35 -11.68 -17.10 -2.65
C LYS L 35 -11.79 -18.49 -3.22
N SER L 36 -11.98 -19.48 -2.35
CA SER L 36 -12.16 -20.87 -2.74
C SER L 36 -13.30 -21.47 -1.93
N GLU L 37 -13.65 -22.71 -2.27
CA GLU L 37 -14.70 -23.44 -1.56
C GLU L 37 -14.18 -24.70 -0.88
N LYS L 38 -13.53 -25.58 -1.63
CA LYS L 38 -13.09 -26.86 -1.10
C LYS L 38 -11.63 -27.11 -1.47
N LEU L 39 -10.88 -27.66 -0.52
CA LEU L 39 -9.49 -28.02 -0.71
C LEU L 39 -9.29 -29.48 -0.32
N ASP L 40 -8.63 -30.25 -1.19
CA ASP L 40 -8.36 -31.66 -0.95
C ASP L 40 -6.90 -31.91 -1.35
N PHE L 41 -6.03 -32.02 -0.34
CA PHE L 41 -4.60 -32.16 -0.54
C PHE L 41 -4.14 -33.52 -0.03
N LYS L 42 -3.22 -34.14 -0.77
CA LYS L 42 -2.73 -35.46 -0.40
C LYS L 42 -1.35 -35.69 -1.02
N ASP L 43 -0.59 -36.57 -0.36
CA ASP L 43 0.60 -37.21 -0.93
C ASP L 43 1.64 -36.17 -1.38
N ARG L 44 2.22 -35.51 -0.39
CA ARG L 44 3.36 -34.61 -0.58
C ARG L 44 2.97 -33.42 -1.45
N VAL L 45 2.03 -32.64 -0.92
CA VAL L 45 1.58 -31.41 -1.56
C VAL L 45 1.81 -30.27 -0.59
N GLN L 46 2.61 -29.28 -0.99
CA GLN L 46 2.87 -28.09 -0.21
C GLN L 46 2.31 -26.88 -0.94
N SER L 47 1.45 -26.12 -0.27
CA SER L 47 0.73 -25.02 -0.90
C SER L 47 0.95 -23.73 -0.12
N LYS L 48 0.76 -22.62 -0.83
CA LYS L 48 0.85 -21.29 -0.24
C LYS L 48 -0.30 -20.47 -0.84
N ILE L 49 -1.40 -20.36 -0.10
CA ILE L 49 -2.61 -19.74 -0.59
C ILE L 49 -2.80 -18.43 0.17
N GLY L 50 -2.47 -17.32 -0.49
CA GLY L 50 -2.67 -16.02 0.11
C GLY L 50 -1.46 -15.57 0.89
N SER L 51 -0.67 -14.67 0.31
CA SER L 51 0.56 -14.26 0.96
C SER L 51 0.97 -12.89 0.45
N LEU L 52 1.45 -12.06 1.38
CA LEU L 52 2.06 -10.76 1.06
C LEU L 52 3.34 -10.71 1.90
N ASP L 53 4.42 -11.25 1.34
CA ASP L 53 5.64 -11.51 2.08
C ASP L 53 6.80 -10.73 1.50
N ASN L 54 7.61 -10.16 2.40
CA ASN L 54 8.80 -9.41 2.03
C ASN L 54 10.00 -10.04 2.72
N ILE L 55 11.05 -10.31 1.95
CA ILE L 55 12.26 -10.93 2.47
C ILE L 55 13.46 -10.16 1.94
N THR L 56 14.43 -9.90 2.83
CA THR L 56 15.68 -9.23 2.50
C THR L 56 16.81 -10.15 2.92
N HIS L 57 17.21 -11.04 2.02
CA HIS L 57 18.26 -12.01 2.28
C HIS L 57 19.59 -11.43 1.81
N VAL L 58 20.44 -11.06 2.76
CA VAL L 58 21.72 -10.44 2.46
C VAL L 58 22.82 -11.19 3.18
N PRO L 59 23.16 -12.40 2.76
CA PRO L 59 24.23 -13.14 3.42
C PRO L 59 25.60 -12.80 2.87
N GLY L 60 26.52 -12.38 3.72
CA GLY L 60 27.87 -12.16 3.27
C GLY L 60 28.54 -13.50 3.03
N GLY L 61 28.64 -13.89 1.76
CA GLY L 61 29.12 -15.21 1.41
C GLY L 61 27.95 -16.16 1.23
N GLY L 62 27.61 -16.47 -0.02
CA GLY L 62 26.58 -17.43 -0.29
C GLY L 62 27.09 -18.53 -1.21
N ASN L 63 27.18 -19.75 -0.69
CA ASN L 63 27.78 -20.85 -1.43
C ASN L 63 27.14 -22.15 -0.98
N LYS L 64 26.53 -22.87 -1.91
CA LYS L 64 25.91 -24.15 -1.61
C LYS L 64 26.46 -25.20 -2.56
N LYS L 65 27.02 -26.27 -1.98
CA LYS L 65 27.63 -27.35 -2.73
C LYS L 65 26.85 -28.63 -2.45
N ILE L 66 26.26 -29.20 -3.48
CA ILE L 66 25.40 -30.38 -3.37
C ILE L 66 26.06 -31.54 -4.08
N GLU L 67 26.14 -32.68 -3.41
CA GLU L 67 26.68 -33.91 -3.97
C GLU L 67 25.72 -35.04 -3.61
N THR L 68 25.26 -35.77 -4.62
CA THR L 68 24.32 -36.87 -4.43
C THR L 68 24.98 -38.14 -4.97
N HIS L 69 25.62 -38.90 -4.08
CA HIS L 69 26.20 -40.17 -4.46
C HIS L 69 25.16 -41.27 -4.32
N LYS L 70 25.08 -42.15 -5.31
CA LYS L 70 24.11 -43.23 -5.31
C LYS L 70 24.75 -44.47 -5.88
N LEU L 71 24.24 -45.63 -5.49
CA LEU L 71 24.74 -46.91 -5.97
C LEU L 71 23.69 -47.97 -5.66
N THR L 72 23.31 -48.74 -6.68
CA THR L 72 22.23 -49.70 -6.58
C THR L 72 22.64 -51.01 -7.24
N PHE L 73 22.04 -52.10 -6.79
CA PHE L 73 22.31 -53.42 -7.35
C PHE L 73 21.02 -54.07 -7.85
N VAL M 1 -30.00 60.29 2.71
CA VAL M 1 -29.71 58.98 2.15
C VAL M 1 -30.48 57.91 2.89
N GLN M 2 -31.00 56.94 2.14
CA GLN M 2 -31.79 55.85 2.69
C GLN M 2 -31.30 54.53 2.12
N ILE M 3 -31.23 53.51 2.98
CA ILE M 3 -30.77 52.18 2.59
C ILE M 3 -31.74 51.16 3.19
N VAL M 4 -32.10 50.17 2.40
CA VAL M 4 -32.97 49.08 2.83
C VAL M 4 -32.32 47.75 2.43
N TYR M 5 -32.37 46.78 3.34
CA TYR M 5 -31.72 45.49 3.12
C TYR M 5 -32.61 44.43 3.77
N LYS M 6 -33.50 43.84 2.97
CA LYS M 6 -34.47 42.86 3.45
C LYS M 6 -34.49 41.66 2.52
N PRO M 7 -33.38 40.90 2.47
CA PRO M 7 -33.37 39.66 1.68
C PRO M 7 -34.14 38.56 2.40
N VAL M 8 -35.07 37.93 1.69
CA VAL M 8 -35.90 36.87 2.24
C VAL M 8 -35.46 35.54 1.64
N ASP M 9 -35.26 34.55 2.50
CA ASP M 9 -34.85 33.23 2.07
C ASP M 9 -35.75 32.20 2.72
N LEU M 10 -36.21 31.24 1.92
CA LEU M 10 -37.05 30.14 2.41
C LEU M 10 -36.70 28.92 1.56
N SER M 11 -35.74 28.12 2.03
CA SER M 11 -35.21 27.01 1.26
C SER M 11 -35.21 25.75 2.11
N LYS M 12 -35.52 24.63 1.48
CA LYS M 12 -35.52 23.32 2.14
C LYS M 12 -34.53 22.42 1.40
N VAL M 13 -33.38 22.17 2.04
CA VAL M 13 -32.36 21.28 1.48
C VAL M 13 -32.66 19.89 2.04
N THR M 14 -33.55 19.17 1.37
CA THR M 14 -34.02 17.88 1.85
C THR M 14 -33.05 16.78 1.44
N SER M 15 -33.05 15.70 2.23
CA SER M 15 -32.20 14.54 1.96
C SER M 15 -32.91 13.32 2.53
N LYS M 16 -33.43 12.47 1.64
CA LYS M 16 -34.12 11.24 2.03
C LYS M 16 -33.37 10.04 1.47
N CYS M 17 -33.14 9.05 2.33
CA CYS M 17 -32.53 7.80 1.90
C CYS M 17 -33.14 6.66 2.70
N GLY M 18 -33.33 5.51 2.05
CA GLY M 18 -33.87 4.35 2.72
C GLY M 18 -32.85 3.66 3.60
N SER M 19 -31.73 3.26 3.02
CA SER M 19 -30.67 2.61 3.77
C SER M 19 -29.39 2.63 2.95
N LEU M 20 -28.30 3.09 3.56
CA LEU M 20 -27.03 3.20 2.85
C LEU M 20 -26.59 1.83 2.36
N GLY M 21 -26.23 0.95 3.29
CA GLY M 21 -25.87 -0.41 2.96
C GLY M 21 -24.50 -0.76 3.50
N ASN M 22 -23.92 -1.81 2.94
CA ASN M 22 -22.65 -2.37 3.39
C ASN M 22 -21.53 -1.63 2.68
N ILE M 23 -20.84 -0.76 3.42
CA ILE M 23 -19.74 0.03 2.88
C ILE M 23 -18.44 -0.49 3.48
N HIS M 24 -17.48 -0.79 2.63
CA HIS M 24 -16.21 -1.36 3.03
C HIS M 24 -15.06 -0.48 2.55
N HIS M 25 -14.07 -0.29 3.41
CA HIS M 25 -12.90 0.53 3.10
C HIS M 25 -11.69 -0.22 3.63
N LYS M 26 -10.99 -0.91 2.73
CA LYS M 26 -9.88 -1.80 3.10
C LYS M 26 -8.64 -1.38 2.31
N PRO M 27 -8.02 -0.26 2.67
CA PRO M 27 -6.80 0.16 1.98
C PRO M 27 -5.57 -0.61 2.43
N GLY M 28 -4.62 -0.72 1.51
CA GLY M 28 -3.33 -1.33 1.80
C GLY M 28 -2.28 -0.29 2.05
N GLY M 29 -1.61 -0.37 3.20
CA GLY M 29 -0.64 0.63 3.58
C GLY M 29 0.51 0.77 2.61
N GLY M 30 0.75 2.00 2.16
CA GLY M 30 1.85 2.30 1.26
C GLY M 30 3.06 2.82 2.01
N GLN M 31 3.85 3.64 1.30
CA GLN M 31 5.06 4.20 1.87
C GLN M 31 5.23 5.62 1.39
N VAL M 32 5.59 6.52 2.31
CA VAL M 32 5.78 7.93 2.02
C VAL M 32 7.11 8.38 2.62
N GLU M 33 7.85 9.17 1.86
CA GLU M 33 9.14 9.69 2.30
C GLU M 33 9.27 11.13 1.84
N VAL M 34 9.51 12.04 2.78
CA VAL M 34 9.71 13.45 2.49
C VAL M 34 11.02 13.89 3.12
N LYS M 35 11.81 14.64 2.35
CA LYS M 35 13.13 15.09 2.80
C LYS M 35 13.27 16.57 2.47
N SER M 36 13.44 17.39 3.50
CA SER M 36 13.64 18.82 3.36
C SER M 36 14.76 19.27 4.29
N GLU M 37 15.14 20.54 4.18
CA GLU M 37 16.17 21.12 5.03
C GLU M 37 15.65 22.26 5.88
N LYS M 38 15.02 23.27 5.27
CA LYS M 38 14.57 24.45 6.01
C LYS M 38 13.13 24.78 5.63
N LEU M 39 12.35 25.16 6.65
CA LEU M 39 10.97 25.58 6.47
C LEU M 39 10.78 26.95 7.09
N ASP M 40 10.15 27.86 6.35
CA ASP M 40 9.89 29.22 6.81
C ASP M 40 8.45 29.55 6.42
N PHE M 41 7.55 29.51 7.41
CA PHE M 41 6.12 29.70 7.19
C PHE M 41 5.65 30.96 7.90
N LYS M 42 4.77 31.72 7.25
CA LYS M 42 4.27 32.95 7.82
C LYS M 42 2.92 33.31 7.21
N ASP M 43 2.14 34.07 7.99
CA ASP M 43 0.99 34.81 7.49
C ASP M 43 -0.06 33.89 6.85
N ARG M 44 -0.67 33.08 7.70
CA ARG M 44 -1.81 32.23 7.33
C ARG M 44 -1.41 31.19 6.28
N VAL M 45 -0.49 30.33 6.69
CA VAL M 45 -0.04 29.20 5.88
C VAL M 45 -0.30 27.92 6.65
N GLN M 46 -1.10 27.04 6.05
CA GLN M 46 -1.39 25.73 6.62
C GLN M 46 -0.82 24.65 5.71
N SER M 47 0.01 23.78 6.27
CA SER M 47 0.74 22.79 5.48
C SER M 47 0.49 21.39 6.03
N LYS M 48 0.69 20.41 5.15
CA LYS M 48 0.57 19.00 5.51
C LYS M 48 1.72 18.27 4.82
N ILE M 49 2.80 18.04 5.55
CA ILE M 49 4.04 17.49 5.01
C ILE M 49 4.18 16.07 5.54
N GLY M 50 3.85 15.09 4.71
CA GLY M 50 4.03 13.70 5.08
C GLY M 50 2.79 13.14 5.73
N SER M 51 2.01 12.36 4.99
CA SER M 51 0.75 11.86 5.53
C SER M 51 0.35 10.61 4.78
N LEU M 52 -0.16 9.64 5.54
CA LEU M 52 -0.78 8.43 5.00
C LEU M 52 -2.08 8.26 5.77
N ASP M 53 -3.14 8.89 5.28
CA ASP M 53 -4.37 9.05 6.02
C ASP M 53 -5.52 8.38 5.28
N ASN M 54 -6.37 7.70 6.05
CA ASN M 54 -7.55 7.03 5.52
C ASN M 54 -8.76 7.56 6.27
N ILE M 55 -9.79 7.97 5.53
CA ILE M 55 -11.02 8.50 6.11
C ILE M 55 -12.21 7.84 5.44
N THR M 56 -13.19 7.45 6.24
CA THR M 56 -14.44 6.86 5.75
C THR M 56 -15.57 7.73 6.29
N HIS M 57 -15.94 8.75 5.54
CA HIS M 57 -17.00 9.69 5.93
C HIS M 57 -18.32 9.21 5.33
N VAL M 58 -19.20 8.70 6.18
CA VAL M 58 -20.47 8.15 5.73
C VAL M 58 -21.59 8.79 6.55
N PRO M 59 -21.90 10.06 6.32
CA PRO M 59 -22.99 10.69 7.07
C PRO M 59 -24.34 10.47 6.43
N GLY M 60 -25.29 9.92 7.17
CA GLY M 60 -26.63 9.81 6.64
C GLY M 60 -27.27 11.17 6.62
N GLY M 61 -27.34 11.76 5.43
CA GLY M 61 -27.79 13.13 5.29
C GLY M 61 -26.61 14.08 5.31
N GLY M 62 -26.22 14.59 4.14
CA GLY M 62 -25.17 15.58 4.05
C GLY M 62 -25.65 16.81 3.33
N ASN M 63 -25.74 17.93 4.03
CA ASN M 63 -26.32 19.14 3.47
C ASN M 63 -25.68 20.35 4.15
N LYS M 64 -25.04 21.21 3.37
CA LYS M 64 -24.40 22.41 3.89
C LYS M 64 -24.92 23.61 3.13
N LYS M 65 -25.48 24.58 3.87
CA LYS M 65 -26.07 25.79 3.29
C LYS M 65 -25.28 26.98 3.80
N ILE M 66 -24.64 27.70 2.88
CA ILE M 66 -23.79 28.83 3.22
C ILE M 66 -24.41 30.11 2.69
N GLU M 67 -24.50 31.12 3.55
CA GLU M 67 -25.02 32.44 3.18
C GLU M 67 -24.06 33.48 3.76
N THR M 68 -23.56 34.35 2.89
CA THR M 68 -22.62 35.40 3.28
C THR M 68 -23.24 36.75 2.96
N HIS M 69 -23.91 37.35 3.94
CA HIS M 69 -24.47 38.69 3.77
C HIS M 69 -23.42 39.73 4.13
N LYS M 70 -23.31 40.76 3.29
CA LYS M 70 -22.32 41.81 3.50
C LYS M 70 -22.94 43.14 3.12
N LEU M 71 -22.41 44.21 3.72
CA LEU M 71 -22.89 45.56 3.44
C LEU M 71 -21.85 46.54 3.95
N THR M 72 -21.43 47.46 3.08
CA THR M 72 -20.34 48.38 3.39
C THR M 72 -20.73 49.78 2.93
N PHE M 73 -20.13 50.77 3.58
CA PHE M 73 -20.37 52.17 3.24
C PHE M 73 -19.06 52.87 2.90
N VAL N 1 30.83 -62.21 -4.24
CA VAL N 1 30.55 -60.82 -4.59
C VAL N 1 31.32 -59.89 -3.66
N GLN N 2 31.86 -58.81 -4.21
CA GLN N 2 32.64 -57.84 -3.46
C GLN N 2 32.18 -56.44 -3.82
N ILE N 3 32.07 -55.58 -2.81
CA ILE N 3 31.64 -54.20 -2.98
C ILE N 3 32.59 -53.30 -2.20
N VAL N 4 32.99 -52.19 -2.80
CA VAL N 4 33.85 -51.19 -2.16
C VAL N 4 33.22 -49.83 -2.35
N TYR N 5 33.24 -49.01 -1.30
CA TYR N 5 32.60 -47.69 -1.32
C TYR N 5 33.48 -46.77 -0.47
N LYS N 6 34.40 -46.06 -1.14
CA LYS N 6 35.36 -45.19 -0.47
C LYS N 6 35.40 -43.85 -1.20
N PRO N 7 34.31 -43.08 -1.14
CA PRO N 7 34.32 -41.73 -1.71
C PRO N 7 35.08 -40.77 -0.79
N VAL N 8 36.04 -40.04 -1.36
CA VAL N 8 36.86 -39.09 -0.62
C VAL N 8 36.44 -37.68 -1.01
N ASP N 9 36.22 -36.85 0.00
CA ASP N 9 35.82 -35.46 -0.21
C ASP N 9 36.71 -34.56 0.63
N LEU N 10 37.20 -33.49 0.01
CA LEU N 10 38.02 -32.49 0.70
C LEU N 10 37.71 -31.14 0.07
N SER N 11 36.74 -30.44 0.62
CA SER N 11 36.25 -29.20 0.04
C SER N 11 36.22 -28.10 1.09
N LYS N 12 36.55 -26.89 0.67
CA LYS N 12 36.54 -25.71 1.53
C LYS N 12 35.57 -24.70 0.92
N VAL N 13 34.41 -24.54 1.56
CA VAL N 13 33.42 -23.55 1.13
C VAL N 13 33.70 -22.29 1.93
N THR N 14 34.62 -21.48 1.41
CA THR N 14 35.07 -20.28 2.11
C THR N 14 34.12 -19.13 1.86
N SER N 15 34.11 -18.19 2.82
CA SER N 15 33.27 -17.00 2.71
C SER N 15 33.96 -15.89 3.50
N LYS N 16 34.52 -14.91 2.79
CA LYS N 16 35.20 -13.78 3.39
C LYS N 16 34.48 -12.50 3.03
N CYS N 17 34.23 -11.65 4.03
CA CYS N 17 33.63 -10.34 3.80
C CYS N 17 34.22 -9.35 4.80
N GLY N 18 34.43 -8.13 4.34
CA GLY N 18 34.97 -7.10 5.22
C GLY N 18 33.92 -6.55 6.17
N SER N 19 32.82 -6.05 5.64
CA SER N 19 31.74 -5.51 6.46
C SER N 19 30.49 -5.39 5.61
N LEU N 20 29.38 -5.93 6.10
CA LEU N 20 28.14 -5.91 5.33
C LEU N 20 27.71 -4.48 5.07
N GLY N 21 27.32 -3.75 6.12
CA GLY N 21 26.98 -2.36 6.02
C GLY N 21 25.60 -2.09 6.56
N ASN N 22 25.05 -0.95 6.17
CA ASN N 22 23.76 -0.47 6.67
C ASN N 22 22.66 -1.07 5.81
N ILE N 23 21.95 -2.04 6.37
CA ILE N 23 20.86 -2.72 5.69
C ILE N 23 19.54 -2.29 6.32
N HIS N 24 18.60 -1.85 5.49
CA HIS N 24 17.33 -1.34 5.96
C HIS N 24 16.19 -2.10 5.30
N HIS N 25 15.18 -2.44 6.09
CA HIS N 25 14.01 -3.19 5.61
C HIS N 25 12.79 -2.51 6.22
N LYS N 26 12.11 -1.68 5.43
CA LYS N 26 10.99 -0.86 5.90
C LYS N 26 9.78 -1.12 5.02
N PRO N 27 9.15 -2.28 5.18
CA PRO N 27 7.95 -2.57 4.38
C PRO N 27 6.72 -1.86 4.92
N GLY N 28 5.79 -1.59 4.00
CA GLY N 28 4.50 -1.04 4.36
C GLY N 28 3.43 -2.10 4.39
N GLY N 29 2.72 -2.20 5.52
CA GLY N 29 1.75 -3.24 5.70
C GLY N 29 0.62 -3.21 4.69
N GLY N 30 0.39 -4.33 4.02
CA GLY N 30 -0.69 -4.47 3.07
C GLY N 30 -1.92 -5.10 3.67
N GLN N 31 -2.69 -5.78 2.82
CA GLN N 31 -3.92 -6.41 3.25
C GLN N 31 -4.08 -7.74 2.53
N VAL N 32 -4.48 -8.76 3.28
CA VAL N 32 -4.66 -10.11 2.76
C VAL N 32 -6.00 -10.64 3.23
N GLU N 33 -6.73 -11.29 2.32
CA GLU N 33 -8.04 -11.86 2.64
C GLU N 33 -8.16 -13.20 1.93
N VAL N 34 -8.44 -14.24 2.70
CA VAL N 34 -8.63 -15.59 2.19
C VAL N 34 -9.97 -16.12 2.68
N LYS N 35 -10.73 -16.71 1.78
CA LYS N 35 -12.07 -17.22 2.11
C LYS N 35 -12.20 -18.62 1.53
N SER N 36 -12.41 -19.61 2.41
CA SER N 36 -12.62 -20.99 2.02
C SER N 36 -13.76 -21.57 2.84
N GLU N 37 -14.15 -22.80 2.50
CA GLU N 37 -15.21 -23.51 3.20
C GLU N 37 -14.72 -24.79 3.87
N LYS N 38 -14.07 -25.68 3.12
CA LYS N 38 -13.66 -26.97 3.66
C LYS N 38 -12.21 -27.25 3.28
N LEU N 39 -11.46 -27.81 4.24
CA LEU N 39 -10.08 -28.20 4.04
C LEU N 39 -9.91 -29.66 4.43
N ASP N 40 -9.27 -30.43 3.56
CA ASP N 40 -9.02 -31.86 3.80
C ASP N 40 -7.57 -32.14 3.40
N PHE N 41 -6.71 -32.27 4.41
CA PHE N 41 -5.27 -32.43 4.21
C PHE N 41 -4.82 -33.79 4.71
N LYS N 42 -3.93 -34.44 3.97
CA LYS N 42 -3.46 -35.76 4.34
C LYS N 42 -2.08 -36.02 3.72
N ASP N 43 -1.33 -36.91 4.37
CA ASP N 43 -0.17 -37.57 3.79
C ASP N 43 0.89 -36.56 3.35
N ARG N 44 1.49 -35.91 4.35
CA ARG N 44 2.64 -35.03 4.15
C ARG N 44 2.28 -33.83 3.28
N VAL N 45 1.36 -33.03 3.81
CA VAL N 45 0.93 -31.79 3.18
C VAL N 45 1.17 -30.65 4.15
N GLN N 46 2.00 -29.69 3.74
CA GLN N 46 2.28 -28.50 4.53
C GLN N 46 1.74 -27.28 3.79
N SER N 47 0.90 -26.50 4.46
CA SER N 47 0.19 -25.39 3.84
C SER N 47 0.43 -24.11 4.61
N LYS N 48 0.27 -22.99 3.91
CA LYS N 48 0.39 -21.65 4.50
C LYS N 48 -0.74 -20.82 3.91
N ILE N 49 -1.84 -20.69 4.64
CA ILE N 49 -3.06 -20.05 4.16
C ILE N 49 -3.21 -18.73 4.91
N GLY N 50 -2.86 -17.63 4.26
CA GLY N 50 -3.04 -16.32 4.85
C GLY N 50 -1.82 -15.90 5.63
N SER N 51 -1.01 -15.01 5.06
CA SER N 51 0.23 -14.62 5.70
C SER N 51 0.67 -13.26 5.19
N LEU N 52 1.17 -12.45 6.11
CA LEU N 52 1.80 -11.16 5.79
C LEU N 52 3.07 -11.14 6.63
N ASP N 53 4.14 -11.69 6.06
CA ASP N 53 5.36 -11.98 6.81
C ASP N 53 6.53 -11.22 6.23
N ASN N 54 7.36 -10.67 7.12
CA ASN N 54 8.56 -9.94 6.75
C ASN N 54 9.75 -10.59 7.43
N ILE N 55 10.80 -10.89 6.67
CA ILE N 55 12.00 -11.52 7.19
C ILE N 55 13.22 -10.77 6.67
N THR N 56 14.18 -10.54 7.55
CA THR N 56 15.44 -9.88 7.21
C THR N 56 16.56 -10.83 7.64
N HIS N 57 16.95 -11.72 6.73
CA HIS N 57 17.97 -12.72 7.00
C HIS N 57 19.31 -12.16 6.52
N VAL N 58 20.17 -11.81 7.47
CA VAL N 58 21.46 -11.21 7.15
C VAL N 58 22.55 -11.98 7.89
N PRO N 59 22.86 -13.20 7.46
CA PRO N 59 23.92 -13.96 8.13
C PRO N 59 25.29 -13.65 7.57
N GLY N 60 26.22 -13.23 8.42
CA GLY N 60 27.58 -13.05 7.97
C GLY N 60 28.22 -14.40 7.72
N GLY N 61 28.32 -14.78 6.46
CA GLY N 61 28.76 -16.11 6.10
C GLY N 61 27.58 -17.05 5.93
N GLY N 62 27.23 -17.35 4.68
CA GLY N 62 26.17 -18.30 4.41
C GLY N 62 26.67 -19.40 3.49
N ASN N 63 26.74 -20.63 4.01
CA ASN N 63 27.31 -21.72 3.27
C ASN N 63 26.66 -23.02 3.72
N LYS N 64 26.03 -23.73 2.78
CA LYS N 64 25.38 -25.00 3.08
C LYS N 64 25.92 -26.06 2.14
N LYS N 65 26.44 -27.14 2.72
CA LYS N 65 27.05 -28.24 1.97
C LYS N 65 26.24 -29.50 2.25
N ILE N 66 25.63 -30.06 1.21
CA ILE N 66 24.75 -31.21 1.32
C ILE N 66 25.38 -32.39 0.60
N GLU N 67 25.44 -33.52 1.29
CA GLU N 67 25.97 -34.77 0.72
C GLU N 67 24.99 -35.88 1.09
N THR N 68 24.51 -36.60 0.08
CA THR N 68 23.55 -37.69 0.26
C THR N 68 24.18 -38.97 -0.28
N HIS N 69 24.81 -39.73 0.61
CA HIS N 69 25.37 -41.02 0.24
C HIS N 69 24.31 -42.11 0.39
N LYS N 70 24.21 -42.98 -0.61
CA LYS N 70 23.22 -44.04 -0.61
C LYS N 70 23.84 -45.30 -1.19
N LEU N 71 23.30 -46.44 -0.79
CA LEU N 71 23.78 -47.73 -1.27
C LEU N 71 22.71 -48.78 -0.96
N THR N 72 22.32 -49.53 -1.99
CA THR N 72 21.21 -50.47 -1.88
C THR N 72 21.61 -51.78 -2.54
N PHE N 73 20.98 -52.87 -2.09
CA PHE N 73 21.22 -54.19 -2.65
C PHE N 73 19.91 -54.81 -3.15
N VAL O 1 -28.91 60.49 7.51
CA VAL O 1 -28.64 59.18 6.94
C VAL O 1 -29.44 58.11 7.68
N GLN O 2 -29.98 57.15 6.94
CA GLN O 2 -30.78 56.08 7.49
C GLN O 2 -30.33 54.74 6.92
N ILE O 3 -30.26 53.72 7.78
CA ILE O 3 -29.84 52.39 7.39
C ILE O 3 -30.82 51.39 7.99
N VAL O 4 -31.21 50.39 7.20
CA VAL O 4 -32.09 49.32 7.63
C VAL O 4 -31.46 47.99 7.23
N TYR O 5 -31.53 47.02 8.14
CA TYR O 5 -30.91 45.71 7.91
C TYR O 5 -31.81 44.67 8.57
N LYS O 6 -32.72 44.11 7.77
CA LYS O 6 -33.71 43.15 8.25
C LYS O 6 -33.74 41.95 7.32
N PRO O 7 -32.66 41.17 7.27
CA PRO O 7 -32.68 39.92 6.48
C PRO O 7 -33.46 38.84 7.20
N VAL O 8 -34.40 38.22 6.49
CA VAL O 8 -35.25 37.18 7.04
C VAL O 8 -34.84 35.85 6.44
N ASP O 9 -34.66 34.85 7.30
CA ASP O 9 -34.27 33.52 6.87
C ASP O 9 -35.19 32.50 7.52
N LEU O 10 -35.68 31.56 6.72
CA LEU O 10 -36.52 30.47 7.21
C LEU O 10 -36.20 29.25 6.36
N SER O 11 -35.26 28.43 6.83
CA SER O 11 -34.75 27.30 6.06
C SER O 11 -34.77 26.05 6.91
N LYS O 12 -35.10 24.92 6.28
CA LYS O 12 -35.13 23.62 6.93
C LYS O 12 -34.16 22.71 6.20
N VAL O 13 -33.01 22.43 6.83
CA VAL O 13 -32.01 21.52 6.27
C VAL O 13 -32.34 20.14 6.84
N THR O 14 -33.25 19.45 6.16
CA THR O 14 -33.74 18.16 6.64
C THR O 14 -32.78 17.04 6.23
N SER O 15 -32.80 15.96 7.02
CA SER O 15 -31.98 14.79 6.75
C SER O 15 -32.70 13.58 7.32
N LYS O 16 -33.25 12.75 6.44
CA LYS O 16 -33.96 11.53 6.83
C LYS O 16 -33.23 10.31 6.27
N CYS O 17 -33.02 9.31 7.12
CA CYS O 17 -32.44 8.05 6.69
C CYS O 17 -33.06 6.92 7.49
N GLY O 18 -33.27 5.78 6.84
CA GLY O 18 -33.84 4.63 7.51
C GLY O 18 -32.84 3.92 8.39
N SER O 19 -31.72 3.50 7.81
CA SER O 19 -30.68 2.82 8.57
C SER O 19 -29.40 2.83 7.74
N LEU O 20 -28.29 3.26 8.35
CA LEU O 20 -27.03 3.36 7.62
C LEU O 20 -26.60 1.97 7.14
N GLY O 21 -26.26 1.09 8.07
CA GLY O 21 -25.93 -0.29 7.74
C GLY O 21 -24.57 -0.66 8.27
N ASN O 22 -24.01 -1.73 7.71
CA ASN O 22 -22.74 -2.30 8.16
C ASN O 22 -21.61 -1.58 7.44
N ILE O 23 -20.91 -0.73 8.19
CA ILE O 23 -19.79 0.04 7.66
C ILE O 23 -18.51 -0.50 8.25
N HIS O 24 -17.54 -0.82 7.39
CA HIS O 24 -16.29 -1.42 7.80
C HIS O 24 -15.13 -0.56 7.31
N HIS O 25 -14.14 -0.38 8.18
CA HIS O 25 -12.95 0.41 7.86
C HIS O 25 -11.74 -0.37 8.39
N LYS O 26 -11.06 -1.07 7.49
CA LYS O 26 -9.96 -1.96 7.85
C LYS O 26 -8.73 -1.58 7.06
N PRO O 27 -8.08 -0.47 7.42
CA PRO O 27 -6.85 -0.07 6.73
C PRO O 27 -5.64 -0.87 7.18
N GLY O 28 -4.69 -1.00 6.26
CA GLY O 28 -3.42 -1.63 6.55
C GLY O 28 -2.34 -0.60 6.80
N GLY O 29 -1.67 -0.70 7.95
CA GLY O 29 -0.69 0.29 8.32
C GLY O 29 0.47 0.40 7.35
N GLY O 30 0.73 1.62 6.89
CA GLY O 30 1.83 1.90 6.01
C GLY O 30 3.06 2.40 6.74
N GLN O 31 3.86 3.20 6.05
CA GLN O 31 5.08 3.74 6.60
C GLN O 31 5.28 5.16 6.12
N VAL O 32 5.66 6.04 7.04
CA VAL O 32 5.87 7.45 6.76
C VAL O 32 7.21 7.88 7.35
N GLU O 33 7.96 8.66 6.58
CA GLU O 33 9.26 9.15 7.03
C GLU O 33 9.42 10.59 6.56
N VAL O 34 9.68 11.49 7.51
CA VAL O 34 9.91 12.90 7.22
C VAL O 34 11.23 13.32 7.84
N LYS O 35 12.03 14.05 7.08
CA LYS O 35 13.36 14.47 7.53
C LYS O 35 13.52 15.95 7.19
N SER O 36 13.71 16.77 8.23
CA SER O 36 13.95 18.20 8.08
C SER O 36 15.08 18.62 9.01
N GLU O 37 15.47 19.88 8.90
CA GLU O 37 16.52 20.45 9.75
C GLU O 37 16.02 21.60 10.60
N LYS O 38 15.40 22.61 10.00
CA LYS O 38 14.98 23.81 10.73
C LYS O 38 13.55 24.16 10.35
N LEU O 39 12.78 24.56 11.37
CA LEU O 39 11.41 25.01 11.20
C LEU O 39 11.23 26.39 11.83
N ASP O 40 10.63 27.30 11.07
CA ASP O 40 10.38 28.66 11.55
C ASP O 40 8.96 29.03 11.16
N PHE O 41 8.05 29.00 12.14
CA PHE O 41 6.64 29.21 11.93
C PHE O 41 6.19 30.48 12.64
N LYS O 42 5.32 31.25 11.99
CA LYS O 42 4.85 32.51 12.56
C LYS O 42 3.50 32.88 11.95
N ASP O 43 2.73 33.66 12.73
CA ASP O 43 1.59 34.43 12.24
C ASP O 43 0.54 33.51 11.59
N ARG O 44 -0.09 32.72 12.45
CA ARG O 44 -1.25 31.90 12.07
C ARG O 44 -0.87 30.85 11.03
N VAL O 45 0.03 29.96 11.44
CA VAL O 45 0.47 28.84 10.63
C VAL O 45 0.18 27.56 11.39
N GLN O 46 -0.64 26.69 10.80
CA GLN O 46 -0.95 25.39 11.36
C GLN O 46 -0.40 24.30 10.46
N SER O 47 0.41 23.41 11.01
CA SER O 47 1.12 22.41 10.23
C SER O 47 0.84 21.02 10.78
N LYS O 48 1.03 20.03 9.90
CA LYS O 48 0.88 18.62 10.25
C LYS O 48 2.01 17.87 9.56
N ILE O 49 3.09 17.61 10.30
CA ILE O 49 4.31 17.04 9.74
C ILE O 49 4.43 15.62 10.28
N GLY O 50 4.08 14.65 9.44
CA GLY O 50 4.24 13.26 9.81
C GLY O 50 2.99 12.73 10.47
N SER O 51 2.19 11.96 9.73
CA SER O 51 0.93 11.48 10.26
C SER O 51 0.50 10.23 9.52
N LEU O 52 -0.04 9.28 10.28
CA LEU O 52 -0.67 8.09 9.74
C LEU O 52 -1.97 7.93 10.52
N ASP O 53 -3.02 8.59 10.02
CA ASP O 53 -4.25 8.76 10.77
C ASP O 53 -5.42 8.12 10.04
N ASN O 54 -6.28 7.45 10.80
CA ASN O 54 -7.47 6.82 10.27
C ASN O 54 -8.68 7.36 11.02
N ILE O 55 -9.69 7.79 10.29
CA ILE O 55 -10.91 8.34 10.87
C ILE O 55 -12.11 7.70 10.20
N THR O 56 -13.11 7.34 10.99
CA THR O 56 -14.37 6.78 10.52
C THR O 56 -15.48 7.65 11.07
N HIS O 57 -15.83 8.68 10.30
CA HIS O 57 -16.87 9.64 10.70
C HIS O 57 -18.19 9.19 10.10
N VAL O 58 -19.08 8.71 10.95
CA VAL O 58 -20.36 8.17 10.50
C VAL O 58 -21.47 8.83 11.32
N PRO O 59 -21.76 10.11 11.10
CA PRO O 59 -22.83 10.76 11.85
C PRO O 59 -24.20 10.56 11.21
N GLY O 60 -25.15 10.03 11.95
CA GLY O 60 -26.50 9.95 11.42
C GLY O 60 -27.11 11.32 11.40
N GLY O 61 -27.16 11.92 10.21
CA GLY O 61 -27.59 13.29 10.07
C GLY O 61 -26.39 14.22 10.09
N GLY O 62 -26.00 14.72 8.93
CA GLY O 62 -24.92 15.69 8.83
C GLY O 62 -25.38 16.93 8.11
N ASN O 63 -25.45 18.05 8.82
CA ASN O 63 -26.00 19.28 8.25
C ASN O 63 -25.35 20.47 8.94
N LYS O 64 -24.69 21.31 8.15
CA LYS O 64 -24.03 22.50 8.67
C LYS O 64 -24.53 23.72 7.91
N LYS O 65 -25.07 24.69 8.65
CA LYS O 65 -25.63 25.91 8.07
C LYS O 65 -24.82 27.09 8.58
N ILE O 66 -24.18 27.80 7.67
CA ILE O 66 -23.29 28.91 8.00
C ILE O 66 -23.89 30.20 7.47
N GLU O 67 -23.96 31.21 8.34
CA GLU O 67 -24.46 32.54 7.97
C GLU O 67 -23.48 33.56 8.54
N THR O 68 -22.96 34.43 7.67
CA THR O 68 -22.01 35.46 8.07
C THR O 68 -22.60 36.82 7.74
N HIS O 69 -23.25 37.43 8.72
CA HIS O 69 -23.78 38.78 8.56
C HIS O 69 -22.72 39.81 8.91
N LYS O 70 -22.59 40.83 8.07
CA LYS O 70 -21.58 41.86 8.28
C LYS O 70 -22.18 43.21 7.91
N LEU O 71 -21.64 44.27 8.50
CA LEU O 71 -22.08 45.62 8.23
C LEU O 71 -21.02 46.59 8.74
N THR O 72 -20.59 47.49 7.86
CA THR O 72 -19.48 48.39 8.17
C THR O 72 -19.84 49.79 7.72
N PHE O 73 -19.22 50.78 8.36
CA PHE O 73 -19.43 52.18 8.02
C PHE O 73 -18.10 52.86 7.68
N VAL P 1 29.58 -63.14 0.44
CA VAL P 1 29.34 -61.75 0.09
C VAL P 1 30.12 -60.84 1.03
N GLN P 2 30.67 -59.77 0.47
CA GLN P 2 31.47 -58.81 1.22
C GLN P 2 31.04 -57.40 0.86
N ILE P 3 30.95 -56.54 1.88
CA ILE P 3 30.55 -55.15 1.70
C ILE P 3 31.52 -54.27 2.48
N VAL P 4 31.93 -53.16 1.88
CA VAL P 4 32.81 -52.19 2.52
C VAL P 4 32.20 -50.80 2.33
N TYR P 5 32.23 -50.00 3.39
CA TYR P 5 31.64 -48.66 3.36
C TYR P 5 32.52 -47.75 4.21
N LYS P 6 33.45 -47.07 3.54
CA LYS P 6 34.43 -46.21 4.21
C LYS P 6 34.50 -44.88 3.49
N PRO P 7 33.42 -44.08 3.54
CA PRO P 7 33.47 -42.72 2.97
C PRO P 7 34.24 -41.79 3.89
N VAL P 8 35.21 -41.08 3.32
CA VAL P 8 36.05 -40.15 4.06
C VAL P 8 35.66 -38.73 3.68
N ASP P 9 35.45 -37.89 4.68
CA ASP P 9 35.09 -36.50 4.47
C ASP P 9 35.99 -35.62 5.31
N LEU P 10 36.50 -34.55 4.69
CA LEU P 10 37.34 -33.57 5.38
C LEU P 10 37.05 -32.21 4.74
N SER P 11 36.09 -31.48 5.30
CA SER P 11 35.63 -30.24 4.73
C SER P 11 35.62 -29.14 5.77
N LYS P 12 35.97 -27.93 5.35
CA LYS P 12 35.98 -26.76 6.21
C LYS P 12 35.04 -25.73 5.62
N VAL P 13 33.88 -25.55 6.25
CA VAL P 13 32.90 -24.55 5.81
C VAL P 13 33.22 -23.28 6.62
N THR P 14 34.15 -22.49 6.09
CA THR P 14 34.63 -21.31 6.79
C THR P 14 33.70 -20.13 6.54
N SER P 15 33.69 -19.19 7.51
CA SER P 15 32.89 -17.98 7.40
C SER P 15 33.60 -16.89 8.20
N LYS P 16 34.18 -15.93 7.48
CA LYS P 16 34.88 -14.81 8.08
C LYS P 16 34.17 -13.51 7.72
N CYS P 17 33.94 -12.66 8.72
CA CYS P 17 33.38 -11.34 8.49
C CYS P 17 33.98 -10.36 9.48
N GLY P 18 34.22 -9.14 9.03
CA GLY P 18 34.77 -8.11 9.90
C GLY P 18 33.75 -7.55 10.86
N SER P 19 32.65 -7.03 10.33
CA SER P 19 31.58 -6.48 11.15
C SER P 19 30.33 -6.34 10.30
N LEU P 20 29.21 -6.84 10.80
CA LEU P 20 27.96 -6.81 10.03
C LEU P 20 27.56 -5.36 9.77
N GLY P 21 27.20 -4.64 10.82
CA GLY P 21 26.88 -3.23 10.72
C GLY P 21 25.51 -2.94 11.27
N ASN P 22 24.97 -1.78 10.86
CA ASN P 22 23.70 -1.29 11.38
C ASN P 22 22.58 -1.87 10.52
N ILE P 23 21.85 -2.81 11.08
CA ILE P 23 20.75 -3.47 10.39
C ILE P 23 19.45 -3.02 11.03
N HIS P 24 18.51 -2.56 10.21
CA HIS P 24 17.24 -2.03 10.67
C HIS P 24 16.10 -2.77 10.02
N HIS P 25 15.08 -3.09 10.81
CA HIS P 25 13.90 -3.81 10.33
C HIS P 25 12.68 -3.11 10.94
N LYS P 26 12.03 -2.27 10.16
CA LYS P 26 10.93 -1.43 10.62
C LYS P 26 9.71 -1.67 9.75
N PRO P 27 9.06 -2.82 9.90
CA PRO P 27 7.85 -3.08 9.11
C PRO P 27 6.62 -2.35 9.65
N GLY P 28 5.70 -2.06 8.74
CA GLY P 28 4.43 -1.48 9.09
C GLY P 28 3.33 -2.53 9.13
N GLY P 29 2.63 -2.62 10.26
CA GLY P 29 1.63 -3.64 10.44
C GLY P 29 0.51 -3.58 9.42
N GLY P 30 0.26 -4.70 8.77
CA GLY P 30 -0.83 -4.82 7.81
C GLY P 30 -2.07 -5.42 8.41
N GLN P 31 -2.85 -6.09 7.57
CA GLN P 31 -4.10 -6.70 7.99
C GLN P 31 -4.28 -8.02 7.28
N VAL P 32 -4.70 -9.04 8.03
CA VAL P 32 -4.90 -10.38 7.50
C VAL P 32 -6.27 -10.89 7.97
N GLU P 33 -7.00 -11.51 7.07
CA GLU P 33 -8.32 -12.06 7.38
C GLU P 33 -8.46 -13.40 6.69
N VAL P 34 -8.76 -14.45 7.46
CA VAL P 34 -8.98 -15.79 6.93
C VAL P 34 -10.33 -16.29 7.43
N LYS P 35 -11.11 -16.87 6.54
CA LYS P 35 -12.45 -17.36 6.86
C LYS P 35 -12.61 -18.75 6.29
N SER P 36 -12.84 -19.73 7.16
CA SER P 36 -13.07 -21.11 6.77
C SER P 36 -14.23 -21.67 7.59
N GLU P 37 -14.64 -22.89 7.25
CA GLU P 37 -15.70 -23.58 7.97
C GLU P 37 -15.24 -24.87 8.63
N LYS P 38 -14.61 -25.77 7.88
CA LYS P 38 -14.22 -27.07 8.41
C LYS P 38 -12.78 -27.37 8.04
N LEU P 39 -12.04 -27.95 8.98
CA LEU P 39 -10.66 -28.37 8.79
C LEU P 39 -10.52 -29.84 9.18
N ASP P 40 -9.90 -30.62 8.30
CA ASP P 40 -9.67 -32.04 8.55
C ASP P 40 -8.23 -32.35 8.15
N PHE P 41 -7.37 -32.50 9.15
CA PHE P 41 -5.94 -32.69 8.94
C PHE P 41 -5.52 -34.06 9.46
N LYS P 42 -4.63 -34.72 8.71
CA LYS P 42 -4.18 -36.05 9.08
C LYS P 42 -2.83 -36.34 8.45
N ASP P 43 -2.09 -37.25 9.11
CA ASP P 43 -0.94 -37.93 8.53
C ASP P 43 0.15 -36.93 8.08
N ARG P 44 0.75 -36.29 9.07
CA ARG P 44 1.92 -35.45 8.88
C ARG P 44 1.58 -34.23 8.01
N VAL P 45 0.67 -33.41 8.54
CA VAL P 45 0.27 -32.16 7.91
C VAL P 45 0.54 -31.03 8.88
N GLN P 46 1.37 -30.08 8.47
CA GLN P 46 1.68 -28.90 9.26
C GLN P 46 1.17 -27.67 8.52
N SER P 47 0.34 -26.88 9.20
CA SER P 47 -0.34 -25.76 8.57
C SER P 47 -0.07 -24.47 9.35
N LYS P 48 -0.23 -23.36 8.65
CA LYS P 48 -0.08 -22.02 9.23
C LYS P 48 -1.19 -21.16 8.64
N ILE P 49 -2.29 -21.01 9.38
CA ILE P 49 -3.49 -20.35 8.89
C ILE P 49 -3.62 -19.04 9.65
N GLY P 50 -3.24 -17.94 9.00
CA GLY P 50 -3.40 -16.63 9.59
C GLY P 50 -2.17 -16.22 10.37
N SER P 51 -1.35 -15.35 9.79
CA SER P 51 -0.09 -14.98 10.43
C SER P 51 0.36 -13.63 9.92
N LEU P 52 0.88 -12.83 10.85
CA LEU P 52 1.53 -11.56 10.53
C LEU P 52 2.81 -11.56 11.36
N ASP P 53 3.87 -12.13 10.80
CA ASP P 53 5.08 -12.45 11.54
C ASP P 53 6.27 -11.70 10.96
N ASN P 54 7.11 -11.17 11.85
CA ASN P 54 8.32 -10.47 11.48
C ASN P 54 9.50 -11.14 12.16
N ILE P 55 10.54 -11.45 11.39
CA ILE P 55 11.73 -12.10 11.91
C ILE P 55 12.95 -11.38 11.39
N THR P 56 13.93 -11.16 12.27
CA THR P 56 15.20 -10.54 11.92
C THR P 56 16.30 -11.51 12.35
N HIS P 57 16.67 -12.40 11.45
CA HIS P 57 17.68 -13.42 11.71
C HIS P 57 19.02 -12.89 11.23
N VAL P 58 19.89 -12.55 12.18
CA VAL P 58 21.20 -11.97 11.86
C VAL P 58 22.27 -12.77 12.60
N PRO P 59 22.56 -14.00 12.17
CA PRO P 59 23.61 -14.77 12.83
C PRO P 59 24.98 -14.48 12.27
N GLY P 60 25.93 -14.10 13.12
CA GLY P 60 27.28 -13.93 12.65
C GLY P 60 27.89 -15.30 12.42
N GLY P 61 27.98 -15.68 11.15
CA GLY P 61 28.40 -17.02 10.80
C GLY P 61 27.21 -17.93 10.62
N GLY P 62 26.84 -18.22 9.38
CA GLY P 62 25.77 -19.16 9.11
C GLY P 62 26.24 -20.26 8.19
N ASN P 63 26.28 -21.48 8.71
CA ASN P 63 26.84 -22.61 7.96
C ASN P 63 26.16 -23.89 8.42
N LYS P 64 25.52 -24.58 7.48
CA LYS P 64 24.85 -25.84 7.77
C LYS P 64 25.36 -26.92 6.84
N LYS P 65 25.87 -28.00 7.42
CA LYS P 65 26.45 -29.11 6.66
C LYS P 65 25.62 -30.35 6.95
N ILE P 66 25.00 -30.89 5.91
CA ILE P 66 24.10 -32.03 6.02
C ILE P 66 24.71 -33.23 5.31
N GLU P 67 24.75 -34.37 5.99
CA GLU P 67 25.25 -35.62 5.42
C GLU P 67 24.25 -36.71 5.78
N THR P 68 23.75 -37.42 4.77
CA THR P 68 22.78 -38.49 4.96
C THR P 68 23.37 -39.78 4.42
N HIS P 69 24.00 -40.56 5.31
CA HIS P 69 24.52 -41.86 4.94
C HIS P 69 23.44 -42.92 5.09
N LYS P 70 23.33 -43.79 4.09
CA LYS P 70 22.32 -44.83 4.09
C LYS P 70 22.92 -46.11 3.51
N LEU P 71 22.35 -47.24 3.92
CA LEU P 71 22.80 -48.54 3.42
C LEU P 71 21.72 -49.56 3.73
N THR P 72 21.32 -50.30 2.71
CA THR P 72 20.19 -51.22 2.83
C THR P 72 20.55 -52.55 2.16
N PHE P 73 19.91 -53.61 2.61
CA PHE P 73 20.13 -54.95 2.05
C PHE P 73 18.82 -55.54 1.55
N VAL Q 1 -27.68 60.59 12.37
CA VAL Q 1 -27.44 59.27 11.79
C VAL Q 1 -28.26 58.22 12.55
N GLN Q 2 -28.81 57.27 11.80
CA GLN Q 2 -29.64 56.21 12.36
C GLN Q 2 -29.20 54.87 11.78
N ILE Q 3 -29.17 53.85 12.63
CA ILE Q 3 -28.78 52.50 12.24
C ILE Q 3 -29.77 51.52 12.84
N VAL Q 4 -30.18 50.53 12.05
CA VAL Q 4 -31.08 49.48 12.49
C VAL Q 4 -30.49 48.14 12.09
N TYR Q 5 -30.57 47.17 13.00
CA TYR Q 5 -29.97 45.85 12.77
C TYR Q 5 -30.90 44.83 13.42
N LYS Q 6 -31.81 44.27 12.63
CA LYS Q 6 -32.82 43.33 13.12
C LYS Q 6 -32.88 42.14 12.17
N PRO Q 7 -31.81 41.33 12.12
CA PRO Q 7 -31.86 40.09 11.34
C PRO Q 7 -32.66 39.03 12.06
N VAL Q 8 -33.62 38.43 11.35
CA VAL Q 8 -34.49 37.41 11.90
C VAL Q 8 -34.11 36.07 11.30
N ASP Q 9 -33.94 35.06 12.16
CA ASP Q 9 -33.57 33.73 11.72
C ASP Q 9 -34.52 32.72 12.38
N LEU Q 10 -35.02 31.79 11.57
CA LEU Q 10 -35.89 30.72 12.07
C LEU Q 10 -35.60 29.49 11.22
N SER Q 11 -34.67 28.66 11.69
CA SER Q 11 -34.19 27.52 10.92
C SER Q 11 -34.23 26.26 11.76
N LYS Q 12 -34.59 25.16 11.13
CA LYS Q 12 -34.63 23.84 11.78
C LYS Q 12 -33.68 22.91 11.05
N VAL Q 13 -32.54 22.62 11.68
CA VAL Q 13 -31.57 21.69 11.12
C VAL Q 13 -31.92 20.31 11.68
N THR Q 14 -32.84 19.63 11.01
CA THR Q 14 -33.35 18.36 11.48
C THR Q 14 -32.43 17.22 11.08
N SER Q 15 -32.47 16.15 11.86
CA SER Q 15 -31.66 14.95 11.58
C SER Q 15 -32.42 13.75 12.16
N LYS Q 16 -32.98 12.93 11.28
CA LYS Q 16 -33.71 11.73 11.67
C LYS Q 16 -33.01 10.50 11.11
N CYS Q 17 -32.82 9.50 11.95
CA CYS Q 17 -32.25 8.22 11.53
C CYS Q 17 -32.90 7.11 12.34
N GLY Q 18 -33.13 5.98 11.68
CA GLY Q 18 -33.72 4.83 12.34
C GLY Q 18 -32.73 4.10 13.23
N SER Q 19 -31.63 3.66 12.64
CA SER Q 19 -30.59 2.96 13.40
C SER Q 19 -29.32 2.94 12.56
N LEU Q 20 -28.20 3.35 13.18
CA LEU Q 20 -26.94 3.42 12.45
C LEU Q 20 -26.54 2.03 11.96
N GLY Q 21 -26.21 1.13 12.88
CA GLY Q 21 -25.91 -0.24 12.56
C GLY Q 21 -24.56 -0.64 13.09
N ASN Q 22 -24.03 -1.72 12.52
CA ASN Q 22 -22.77 -2.32 12.98
C ASN Q 22 -21.62 -1.62 12.26
N ILE Q 23 -20.90 -0.78 12.99
CA ILE Q 23 -19.78 -0.04 12.46
C ILE Q 23 -18.49 -0.61 13.05
N HIS Q 24 -17.54 -0.94 12.19
CA HIS Q 24 -16.29 -1.56 12.59
C HIS Q 24 -15.12 -0.73 12.10
N HIS Q 25 -14.12 -0.57 12.97
CA HIS Q 25 -12.92 0.20 12.65
C HIS Q 25 -11.73 -0.60 13.17
N LYS Q 26 -11.06 -1.32 12.27
CA LYS Q 26 -9.99 -2.24 12.63
C LYS Q 26 -8.74 -1.87 11.84
N PRO Q 27 -8.08 -0.79 12.20
CA PRO Q 27 -6.84 -0.40 11.51
C PRO Q 27 -5.64 -1.23 11.95
N GLY Q 28 -4.70 -1.38 11.03
CA GLY Q 28 -3.44 -2.03 11.31
C GLY Q 28 -2.33 -1.02 11.56
N GLY Q 29 -1.67 -1.15 12.71
CA GLY Q 29 -0.66 -0.17 13.08
C GLY Q 29 0.48 -0.08 12.10
N GLY Q 30 0.77 1.13 11.65
CA GLY Q 30 1.89 1.39 10.76
C GLY Q 30 3.12 1.87 11.49
N GLN Q 31 3.93 2.65 10.80
CA GLN Q 31 5.17 3.16 11.35
C GLN Q 31 5.39 4.58 10.87
N VAL Q 32 5.80 5.45 11.79
CA VAL Q 32 6.03 6.87 11.51
C VAL Q 32 7.37 7.26 12.10
N GLU Q 33 8.15 8.03 11.33
CA GLU Q 33 9.46 8.49 11.77
C GLU Q 33 9.64 9.92 11.31
N VAL Q 34 9.92 10.82 12.25
CA VAL Q 34 10.17 12.23 11.97
C VAL Q 34 11.50 12.61 12.58
N LYS Q 35 12.32 13.33 11.82
CA LYS Q 35 13.66 13.74 12.26
C LYS Q 35 13.85 15.20 11.93
N SER Q 36 14.06 16.02 12.97
CA SER Q 36 14.33 17.44 12.82
C SER Q 36 15.46 17.84 13.75
N GLU Q 37 15.89 19.09 13.63
CA GLU Q 37 16.94 19.63 14.48
C GLU Q 37 16.47 20.80 15.34
N LYS Q 38 15.88 21.82 14.73
CA LYS Q 38 15.48 23.02 15.47
C LYS Q 38 14.05 23.41 15.10
N LEU Q 39 13.29 23.82 16.11
CA LEU Q 39 11.93 24.30 15.94
C LEU Q 39 11.79 25.67 16.58
N ASP Q 40 11.20 26.61 15.82
CA ASP Q 40 10.98 27.97 16.29
C ASP Q 40 9.55 28.37 15.91
N PHE Q 41 8.66 28.35 16.89
CA PHE Q 41 7.24 28.59 16.68
C PHE Q 41 6.83 29.87 17.40
N LYS Q 42 5.97 30.66 16.75
CA LYS Q 42 5.52 31.92 17.32
C LYS Q 42 4.18 32.33 16.73
N ASP Q 43 3.43 33.12 17.50
CA ASP Q 43 2.31 33.91 17.01
C ASP Q 43 1.24 33.02 16.37
N ARG Q 44 0.59 32.24 17.23
CA ARG Q 44 -0.58 31.45 16.85
C ARG Q 44 -0.23 30.39 15.81
N VAL Q 45 0.66 29.49 16.22
CA VAL Q 45 1.07 28.35 15.39
C VAL Q 45 0.75 27.08 16.17
N GLN Q 46 -0.08 26.22 15.57
CA GLN Q 46 -0.42 24.92 16.14
C GLN Q 46 0.10 23.83 15.22
N SER Q 47 0.90 22.92 15.78
CA SER Q 47 1.59 21.91 15.00
C SER Q 47 1.29 20.52 15.54
N LYS Q 48 1.45 19.53 14.67
CA LYS Q 48 1.27 18.12 15.02
C LYS Q 48 2.39 17.36 14.32
N ILE Q 49 3.46 17.08 15.05
CA ILE Q 49 4.67 16.48 14.50
C ILE Q 49 4.76 15.06 15.03
N GLY Q 50 4.40 14.09 14.20
CA GLY Q 50 4.52 12.69 14.56
C GLY Q 50 3.26 12.19 15.24
N SER Q 51 2.45 11.44 14.49
CA SER Q 51 1.17 10.99 15.02
C SER Q 51 0.73 9.75 14.28
N LEU Q 52 0.17 8.80 15.05
CA LEU Q 52 -0.49 7.62 14.50
C LEU Q 52 -1.79 7.50 15.28
N ASP Q 53 -2.83 8.18 14.80
CA ASP Q 53 -4.06 8.37 15.54
C ASP Q 53 -5.23 7.75 14.81
N ASN Q 54 -6.11 7.11 15.58
CA ASN Q 54 -7.31 6.49 15.05
C ASN Q 54 -8.50 7.05 15.81
N ILE Q 55 -9.52 7.50 15.08
CA ILE Q 55 -10.71 8.08 15.66
C ILE Q 55 -11.93 7.47 14.99
N THR Q 56 -12.93 7.13 15.79
CA THR Q 56 -14.20 6.59 15.31
C THR Q 56 -15.30 7.48 15.86
N HIS Q 57 -15.64 8.53 15.11
CA HIS Q 57 -16.64 9.50 15.51
C HIS Q 57 -17.98 9.08 14.91
N VAL Q 58 -18.88 8.61 15.76
CA VAL Q 58 -20.18 8.10 15.32
C VAL Q 58 -21.27 8.78 16.13
N PRO Q 59 -21.53 10.07 15.91
CA PRO Q 59 -22.58 10.74 16.67
C PRO Q 59 -23.95 10.56 16.03
N GLY Q 60 -24.92 10.06 16.77
CA GLY Q 60 -26.26 10.00 16.25
C GLY Q 60 -26.86 11.39 16.22
N GLY Q 61 -26.90 11.98 15.04
CA GLY Q 61 -27.29 13.37 14.90
C GLY Q 61 -26.08 14.28 14.92
N GLY Q 62 -25.68 14.76 13.75
CA GLY Q 62 -24.58 15.72 13.66
C GLY Q 62 -25.02 16.96 12.93
N ASN Q 63 -25.08 18.08 13.65
CA ASN Q 63 -25.59 19.32 13.08
C ASN Q 63 -24.91 20.49 13.76
N LYS Q 64 -24.23 21.33 12.98
CA LYS Q 64 -23.56 22.51 13.50
C LYS Q 64 -24.03 23.74 12.74
N LYS Q 65 -24.54 24.72 13.48
CA LYS Q 65 -25.09 25.94 12.90
C LYS Q 65 -24.25 27.11 13.41
N ILE Q 66 -23.60 27.81 12.49
CA ILE Q 66 -22.69 28.90 12.83
C ILE Q 66 -23.27 30.20 12.31
N GLU Q 67 -23.32 31.21 13.17
CA GLU Q 67 -23.78 32.55 12.80
C GLU Q 67 -22.79 33.55 13.36
N THR Q 68 -22.25 34.41 12.50
CA THR Q 68 -21.27 35.42 12.90
C THR Q 68 -21.84 36.79 12.56
N HIS Q 69 -22.48 37.41 13.55
CA HIS Q 69 -22.99 38.77 13.38
C HIS Q 69 -21.90 39.77 13.74
N LYS Q 70 -21.75 40.80 12.90
CA LYS Q 70 -20.72 41.81 13.11
C LYS Q 70 -21.28 43.16 12.73
N LEU Q 71 -20.73 44.21 13.34
CA LEU Q 71 -21.15 45.58 13.07
C LEU Q 71 -20.07 46.52 13.57
N THR Q 72 -19.62 47.42 12.70
CA THR Q 72 -18.50 48.29 12.99
C THR Q 72 -18.82 49.71 12.55
N PHE Q 73 -18.18 50.68 13.19
CA PHE Q 73 -18.37 52.09 12.86
C PHE Q 73 -17.03 52.74 12.50
N VAL R 1 28.31 -64.19 5.10
CA VAL R 1 28.09 -62.79 4.75
C VAL R 1 28.89 -61.90 5.69
N GLN R 2 29.48 -60.84 5.13
CA GLN R 2 30.29 -59.90 5.88
C GLN R 2 29.88 -58.48 5.52
N ILE R 3 29.82 -57.61 6.54
CA ILE R 3 29.44 -56.21 6.37
C ILE R 3 30.43 -55.35 7.14
N VAL R 4 30.86 -54.26 6.54
CA VAL R 4 31.76 -53.30 7.17
C VAL R 4 31.18 -51.91 6.99
N TYR R 5 31.24 -51.10 8.05
CA TYR R 5 30.66 -49.76 8.02
C TYR R 5 31.56 -48.87 8.87
N LYS R 6 32.51 -48.20 8.20
CA LYS R 6 33.51 -47.36 8.87
C LYS R 6 33.60 -46.03 8.15
N PRO R 7 32.55 -45.21 8.20
CA PRO R 7 32.61 -43.86 7.63
C PRO R 7 33.41 -42.94 8.54
N VAL R 8 34.38 -42.24 7.97
CA VAL R 8 35.24 -41.33 8.72
C VAL R 8 34.89 -39.91 8.34
N ASP R 9 34.70 -39.06 9.35
CA ASP R 9 34.36 -37.66 9.13
C ASP R 9 35.28 -36.79 9.97
N LEU R 10 35.81 -35.75 9.35
CA LEU R 10 36.67 -34.78 10.04
C LEU R 10 36.41 -33.43 9.40
N SER R 11 35.47 -32.67 9.96
CA SER R 11 35.02 -31.43 9.39
C SER R 11 35.05 -30.32 10.43
N LYS R 12 35.42 -29.12 10.01
CA LYS R 12 35.46 -27.94 10.87
C LYS R 12 34.53 -26.89 10.28
N VAL R 13 33.37 -26.70 10.91
CA VAL R 13 32.42 -25.68 10.49
C VAL R 13 32.76 -24.42 11.28
N THR R 14 33.71 -23.64 10.77
CA THR R 14 34.21 -22.47 11.45
C THR R 14 33.30 -21.27 11.22
N SER R 15 33.32 -20.34 12.18
CA SER R 15 32.54 -19.11 12.07
C SER R 15 33.28 -18.03 12.86
N LYS R 16 33.86 -17.08 12.15
CA LYS R 16 34.59 -15.97 12.75
C LYS R 16 33.91 -14.66 12.39
N CYS R 17 33.70 -13.80 13.39
CA CYS R 17 33.16 -12.47 13.17
C CYS R 17 33.79 -11.52 14.16
N GLY R 18 34.05 -10.29 13.71
CA GLY R 18 34.63 -9.29 14.58
C GLY R 18 33.61 -8.70 15.54
N SER R 19 32.52 -8.15 15.01
CA SER R 19 31.47 -7.59 15.83
C SER R 19 30.22 -7.41 14.99
N LEU R 20 29.08 -7.91 15.48
CA LEU R 20 27.85 -7.85 14.73
C LEU R 20 27.47 -6.39 14.46
N GLY R 21 27.11 -5.65 15.52
CA GLY R 21 26.83 -4.24 15.41
C GLY R 21 25.47 -3.92 15.96
N ASN R 22 24.95 -2.75 15.57
CA ASN R 22 23.69 -2.24 16.08
C ASN R 22 22.56 -2.79 15.22
N ILE R 23 21.82 -3.72 15.79
CA ILE R 23 20.70 -4.36 15.10
C ILE R 23 19.41 -3.89 15.74
N HIS R 24 18.48 -3.41 14.93
CA HIS R 24 17.22 -2.84 15.39
C HIS R 24 16.06 -3.58 14.74
N HIS R 25 15.03 -3.87 15.53
CA HIS R 25 13.84 -4.56 15.06
C HIS R 25 12.65 -3.84 15.68
N LYS R 26 12.00 -2.99 14.88
CA LYS R 26 10.92 -2.13 15.36
C LYS R 26 9.70 -2.34 14.48
N PRO R 27 9.02 -3.47 14.64
CA PRO R 27 7.80 -3.71 13.86
C PRO R 27 6.60 -2.96 14.39
N GLY R 28 5.68 -2.66 13.48
CA GLY R 28 4.42 -2.04 13.84
C GLY R 28 3.30 -3.07 13.88
N GLY R 29 2.60 -3.13 15.01
CA GLY R 29 1.58 -4.14 15.19
C GLY R 29 0.46 -4.06 14.18
N GLY R 30 0.18 -5.18 13.52
CA GLY R 30 -0.91 -5.28 12.56
C GLY R 30 -2.17 -5.85 13.17
N GLN R 31 -2.96 -6.51 12.33
CA GLN R 31 -4.22 -7.09 12.77
C GLN R 31 -4.43 -8.41 12.04
N VAL R 32 -4.87 -9.42 12.79
CA VAL R 32 -5.09 -10.75 12.27
C VAL R 32 -6.46 -11.24 12.75
N GLU R 33 -7.22 -11.85 11.83
CA GLU R 33 -8.54 -12.37 12.16
C GLU R 33 -8.72 -13.71 11.45
N VAL R 34 -9.03 -14.74 12.23
CA VAL R 34 -9.28 -16.08 11.70
C VAL R 34 -10.63 -16.54 12.21
N LYS R 35 -11.43 -17.12 11.31
CA LYS R 35 -12.77 -17.58 11.64
C LYS R 35 -12.96 -18.97 11.06
N SER R 36 -13.21 -19.94 11.94
CA SER R 36 -13.48 -21.32 11.55
C SER R 36 -14.65 -21.86 12.37
N GLU R 37 -15.08 -23.07 12.03
CA GLU R 37 -16.15 -23.74 12.75
C GLU R 37 -15.71 -25.03 13.41
N LYS R 38 -15.11 -25.95 12.66
CA LYS R 38 -14.74 -27.26 13.20
C LYS R 38 -13.31 -27.59 12.81
N LEU R 39 -12.58 -28.18 13.76
CA LEU R 39 -11.21 -28.62 13.56
C LEU R 39 -11.10 -30.09 13.95
N ASP R 40 -10.49 -30.89 13.07
CA ASP R 40 -10.30 -32.32 13.31
C ASP R 40 -8.86 -32.66 12.91
N PHE R 41 -8.00 -32.82 13.91
CA PHE R 41 -6.58 -33.03 13.70
C PHE R 41 -6.18 -34.41 14.20
N LYS R 42 -5.31 -35.09 13.46
CA LYS R 42 -4.89 -36.44 13.82
C LYS R 42 -3.53 -36.76 13.20
N ASP R 43 -2.81 -37.67 13.85
CA ASP R 43 -1.68 -38.38 13.28
C ASP R 43 -0.58 -37.41 12.82
N ARG R 44 0.04 -36.77 13.82
CA ARG R 44 1.23 -35.95 13.61
C ARG R 44 0.92 -34.72 12.75
N VAL R 45 0.03 -33.90 13.29
CA VAL R 45 -0.36 -32.64 12.65
C VAL R 45 -0.06 -31.51 13.62
N GLN R 46 0.79 -30.58 13.21
CA GLN R 46 1.13 -29.40 14.00
C GLN R 46 0.63 -28.16 13.27
N SER R 47 -0.18 -27.35 13.94
CA SER R 47 -0.84 -26.22 13.32
C SER R 47 -0.55 -24.94 14.09
N LYS R 48 -0.67 -23.82 13.39
CA LYS R 48 -0.50 -22.49 13.98
C LYS R 48 -1.59 -21.61 13.39
N ILE R 49 -2.69 -21.44 14.13
CA ILE R 49 -3.87 -20.75 13.65
C ILE R 49 -3.98 -19.43 14.41
N GLY R 50 -3.58 -18.35 13.75
CA GLY R 50 -3.71 -17.04 14.35
C GLY R 50 -2.47 -16.65 15.13
N SER R 51 -1.63 -15.80 14.55
CA SER R 51 -0.38 -15.46 15.19
C SER R 51 0.11 -14.11 14.67
N LEU R 52 0.64 -13.32 15.60
CA LEU R 52 1.32 -12.07 15.28
C LEU R 52 2.61 -12.09 16.11
N ASP R 53 3.65 -12.68 15.55
CA ASP R 53 4.86 -13.02 16.28
C ASP R 53 6.06 -12.30 15.70
N ASN R 54 6.90 -11.78 16.58
CA ASN R 54 8.13 -11.10 16.22
C ASN R 54 9.30 -11.80 16.89
N ILE R 55 10.33 -12.13 16.12
CA ILE R 55 11.50 -12.81 16.64
C ILE R 55 12.75 -12.12 16.11
N THR R 56 13.73 -11.91 16.99
CA THR R 56 15.01 -11.31 16.64
C THR R 56 16.09 -12.30 17.07
N HIS R 57 16.45 -13.21 16.16
CA HIS R 57 17.43 -14.25 16.42
C HIS R 57 18.78 -13.74 15.94
N VAL R 58 19.67 -13.43 16.89
CA VAL R 58 20.98 -12.87 16.57
C VAL R 58 22.04 -13.69 17.29
N PRO R 59 22.31 -14.92 16.86
CA PRO R 59 23.33 -15.72 17.53
C PRO R 59 24.71 -15.45 16.97
N GLY R 60 25.67 -15.09 17.81
CA GLY R 60 27.02 -14.95 17.35
C GLY R 60 27.61 -16.33 17.11
N GLY R 61 27.68 -16.72 15.84
CA GLY R 61 28.08 -18.06 15.48
C GLY R 61 26.86 -18.95 15.31
N GLY R 62 26.49 -19.23 14.07
CA GLY R 62 25.40 -20.14 13.80
C GLY R 62 25.85 -21.25 12.88
N ASN R 63 25.87 -22.48 13.40
CA ASN R 63 26.40 -23.61 12.65
C ASN R 63 25.69 -24.88 13.10
N LYS R 64 25.04 -25.56 12.17
CA LYS R 64 24.34 -26.80 12.46
C LYS R 64 24.83 -27.89 11.53
N LYS R 65 25.32 -28.98 12.09
CA LYS R 65 25.87 -30.10 11.35
C LYS R 65 25.02 -31.33 11.63
N ILE R 66 24.39 -31.86 10.59
CA ILE R 66 23.46 -32.98 10.71
C ILE R 66 24.05 -34.19 9.99
N GLU R 67 24.07 -35.32 10.67
CA GLU R 67 24.54 -36.59 10.10
C GLU R 67 23.51 -37.66 10.47
N THR R 68 23.01 -38.36 9.46
CA THR R 68 22.01 -39.41 9.65
C THR R 68 22.58 -40.71 9.11
N HIS R 69 23.19 -41.51 10.00
CA HIS R 69 23.69 -42.81 9.61
C HIS R 69 22.59 -43.84 9.76
N LYS R 70 22.45 -44.72 8.76
CA LYS R 70 21.43 -45.74 8.77
C LYS R 70 21.99 -47.02 8.19
N LEU R 71 21.41 -48.15 8.59
CA LEU R 71 21.83 -49.45 8.11
C LEU R 71 20.73 -50.45 8.42
N THR R 72 20.31 -51.19 7.40
CA THR R 72 19.17 -52.09 7.51
C THR R 72 19.50 -53.42 6.84
N PHE R 73 18.84 -54.48 7.30
CA PHE R 73 19.02 -55.81 6.74
C PHE R 73 17.70 -56.38 6.24
N VAL S 1 -26.56 60.74 17.16
CA VAL S 1 -26.35 59.41 16.59
C VAL S 1 -27.18 58.38 17.33
N GLN S 2 -27.76 57.44 16.59
CA GLN S 2 -28.61 56.40 17.15
C GLN S 2 -28.20 55.05 16.57
N ILE S 3 -28.18 54.03 17.43
CA ILE S 3 -27.81 52.67 17.04
C ILE S 3 -28.82 51.71 17.64
N VAL S 4 -29.25 50.74 16.85
CA VAL S 4 -30.18 49.70 17.29
C VAL S 4 -29.61 48.34 16.88
N TYR S 5 -29.70 47.38 17.79
CA TYR S 5 -29.14 46.05 17.56
C TYR S 5 -30.08 45.04 18.22
N LYS S 6 -31.01 44.51 17.43
CA LYS S 6 -32.03 43.58 17.91
C LYS S 6 -32.11 42.39 16.97
N PRO S 7 -31.07 41.56 16.92
CA PRO S 7 -31.13 40.33 16.13
C PRO S 7 -31.95 39.27 16.86
N VAL S 8 -32.92 38.70 16.15
CA VAL S 8 -33.82 37.69 16.70
C VAL S 8 -33.46 36.34 16.10
N ASP S 9 -33.31 35.33 16.96
CA ASP S 9 -32.98 33.99 16.52
C ASP S 9 -33.93 33.01 17.18
N LEU S 10 -34.46 32.09 16.37
CA LEU S 10 -35.34 31.03 16.87
C LEU S 10 -35.07 29.79 16.02
N SER S 11 -34.16 28.95 16.47
CA SER S 11 -33.70 27.80 15.71
C SER S 11 -33.77 26.54 16.56
N LYS S 12 -34.14 25.43 15.93
CA LYS S 12 -34.22 24.13 16.57
C LYS S 12 -33.28 23.18 15.85
N VAL S 13 -32.15 22.86 16.47
CA VAL S 13 -31.19 21.91 15.91
C VAL S 13 -31.56 20.55 16.48
N THR S 14 -32.50 19.88 15.80
CA THR S 14 -33.03 18.62 16.27
C THR S 14 -32.13 17.46 15.87
N SER S 15 -32.19 16.39 16.65
CA SER S 15 -31.42 15.19 16.37
C SER S 15 -32.19 14.00 16.95
N LYS S 16 -32.76 13.19 16.08
CA LYS S 16 -33.52 12.00 16.46
C LYS S 16 -32.84 10.76 15.90
N CYS S 17 -32.67 9.76 16.74
CA CYS S 17 -32.13 8.47 16.31
C CYS S 17 -32.79 7.36 17.13
N GLY S 18 -33.06 6.23 16.47
CA GLY S 18 -33.67 5.10 17.13
C GLY S 18 -32.69 4.35 18.02
N SER S 19 -31.59 3.89 17.44
CA SER S 19 -30.56 3.18 18.19
C SER S 19 -29.30 3.13 17.36
N LEU S 20 -28.17 3.52 17.96
CA LEU S 20 -26.91 3.56 17.23
C LEU S 20 -26.53 2.17 16.74
N GLY S 21 -26.22 1.27 17.67
CA GLY S 21 -25.95 -0.12 17.34
C GLY S 21 -24.61 -0.54 17.86
N ASN S 22 -24.09 -1.63 17.30
CA ASN S 22 -22.85 -2.25 17.75
C ASN S 22 -21.69 -1.58 17.03
N ILE S 23 -20.95 -0.75 17.77
CA ILE S 23 -19.81 -0.04 17.22
C ILE S 23 -18.54 -0.62 17.82
N HIS S 24 -17.59 -0.97 16.96
CA HIS S 24 -16.36 -1.62 17.35
C HIS S 24 -15.17 -0.81 16.87
N HIS S 25 -14.17 -0.67 17.73
CA HIS S 25 -12.95 0.08 17.42
C HIS S 25 -11.77 -0.75 17.94
N LYS S 26 -11.12 -1.47 17.03
CA LYS S 26 -10.07 -2.42 17.38
C LYS S 26 -8.81 -2.07 16.60
N PRO S 27 -8.12 -1.00 16.95
CA PRO S 27 -6.88 -0.65 16.25
C PRO S 27 -5.70 -1.49 16.70
N GLY S 28 -4.77 -1.65 15.77
CA GLY S 28 -3.51 -2.34 16.05
C GLY S 28 -2.40 -1.35 16.31
N GLY S 29 -1.72 -1.47 17.45
CA GLY S 29 -0.70 -0.53 17.83
C GLY S 29 0.46 -0.45 16.85
N GLY S 30 0.76 0.75 16.39
CA GLY S 30 1.87 0.99 15.50
C GLY S 30 3.11 1.44 16.22
N GLN S 31 3.94 2.21 15.53
CA GLN S 31 5.19 2.69 16.09
C GLN S 31 5.44 4.12 15.61
N VAL S 32 5.86 4.98 16.53
CA VAL S 32 6.11 6.38 16.24
C VAL S 32 7.48 6.76 16.83
N GLU S 33 8.26 7.51 16.05
CA GLU S 33 9.58 7.95 16.50
C GLU S 33 9.78 9.38 16.04
N VAL S 34 10.09 10.26 16.98
CA VAL S 34 10.37 11.67 16.69
C VAL S 34 11.71 12.03 17.31
N LYS S 35 12.54 12.73 16.54
CA LYS S 35 13.88 13.11 16.99
C LYS S 35 14.09 14.58 16.66
N SER S 36 14.32 15.39 17.68
CA SER S 36 14.62 16.80 17.53
C SER S 36 15.76 17.18 18.47
N GLU S 37 16.21 18.43 18.36
CA GLU S 37 17.28 18.95 19.20
C GLU S 37 16.83 20.12 20.06
N LYS S 38 16.25 21.16 19.46
CA LYS S 38 15.87 22.36 20.18
C LYS S 38 14.46 22.77 19.83
N LEU S 39 13.71 23.20 20.83
CA LEU S 39 12.36 23.70 20.68
C LEU S 39 12.25 25.08 21.30
N ASP S 40 11.67 26.02 20.55
CA ASP S 40 11.47 27.40 21.02
C ASP S 40 10.06 27.81 20.64
N PHE S 41 9.17 27.82 21.63
CA PHE S 41 7.75 28.09 21.42
C PHE S 41 7.36 29.37 22.14
N LYS S 42 6.52 30.18 21.49
CA LYS S 42 6.10 31.45 22.06
C LYS S 42 4.76 31.88 21.46
N ASP S 43 4.04 32.68 22.24
CA ASP S 43 2.92 33.50 21.75
C ASP S 43 1.83 32.63 21.11
N ARG S 44 1.17 31.85 21.97
CA ARG S 44 -0.01 31.08 21.60
C ARG S 44 0.31 30.02 20.55
N VAL S 45 1.17 29.10 20.97
CA VAL S 45 1.58 27.96 20.14
C VAL S 45 1.24 26.69 20.91
N GLN S 46 0.39 25.85 20.31
CA GLN S 46 0.02 24.57 20.88
C GLN S 46 0.52 23.46 19.97
N SER S 47 1.30 22.53 20.52
CA SER S 47 1.97 21.51 19.75
C SER S 47 1.65 20.13 20.29
N LYS S 48 1.79 19.14 19.40
CA LYS S 48 1.58 17.74 19.76
C LYS S 48 2.68 16.94 19.06
N ILE S 49 3.75 16.64 19.80
CA ILE S 49 4.95 16.03 19.24
C ILE S 49 5.02 14.59 19.77
N GLY S 50 4.63 13.63 18.94
CA GLY S 50 4.73 12.24 19.31
C GLY S 50 3.46 11.76 19.97
N SER S 51 2.64 11.02 19.23
CA SER S 51 1.35 10.60 19.77
C SER S 51 0.87 9.37 19.03
N LEU S 52 0.30 8.44 19.79
CA LEU S 52 -0.38 7.26 19.25
C LEU S 52 -1.68 7.16 20.03
N ASP S 53 -2.71 7.86 19.54
CA ASP S 53 -3.93 8.08 20.30
C ASP S 53 -5.13 7.49 19.56
N ASN S 54 -6.00 6.85 20.33
CA ASN S 54 -7.22 6.26 19.80
C ASN S 54 -8.41 6.85 20.57
N ILE S 55 -9.41 7.32 19.83
CA ILE S 55 -10.59 7.92 20.42
C ILE S 55 -11.82 7.33 19.74
N THR S 56 -12.83 7.00 20.54
CA THR S 56 -14.11 6.49 20.07
C THR S 56 -15.19 7.41 20.62
N HIS S 57 -15.51 8.45 19.87
CA HIS S 57 -16.49 9.44 20.27
C HIS S 57 -17.84 9.05 19.68
N VAL S 58 -18.75 8.60 20.53
CA VAL S 58 -20.05 8.11 20.09
C VAL S 58 -21.13 8.82 20.91
N PRO S 59 -21.37 10.11 20.69
CA PRO S 59 -22.41 10.80 21.44
C PRO S 59 -23.77 10.65 20.81
N GLY S 60 -24.76 10.16 21.55
CA GLY S 60 -26.11 10.13 21.03
C GLY S 60 -26.67 11.53 21.01
N GLY S 61 -26.70 12.12 19.82
CA GLY S 61 -27.07 13.51 19.69
C GLY S 61 -25.84 14.40 19.70
N GLY S 62 -25.43 14.88 18.53
CA GLY S 62 -24.32 15.82 18.44
C GLY S 62 -24.73 17.07 17.71
N ASN S 63 -24.76 18.19 18.43
CA ASN S 63 -25.26 19.43 17.86
C ASN S 63 -24.55 20.60 18.54
N LYS S 64 -23.86 21.42 17.76
CA LYS S 64 -23.17 22.58 18.28
C LYS S 64 -23.62 23.82 17.52
N LYS S 65 -24.11 24.82 18.26
CA LYS S 65 -24.63 26.04 17.68
C LYS S 65 -23.77 27.20 18.19
N ILE S 66 -23.10 27.89 17.27
CA ILE S 66 -22.17 28.96 17.61
C ILE S 66 -22.73 30.27 17.09
N GLU S 67 -22.76 31.29 17.95
CA GLU S 67 -23.20 32.63 17.59
C GLU S 67 -22.18 33.61 18.15
N THR S 68 -21.63 34.46 17.28
CA THR S 68 -20.64 35.45 17.68
C THR S 68 -21.19 36.83 17.34
N HIS S 69 -21.80 37.48 18.33
CA HIS S 69 -22.29 38.84 18.17
C HIS S 69 -21.18 39.82 18.52
N LYS S 70 -21.01 40.84 17.68
CA LYS S 70 -19.97 41.83 17.89
C LYS S 70 -20.50 43.20 17.51
N LEU S 71 -19.92 44.24 18.12
CA LEU S 71 -20.32 45.60 17.85
C LEU S 71 -19.22 46.52 18.35
N THR S 72 -18.76 47.42 17.47
CA THR S 72 -17.62 48.27 17.77
C THR S 72 -17.91 49.69 17.33
N PHE S 73 -17.25 50.66 17.96
CA PHE S 73 -17.41 52.06 17.63
C PHE S 73 -16.07 52.69 17.28
N VAL T 1 27.04 -65.08 9.79
CA VAL T 1 26.85 -63.68 9.45
C VAL T 1 27.67 -62.79 10.38
N GLN T 2 28.27 -61.75 9.81
CA GLN T 2 29.10 -60.83 10.56
C GLN T 2 28.72 -59.39 10.20
N ILE T 3 28.67 -58.53 11.22
CA ILE T 3 28.32 -57.13 11.05
C ILE T 3 29.32 -56.29 11.84
N VAL T 4 29.78 -55.20 11.23
CA VAL T 4 30.70 -54.26 11.87
C VAL T 4 30.15 -52.85 11.67
N TYR T 5 30.22 -52.05 12.74
CA TYR T 5 29.67 -50.69 12.71
C TYR T 5 30.59 -49.82 13.55
N LYS T 6 31.55 -49.17 12.89
CA LYS T 6 32.56 -48.35 13.55
C LYS T 6 32.68 -47.01 12.83
N PRO T 7 31.65 -46.18 12.88
CA PRO T 7 31.73 -44.84 12.31
C PRO T 7 32.55 -43.93 13.24
N VAL T 8 33.53 -43.25 12.67
CA VAL T 8 34.42 -42.35 13.39
C VAL T 8 34.07 -40.92 13.02
N ASP T 9 33.91 -40.07 14.03
CA ASP T 9 33.59 -38.67 13.81
C ASP T 9 34.54 -37.82 14.65
N LEU T 10 35.09 -36.79 14.03
CA LEU T 10 35.96 -35.84 14.72
C LEU T 10 35.73 -34.47 14.08
N SER T 11 34.80 -33.71 14.65
CA SER T 11 34.37 -32.45 14.07
C SER T 11 34.42 -31.35 15.11
N LYS T 12 34.82 -30.16 14.69
CA LYS T 12 34.89 -28.97 15.55
C LYS T 12 33.97 -27.91 14.96
N VAL T 13 32.82 -27.69 15.60
CA VAL T 13 31.88 -26.65 15.18
C VAL T 13 32.26 -25.40 15.97
N THR T 14 33.21 -24.64 15.44
CA THR T 14 33.73 -23.47 16.14
C THR T 14 32.85 -22.26 15.91
N SER T 15 32.89 -21.33 16.86
CA SER T 15 32.14 -20.08 16.76
C SER T 15 32.89 -19.02 17.55
N LYS T 16 33.49 -18.09 16.84
CA LYS T 16 34.25 -16.99 17.44
C LYS T 16 33.60 -15.67 17.08
N CYS T 17 33.41 -14.81 18.07
CA CYS T 17 32.88 -13.47 17.86
C CYS T 17 33.53 -12.51 18.85
N GLY T 18 33.82 -11.31 18.40
CA GLY T 18 34.41 -10.31 19.27
C GLY T 18 33.41 -9.70 20.23
N SER T 19 32.32 -9.14 19.70
CA SER T 19 31.29 -8.54 20.53
C SER T 19 30.04 -8.35 19.68
N LEU T 20 28.90 -8.82 20.18
CA LEU T 20 27.66 -8.73 19.42
C LEU T 20 27.31 -7.27 19.16
N GLY T 21 26.97 -6.53 20.21
CA GLY T 21 26.72 -5.12 20.12
C GLY T 21 25.36 -4.77 20.67
N ASN T 22 24.86 -3.60 20.27
CA ASN T 22 23.62 -3.04 20.78
C ASN T 22 22.47 -3.58 19.93
N ILE T 23 21.71 -4.51 20.49
CA ILE T 23 20.58 -5.12 19.81
C ILE T 23 19.30 -4.62 20.46
N HIS T 24 18.38 -4.12 19.63
CA HIS T 24 17.13 -3.54 20.10
C HIS T 24 15.96 -4.24 19.45
N HIS T 25 14.92 -4.51 20.25
CA HIS T 25 13.72 -5.19 19.77
C HIS T 25 12.54 -4.45 20.39
N LYS T 26 11.91 -3.58 19.61
CA LYS T 26 10.85 -2.69 20.08
C LYS T 26 9.61 -2.89 19.21
N PRO T 27 8.92 -4.00 19.36
CA PRO T 27 7.70 -4.22 18.58
C PRO T 27 6.50 -3.45 19.12
N GLY T 28 5.59 -3.12 18.21
CA GLY T 28 4.35 -2.49 18.56
C GLY T 28 3.21 -3.50 18.62
N GLY T 29 2.50 -3.55 19.74
CA GLY T 29 1.46 -4.54 19.93
C GLY T 29 0.34 -4.44 18.92
N GLY T 30 0.04 -5.55 18.26
CA GLY T 30 -1.04 -5.62 17.31
C GLY T 30 -2.31 -6.18 17.92
N GLN T 31 -3.12 -6.81 17.08
CA GLN T 31 -4.39 -7.37 17.51
C GLN T 31 -4.62 -8.69 16.79
N VAL T 32 -5.08 -9.69 17.54
CA VAL T 32 -5.34 -11.02 17.02
C VAL T 32 -6.71 -11.48 17.49
N GLU T 33 -7.47 -12.08 16.59
CA GLU T 33 -8.81 -12.57 16.91
C GLU T 33 -9.01 -13.90 16.21
N VAL T 34 -9.35 -14.93 16.98
CA VAL T 34 -9.62 -16.27 16.46
C VAL T 34 -10.98 -16.71 16.96
N LYS T 35 -11.79 -17.27 16.07
CA LYS T 35 -13.15 -17.70 16.39
C LYS T 35 -13.36 -19.09 15.82
N SER T 36 -13.62 -20.05 16.69
CA SER T 36 -13.92 -21.43 16.30
C SER T 36 -15.09 -21.94 17.13
N GLU T 37 -15.55 -23.15 16.79
CA GLU T 37 -16.64 -23.79 17.51
C GLU T 37 -16.22 -25.10 18.17
N LYS T 38 -15.63 -26.03 17.42
CA LYS T 38 -15.28 -27.34 17.95
C LYS T 38 -13.85 -27.69 17.57
N LEU T 39 -13.15 -28.30 18.51
CA LEU T 39 -11.79 -28.77 18.31
C LEU T 39 -11.70 -30.24 18.70
N ASP T 40 -11.11 -31.05 17.82
CA ASP T 40 -10.94 -32.48 18.07
C ASP T 40 -9.52 -32.85 17.67
N PHE T 41 -8.65 -33.02 18.66
CA PHE T 41 -7.23 -33.27 18.45
C PHE T 41 -6.87 -34.66 18.95
N LYS T 42 -6.01 -35.36 18.20
CA LYS T 42 -5.61 -36.70 18.57
C LYS T 42 -4.27 -37.05 17.95
N ASP T 43 -3.57 -37.97 18.59
CA ASP T 43 -2.44 -38.70 18.01
C ASP T 43 -1.33 -37.75 17.56
N ARG T 44 -0.69 -37.14 18.55
CA ARG T 44 0.52 -36.34 18.35
C ARG T 44 0.22 -35.10 17.48
N VAL T 45 -0.65 -34.26 18.02
CA VAL T 45 -1.01 -32.99 17.39
C VAL T 45 -0.69 -31.87 18.36
N GLN T 46 0.18 -30.95 17.95
CA GLN T 46 0.53 -29.78 18.73
C GLN T 46 0.06 -28.53 18.00
N SER T 47 -0.73 -27.71 18.68
CA SER T 47 -1.37 -26.56 18.06
C SER T 47 -1.05 -25.29 18.83
N LYS T 48 -1.16 -24.16 18.13
CA LYS T 48 -0.96 -22.85 18.72
C LYS T 48 -2.04 -21.94 18.13
N ILE T 49 -3.12 -21.75 18.88
CA ILE T 49 -4.30 -21.04 18.40
C ILE T 49 -4.37 -19.72 19.15
N GLY T 50 -3.96 -18.64 18.50
CA GLY T 50 -4.07 -17.32 19.09
C GLY T 50 -2.82 -16.97 19.87
N SER T 51 -1.96 -16.13 19.29
CA SER T 51 -0.70 -15.82 19.93
C SER T 51 -0.19 -14.48 19.41
N LEU T 52 0.36 -13.70 20.33
CA LEU T 52 1.06 -12.45 20.01
C LEU T 52 2.35 -12.50 20.84
N ASP T 53 3.37 -13.12 20.27
CA ASP T 53 4.57 -13.48 21.02
C ASP T 53 5.79 -12.77 20.43
N ASN T 54 6.65 -12.28 21.32
CA ASN T 54 7.89 -11.63 20.94
C ASN T 54 9.05 -12.34 21.62
N ILE T 55 10.07 -12.69 20.85
CA ILE T 55 11.23 -13.40 21.36
C ILE T 55 12.49 -12.73 20.83
N THR T 56 13.47 -12.53 21.71
CA THR T 56 14.77 -11.96 21.36
C THR T 56 15.82 -12.97 21.79
N HIS T 57 16.15 -13.88 20.87
CA HIS T 57 17.13 -14.94 21.13
C HIS T 57 18.50 -14.46 20.65
N VAL T 58 19.38 -14.16 21.59
CA VAL T 58 20.70 -13.63 21.27
C VAL T 58 21.74 -14.47 22.00
N PRO T 59 21.99 -15.70 21.57
CA PRO T 59 23.00 -16.53 22.23
C PRO T 59 24.38 -16.29 21.67
N GLY T 60 25.35 -15.94 22.52
CA GLY T 60 26.71 -15.83 22.04
C GLY T 60 27.26 -17.21 21.81
N GLY T 61 27.33 -17.61 20.54
CA GLY T 61 27.69 -18.95 20.18
C GLY T 61 26.47 -19.82 20.01
N GLY T 62 26.09 -20.09 18.77
CA GLY T 62 24.98 -20.98 18.50
C GLY T 62 25.40 -22.11 17.58
N ASN T 63 25.40 -23.33 18.10
CA ASN T 63 25.92 -24.47 17.35
C ASN T 63 25.18 -25.73 17.80
N LYS T 64 24.51 -26.39 16.86
CA LYS T 64 23.80 -27.62 17.17
C LYS T 64 24.26 -28.71 16.23
N LYS T 65 24.73 -29.82 16.80
CA LYS T 65 25.26 -30.95 16.04
C LYS T 65 24.38 -32.17 16.33
N ILE T 66 23.74 -32.68 15.30
CA ILE T 66 22.80 -33.79 15.41
C ILE T 66 23.35 -35.00 14.69
N GLU T 67 23.35 -36.14 15.37
CA GLU T 67 23.80 -37.41 14.80
C GLU T 67 22.76 -38.46 15.17
N THR T 68 22.23 -39.15 14.16
CA THR T 68 21.22 -40.18 14.35
C THR T 68 21.77 -41.49 13.81
N HIS T 69 22.35 -42.30 14.69
CA HIS T 69 22.84 -43.62 14.32
C HIS T 69 21.71 -44.63 14.47
N LYS T 70 21.57 -45.50 13.46
CA LYS T 70 20.51 -46.50 13.47
C LYS T 70 21.06 -47.79 12.89
N LEU T 71 20.45 -48.91 13.29
CA LEU T 71 20.84 -50.22 12.81
C LEU T 71 19.73 -51.21 13.12
N THR T 72 19.29 -51.93 12.10
CA THR T 72 18.14 -52.80 12.21
C THR T 72 18.44 -54.14 11.54
N PHE T 73 17.76 -55.19 12.00
CA PHE T 73 17.92 -56.52 11.44
C PHE T 73 16.58 -57.07 10.94
N VAL U 1 -25.44 60.86 21.95
CA VAL U 1 -25.25 59.53 21.38
C VAL U 1 -26.10 58.52 22.13
N GLN U 2 -26.70 57.59 21.38
CA GLN U 2 -27.57 56.56 21.94
C GLN U 2 -27.18 55.21 21.37
N ILE U 3 -27.18 54.19 22.22
CA ILE U 3 -26.83 52.83 21.83
C ILE U 3 -27.88 51.88 22.43
N VAL U 4 -28.32 50.92 21.64
CA VAL U 4 -29.26 49.89 22.09
C VAL U 4 -28.71 48.54 21.68
N TYR U 5 -28.83 47.56 22.58
CA TYR U 5 -28.29 46.22 22.36
C TYR U 5 -29.25 45.24 23.00
N LYS U 6 -30.18 44.72 22.22
CA LYS U 6 -31.23 43.82 22.70
C LYS U 6 -31.34 42.62 21.77
N PRO U 7 -30.30 41.78 21.72
CA PRO U 7 -30.39 40.54 20.93
C PRO U 7 -31.24 39.50 21.65
N VAL U 8 -32.21 38.95 20.95
CA VAL U 8 -33.13 37.96 21.50
C VAL U 8 -32.80 36.60 20.90
N ASP U 9 -32.67 35.59 21.76
CA ASP U 9 -32.36 34.24 21.32
C ASP U 9 -33.33 33.28 21.98
N LEU U 10 -33.87 32.37 21.17
CA LEU U 10 -34.78 31.33 21.67
C LEU U 10 -34.54 30.09 20.82
N SER U 11 -33.63 29.22 21.27
CA SER U 11 -33.20 28.07 20.51
C SER U 11 -33.29 26.82 21.36
N LYS U 12 -33.69 25.72 20.73
CA LYS U 12 -33.78 24.41 21.37
C LYS U 12 -32.87 23.44 20.64
N VAL U 13 -31.74 23.10 21.26
CA VAL U 13 -30.80 22.14 20.70
C VAL U 13 -31.20 20.78 21.27
N THR U 14 -32.15 20.13 20.60
CA THR U 14 -32.71 18.88 21.07
C THR U 14 -31.83 17.71 20.66
N SER U 15 -31.90 16.63 21.44
CA SER U 15 -31.15 15.41 21.16
C SER U 15 -31.95 14.24 21.75
N LYS U 16 -32.53 13.44 20.87
CA LYS U 16 -33.32 12.27 21.25
C LYS U 16 -32.66 11.02 20.69
N CYS U 17 -32.51 10.00 21.53
CA CYS U 17 -32.00 8.71 21.11
C CYS U 17 -32.68 7.62 21.92
N GLY U 18 -32.96 6.50 21.26
CA GLY U 18 -33.60 5.38 21.93
C GLY U 18 -32.63 4.61 22.81
N SER U 19 -31.54 4.12 22.22
CA SER U 19 -30.53 3.39 22.97
C SER U 19 -29.26 3.32 22.14
N LEU U 20 -28.13 3.68 22.74
CA LEU U 20 -26.87 3.71 22.01
C LEU U 20 -26.53 2.31 21.52
N GLY U 21 -26.23 1.39 22.45
CA GLY U 21 -25.98 0.01 22.11
C GLY U 21 -24.63 -0.45 22.65
N ASN U 22 -24.15 -1.54 22.07
CA ASN U 22 -22.91 -2.18 22.53
C ASN U 22 -21.74 -1.53 21.80
N ILE U 23 -20.99 -0.72 22.54
CA ILE U 23 -19.84 -0.02 22.00
C ILE U 23 -18.58 -0.64 22.59
N HIS U 24 -17.64 -1.00 21.72
CA HIS U 24 -16.42 -1.67 22.12
C HIS U 24 -15.21 -0.89 21.63
N HIS U 25 -14.20 -0.77 22.49
CA HIS U 25 -12.97 -0.04 22.17
C HIS U 25 -11.82 -0.89 22.69
N LYS U 26 -11.18 -1.63 21.79
CA LYS U 26 -10.14 -2.59 22.14
C LYS U 26 -8.88 -2.28 21.35
N PRO U 27 -8.18 -1.21 21.71
CA PRO U 27 -6.92 -0.87 21.01
C PRO U 27 -5.76 -1.75 21.45
N GLY U 28 -4.83 -1.93 20.52
CA GLY U 28 -3.59 -2.63 20.80
C GLY U 28 -2.45 -1.67 21.05
N GLY U 29 -1.78 -1.81 22.19
CA GLY U 29 -0.74 -0.88 22.57
C GLY U 29 0.41 -0.82 21.59
N GLY U 30 0.74 0.37 21.13
CA GLY U 30 1.86 0.59 20.24
C GLY U 30 3.11 1.02 20.97
N GLN U 31 3.95 1.78 20.27
CA GLN U 31 5.21 2.23 20.83
C GLN U 31 5.48 3.65 20.34
N VAL U 32 5.92 4.50 21.26
CA VAL U 32 6.21 5.91 20.98
C VAL U 32 7.57 6.25 21.56
N GLU U 33 8.37 6.99 20.79
CA GLU U 33 9.70 7.40 21.22
C GLU U 33 9.93 8.83 20.77
N VAL U 34 10.25 9.71 21.71
CA VAL U 34 10.56 11.11 21.43
C VAL U 34 11.90 11.43 22.04
N LYS U 35 12.74 12.13 21.27
CA LYS U 35 14.09 12.48 21.70
C LYS U 35 14.34 13.94 21.38
N SER U 36 14.58 14.74 22.40
CA SER U 36 14.90 16.16 22.26
C SER U 36 16.06 16.51 23.19
N GLU U 37 16.52 17.75 23.07
CA GLU U 37 17.61 18.25 23.91
C GLU U 37 17.18 19.43 24.78
N LYS U 38 16.62 20.49 24.17
CA LYS U 38 16.28 21.69 24.90
C LYS U 38 14.86 22.13 24.55
N LEU U 39 14.12 22.58 25.57
CA LEU U 39 12.77 23.09 25.40
C LEU U 39 12.69 24.48 26.03
N ASP U 40 12.14 25.43 25.28
CA ASP U 40 11.97 26.81 25.76
C ASP U 40 10.56 27.25 25.38
N PHE U 41 9.67 27.28 26.36
CA PHE U 41 8.26 27.57 26.15
C PHE U 41 7.89 28.86 26.87
N LYS U 42 7.07 29.68 26.22
CA LYS U 42 6.66 30.96 26.80
C LYS U 42 5.34 31.42 26.20
N ASP U 43 4.63 32.24 26.98
CA ASP U 43 3.53 33.07 26.49
C ASP U 43 2.42 32.22 25.85
N ARG U 44 1.75 31.46 26.71
CA ARG U 44 0.54 30.71 26.34
C ARG U 44 0.86 29.64 25.30
N VAL U 45 1.70 28.71 25.71
CA VAL U 45 2.08 27.56 24.89
C VAL U 45 1.72 26.30 25.65
N GLN U 46 0.85 25.47 25.07
CA GLN U 46 0.46 24.20 25.63
C GLN U 46 0.94 23.08 24.71
N SER U 47 1.70 22.14 25.27
CA SER U 47 2.35 21.11 24.48
C SER U 47 2.00 19.72 25.03
N LYS U 48 2.12 18.73 24.15
CA LYS U 48 1.89 17.33 24.50
C LYS U 48 2.97 16.52 23.80
N ILE U 49 4.04 16.20 24.53
CA ILE U 49 5.23 15.57 23.98
C ILE U 49 5.26 14.14 24.50
N GLY U 50 4.86 13.18 23.67
CA GLY U 50 4.93 11.79 24.04
C GLY U 50 3.65 11.32 24.70
N SER U 51 2.81 10.61 23.97
CA SER U 51 1.53 10.21 24.51
C SER U 51 1.02 8.99 23.77
N LEU U 52 0.44 8.06 24.52
CA LEU U 52 -0.27 6.90 23.98
C LEU U 52 -1.57 6.83 24.77
N ASP U 53 -2.58 7.54 24.29
CA ASP U 53 -3.80 7.79 25.04
C ASP U 53 -5.00 7.22 24.31
N ASN U 54 -5.90 6.60 25.08
CA ASN U 54 -7.13 6.03 24.56
C ASN U 54 -8.29 6.64 25.32
N ILE U 55 -9.29 7.13 24.58
CA ILE U 55 -10.46 7.75 25.18
C ILE U 55 -11.71 7.18 24.51
N THR U 56 -12.72 6.88 25.31
CA THR U 56 -14.01 6.39 24.83
C THR U 56 -15.07 7.33 25.39
N HIS U 57 -15.36 8.38 24.64
CA HIS U 57 -16.34 9.39 25.04
C HIS U 57 -17.69 9.02 24.44
N VAL U 58 -18.61 8.58 25.30
CA VAL U 58 -19.92 8.13 24.86
C VAL U 58 -20.98 8.85 25.68
N PRO U 59 -21.19 10.14 25.46
CA PRO U 59 -22.22 10.85 26.22
C PRO U 59 -23.59 10.74 25.58
N GLY U 60 -24.59 10.26 26.33
CA GLY U 60 -25.93 10.26 25.81
C GLY U 60 -26.47 11.67 25.79
N GLY U 61 -26.49 12.26 24.60
CA GLY U 61 -26.83 13.66 24.47
C GLY U 61 -25.59 14.52 24.48
N GLY U 62 -25.18 14.99 23.31
CA GLY U 62 -24.04 15.90 23.23
C GLY U 62 -24.43 17.17 22.49
N ASN U 63 -24.44 18.29 23.21
CA ASN U 63 -24.92 19.55 22.64
C ASN U 63 -24.19 20.69 23.32
N LYS U 64 -23.49 21.50 22.54
CA LYS U 64 -22.76 22.65 23.06
C LYS U 64 -23.19 23.89 22.30
N LYS U 65 -23.67 24.90 23.04
CA LYS U 65 -24.17 26.14 22.46
C LYS U 65 -23.28 27.28 22.97
N ILE U 66 -22.60 27.95 22.05
CA ILE U 66 -21.65 29.01 22.39
C ILE U 66 -22.19 30.33 21.87
N GLU U 67 -22.19 31.35 22.73
CA GLU U 67 -22.61 32.70 22.37
C GLU U 67 -21.57 33.66 22.93
N THR U 68 -21.01 34.50 22.06
CA THR U 68 -19.99 35.47 22.46
C THR U 68 -20.50 36.86 22.12
N HIS U 69 -21.12 37.52 23.11
CA HIS U 69 -21.57 38.88 22.95
C HIS U 69 -20.44 39.85 23.30
N LYS U 70 -20.26 40.86 22.46
CA LYS U 70 -19.20 41.83 22.67
C LYS U 70 -19.71 43.22 22.29
N LEU U 71 -19.11 44.24 22.89
CA LEU U 71 -19.48 45.62 22.63
C LEU U 71 -18.36 46.52 23.13
N THR U 72 -17.88 47.40 22.25
CA THR U 72 -16.73 48.23 22.55
C THR U 72 -17.00 49.66 22.10
N PHE U 73 -16.32 50.60 22.74
CA PHE U 73 -16.45 52.02 22.40
C PHE U 73 -15.10 52.62 22.05
N VAL V 1 25.76 -65.94 14.48
CA VAL V 1 25.59 -64.53 14.14
C VAL V 1 26.43 -63.67 15.06
N GLN V 2 27.05 -62.64 14.51
CA GLN V 2 27.90 -61.73 15.25
C GLN V 2 27.55 -60.30 14.90
N ILE V 3 27.52 -59.42 15.90
CA ILE V 3 27.21 -58.02 15.75
C ILE V 3 28.22 -57.20 16.52
N VAL V 4 28.70 -56.12 15.92
CA VAL V 4 29.62 -55.20 16.55
C VAL V 4 29.11 -53.78 16.36
N TYR V 5 29.20 -52.98 17.42
CA TYR V 5 28.66 -51.61 17.40
C TYR V 5 29.61 -50.75 18.23
N LYS V 6 30.58 -50.12 17.58
CA LYS V 6 31.61 -49.33 18.23
C LYS V 6 31.76 -47.99 17.51
N PRO V 7 30.73 -47.14 17.57
CA PRO V 7 30.84 -45.79 17.00
C PRO V 7 31.68 -44.90 17.92
N VAL V 8 32.67 -44.24 17.35
CA VAL V 8 33.57 -43.37 18.07
C VAL V 8 33.26 -41.92 17.70
N ASP V 9 33.11 -41.07 18.71
CA ASP V 9 32.82 -39.67 18.49
C ASP V 9 33.78 -38.84 19.34
N LEU V 10 34.35 -37.81 18.71
CA LEU V 10 35.25 -36.87 19.40
C LEU V 10 35.04 -35.51 18.76
N SER V 11 34.13 -34.72 19.34
CA SER V 11 33.72 -33.46 18.75
C SER V 11 33.79 -32.35 19.80
N LYS V 12 34.21 -31.17 19.37
CA LYS V 12 34.30 -29.99 20.23
C LYS V 12 33.41 -28.91 19.65
N VAL V 13 32.26 -28.67 20.28
CA VAL V 13 31.34 -27.61 19.87
C VAL V 13 31.74 -26.37 20.66
N THR V 14 32.71 -25.63 20.14
CA THR V 14 33.26 -24.48 20.83
C THR V 14 32.39 -23.24 20.60
N SER V 15 32.46 -22.32 21.55
CA SER V 15 31.71 -21.06 21.45
C SER V 15 32.50 -20.01 22.24
N LYS V 16 33.11 -19.08 21.53
CA LYS V 16 33.88 -18.00 22.13
C LYS V 16 33.26 -16.66 21.77
N CYS V 17 33.09 -15.80 22.76
CA CYS V 17 32.59 -14.45 22.55
C CYS V 17 33.25 -13.51 23.54
N GLY V 18 33.56 -12.30 23.09
CA GLY V 18 34.18 -11.31 23.96
C GLY V 18 33.19 -10.69 24.93
N SER V 19 32.12 -10.11 24.39
CA SER V 19 31.09 -9.50 25.22
C SER V 19 29.85 -9.28 24.37
N LEU V 20 28.70 -9.73 24.88
CA LEU V 20 27.46 -9.62 24.12
C LEU V 20 27.14 -8.15 23.86
N GLY V 21 26.82 -7.41 24.91
CA GLY V 21 26.59 -5.99 24.82
C GLY V 21 25.24 -5.61 25.37
N ASN V 22 24.77 -4.43 24.97
CA ASN V 22 23.53 -3.86 25.49
C ASN V 22 22.37 -4.37 24.64
N ILE V 23 21.59 -5.28 25.20
CA ILE V 23 20.45 -5.87 24.52
C ILE V 23 19.18 -5.36 25.17
N HIS V 24 18.27 -4.83 24.35
CA HIS V 24 17.04 -4.23 24.82
C HIS V 24 15.84 -4.91 24.16
N HIS V 25 14.81 -5.16 24.96
CA HIS V 25 13.60 -5.81 24.50
C HIS V 25 12.43 -5.05 25.12
N LYS V 26 11.81 -4.17 24.33
CA LYS V 26 10.77 -3.26 24.81
C LYS V 26 9.53 -3.44 23.93
N PRO V 27 8.80 -4.54 24.09
CA PRO V 27 7.59 -4.74 23.31
C PRO V 27 6.41 -3.94 23.85
N GLY V 28 5.51 -3.60 22.95
CA GLY V 28 4.26 -2.94 23.30
C GLY V 28 3.12 -3.92 23.36
N GLY V 29 2.41 -3.97 24.48
CA GLY V 29 1.35 -4.93 24.67
C GLY V 29 0.23 -4.81 23.66
N GLY V 30 -0.09 -5.91 23.00
CA GLY V 30 -1.17 -5.97 22.05
C GLY V 30 -2.45 -6.49 22.67
N GLN V 31 -3.27 -7.12 21.82
CA GLN V 31 -4.56 -7.66 22.26
C GLN V 31 -4.82 -8.96 21.53
N VAL V 32 -5.29 -9.96 22.29
CA VAL V 32 -5.57 -11.28 21.76
C VAL V 32 -6.95 -11.71 22.24
N GLU V 33 -7.73 -12.30 21.34
CA GLU V 33 -9.08 -12.77 21.66
C GLU V 33 -9.31 -14.10 20.96
N VAL V 34 -9.66 -15.12 21.73
CA VAL V 34 -9.96 -16.45 21.20
C VAL V 34 -11.33 -16.86 21.72
N LYS V 35 -12.15 -17.41 20.82
CA LYS V 35 -13.51 -17.81 21.16
C LYS V 35 -13.76 -19.19 20.58
N SER V 36 -14.04 -20.16 21.46
CA SER V 36 -14.35 -21.52 21.07
C SER V 36 -15.54 -22.02 21.89
N GLU V 37 -16.01 -23.22 21.55
CA GLU V 37 -17.11 -23.84 22.27
C GLU V 37 -16.72 -25.15 22.94
N LYS V 38 -16.15 -26.09 22.18
CA LYS V 38 -15.83 -27.41 22.71
C LYS V 38 -14.41 -27.79 22.33
N LEU V 39 -13.71 -28.40 23.27
CA LEU V 39 -12.36 -28.91 23.07
C LEU V 39 -12.30 -30.38 23.46
N ASP V 40 -11.72 -31.20 22.58
CA ASP V 40 -11.58 -32.64 22.81
C ASP V 40 -10.17 -33.03 22.41
N PHE V 41 -9.31 -33.22 23.41
CA PHE V 41 -7.89 -33.49 23.19
C PHE V 41 -7.55 -34.89 23.70
N LYS V 42 -6.70 -35.59 22.95
CA LYS V 42 -6.34 -36.96 23.31
C LYS V 42 -5.00 -37.32 22.69
N ASP V 43 -4.31 -38.27 23.33
CA ASP V 43 -3.20 -39.01 22.75
C ASP V 43 -2.07 -38.08 22.30
N ARG V 44 -1.41 -37.48 23.28
CA ARG V 44 -0.20 -36.70 23.08
C ARG V 44 -0.48 -35.47 22.22
N VAL V 45 -1.33 -34.60 22.76
CA VAL V 45 -1.67 -33.33 22.12
C VAL V 45 -1.33 -32.21 23.10
N GLN V 46 -0.43 -31.32 22.69
CA GLN V 46 -0.07 -30.16 23.47
C GLN V 46 -0.51 -28.90 22.74
N SER V 47 -1.28 -28.06 23.42
CA SER V 47 -1.90 -26.89 22.80
C SER V 47 -1.56 -25.63 23.57
N LYS V 48 -1.65 -24.50 22.87
CA LYS V 48 -1.42 -23.18 23.46
C LYS V 48 -2.48 -22.26 22.87
N ILE V 49 -3.56 -22.05 23.61
CA ILE V 49 -4.73 -21.32 23.13
C ILE V 49 -4.78 -20.00 23.89
N GLY V 50 -4.35 -18.93 23.25
CA GLY V 50 -4.42 -17.61 23.84
C GLY V 50 -3.17 -17.28 24.61
N SER V 51 -2.30 -16.46 24.04
CA SER V 51 -1.03 -16.16 24.67
C SER V 51 -0.49 -14.84 24.15
N LEU V 52 0.07 -14.07 25.07
CA LEU V 52 0.80 -12.83 24.76
C LEU V 52 2.08 -12.91 25.58
N ASP V 53 3.11 -13.55 25.01
CA ASP V 53 4.29 -13.92 25.75
C ASP V 53 5.52 -13.24 25.16
N ASN V 54 6.39 -12.78 26.05
CA ASN V 54 7.64 -12.14 25.67
C ASN V 54 8.79 -12.88 26.35
N ILE V 55 9.80 -13.24 25.57
CA ILE V 55 10.96 -13.98 26.09
C ILE V 55 12.21 -13.32 25.56
N THR V 56 13.20 -13.16 26.43
CA THR V 56 14.51 -12.60 26.08
C THR V 56 15.56 -13.63 26.49
N HIS V 57 15.86 -14.56 25.59
CA HIS V 57 16.82 -15.63 25.85
C HIS V 57 18.19 -15.17 25.36
N VAL V 58 19.08 -14.90 26.30
CA VAL V 58 20.42 -14.39 25.98
C VAL V 58 21.44 -15.25 26.71
N PRO V 59 21.67 -16.48 26.28
CA PRO V 59 22.66 -17.32 26.94
C PRO V 59 24.05 -17.11 26.37
N GLY V 60 25.01 -16.78 27.22
CA GLY V 60 26.38 -16.70 26.74
C GLY V 60 26.90 -18.10 26.50
N GLY V 61 26.96 -18.49 25.24
CA GLY V 61 27.30 -19.84 24.88
C GLY V 61 26.06 -20.68 24.71
N GLY V 62 25.68 -20.96 23.47
CA GLY V 62 24.54 -21.82 23.20
C GLY V 62 24.95 -22.94 22.28
N ASN V 63 24.93 -24.17 22.80
CA ASN V 63 25.41 -25.32 22.05
C ASN V 63 24.66 -26.56 22.50
N LYS V 64 23.98 -27.22 21.56
CA LYS V 64 23.24 -28.44 21.87
C LYS V 64 23.68 -29.54 20.93
N LYS V 65 24.13 -30.65 21.50
CA LYS V 65 24.64 -31.79 20.74
C LYS V 65 23.74 -32.99 21.03
N ILE V 66 23.09 -33.49 20.00
CA ILE V 66 22.11 -34.57 20.11
C ILE V 66 22.65 -35.80 19.40
N GLU V 67 22.63 -36.94 20.07
CA GLU V 67 23.05 -38.22 19.50
C GLU V 67 21.99 -39.26 19.87
N THR V 68 21.45 -39.93 18.86
CA THR V 68 20.43 -40.94 19.05
C THR V 68 20.94 -42.27 18.51
N HIS V 69 21.52 -43.08 19.39
CA HIS V 69 21.97 -44.41 19.02
C HIS V 69 20.83 -45.40 19.17
N LYS V 70 20.67 -46.27 18.17
CA LYS V 70 19.59 -47.25 18.18
C LYS V 70 20.10 -48.55 17.59
N LEU V 71 19.48 -49.65 18.00
CA LEU V 71 19.85 -50.97 17.51
C LEU V 71 18.72 -51.94 17.82
N THR V 72 18.27 -52.65 16.80
CA THR V 72 17.10 -53.51 16.92
C THR V 72 17.38 -54.84 16.26
N PHE V 73 16.67 -55.87 16.70
CA PHE V 73 16.81 -57.22 16.14
C PHE V 73 15.46 -57.74 15.65
N VAL W 1 -24.30 60.97 26.73
CA VAL W 1 -24.14 59.63 26.17
C VAL W 1 -25.01 58.63 26.92
N GLN W 2 -25.63 57.72 26.17
CA GLN W 2 -26.51 56.71 26.74
C GLN W 2 -26.16 55.35 26.16
N ILE W 3 -26.17 54.32 27.01
CA ILE W 3 -25.86 52.96 26.63
C ILE W 3 -26.90 52.03 27.23
N VAL W 4 -27.37 51.08 26.43
CA VAL W 4 -28.33 50.08 26.87
C VAL W 4 -27.82 48.70 26.46
N TYR W 5 -27.94 47.73 27.37
CA TYR W 5 -27.43 46.39 27.15
C TYR W 5 -28.41 45.41 27.80
N LYS W 6 -29.36 44.91 27.01
CA LYS W 6 -30.42 44.04 27.50
C LYS W 6 -30.55 42.85 26.56
N PRO W 7 -29.54 41.98 26.50
CA PRO W 7 -29.64 40.74 25.72
C PRO W 7 -30.51 39.73 26.45
N VAL W 8 -31.50 39.18 25.75
CA VAL W 8 -32.43 38.21 26.29
C VAL W 8 -32.12 36.85 25.69
N ASP W 9 -32.01 35.84 26.54
CA ASP W 9 -31.73 34.48 26.11
C ASP W 9 -32.71 33.54 26.77
N LEU W 10 -33.28 32.63 25.97
CA LEU W 10 -34.20 31.62 26.47
C LEU W 10 -33.99 30.37 25.62
N SER W 11 -33.10 29.49 26.07
CA SER W 11 -32.68 28.33 25.30
C SER W 11 -32.80 27.08 26.15
N LYS W 12 -33.21 25.98 25.52
CA LYS W 12 -33.34 24.69 26.17
C LYS W 12 -32.45 23.70 25.44
N VAL W 13 -31.32 23.33 26.05
CA VAL W 13 -30.40 22.34 25.49
C VAL W 13 -30.83 21.00 26.06
N THR W 14 -31.78 20.37 25.39
CA THR W 14 -32.37 19.13 25.87
C THR W 14 -31.51 17.93 25.45
N SER W 15 -31.61 16.87 26.23
CA SER W 15 -30.88 15.63 25.95
C SER W 15 -31.69 14.47 26.54
N LYS W 16 -32.30 13.68 25.66
CA LYS W 16 -33.09 12.53 26.04
C LYS W 16 -32.47 11.26 25.48
N CYS W 17 -32.34 10.25 26.32
CA CYS W 17 -31.85 8.95 25.90
C CYS W 17 -32.55 7.87 26.71
N GLY W 18 -32.86 6.75 26.06
CA GLY W 18 -33.51 5.65 26.72
C GLY W 18 -32.56 4.86 27.60
N SER W 19 -31.47 4.36 27.01
CA SER W 19 -30.48 3.60 27.76
C SER W 19 -29.22 3.51 26.92
N LEU W 20 -28.07 3.85 27.52
CA LEU W 20 -26.81 3.85 26.80
C LEU W 20 -26.50 2.44 26.30
N GLY W 21 -26.21 1.53 27.22
CA GLY W 21 -25.99 0.14 26.90
C GLY W 21 -24.66 -0.35 27.42
N ASN W 22 -24.19 -1.44 26.85
CA ASN W 22 -22.97 -2.12 27.30
C ASN W 22 -21.79 -1.48 26.58
N ILE W 23 -21.02 -0.70 27.31
CA ILE W 23 -19.86 -0.01 26.77
C ILE W 23 -18.60 -0.65 27.36
N HIS W 24 -17.68 -1.03 26.49
CA HIS W 24 -16.46 -1.73 26.89
C HIS W 24 -15.25 -0.97 26.39
N HIS W 25 -14.24 -0.86 27.25
CA HIS W 25 -13.00 -0.16 26.93
C HIS W 25 -11.86 -1.03 27.45
N LYS W 26 -11.23 -1.78 26.55
CA LYS W 26 -10.20 -2.76 26.90
C LYS W 26 -8.95 -2.47 26.11
N PRO W 27 -8.21 -1.43 26.45
CA PRO W 27 -6.97 -1.11 25.76
C PRO W 27 -5.82 -2.00 26.20
N GLY W 28 -4.88 -2.20 25.28
CA GLY W 28 -3.67 -2.93 25.54
C GLY W 28 -2.51 -1.99 25.80
N GLY W 29 -1.84 -2.14 26.93
CA GLY W 29 -0.78 -1.23 27.31
C GLY W 29 0.37 -1.20 26.33
N GLY W 30 0.73 -0.01 25.87
CA GLY W 30 1.84 0.19 24.97
C GLY W 30 3.10 0.59 25.71
N GLN W 31 3.96 1.33 25.00
CA GLN W 31 5.22 1.77 25.56
C GLN W 31 5.52 3.17 25.08
N VAL W 32 5.98 4.03 26.00
CA VAL W 32 6.29 5.42 25.71
C VAL W 32 7.67 5.74 26.29
N GLU W 33 8.47 6.45 25.52
CA GLU W 33 9.81 6.85 25.96
C GLU W 33 10.08 8.27 25.50
N VAL W 34 10.41 9.14 26.44
CA VAL W 34 10.74 10.53 26.15
C VAL W 34 12.10 10.84 26.76
N LYS W 35 12.94 11.52 25.99
CA LYS W 35 14.30 11.83 26.43
C LYS W 35 14.58 13.30 26.09
N SER W 36 14.84 14.10 27.13
CA SER W 36 15.18 15.50 26.98
C SER W 36 16.34 15.84 27.91
N GLU W 37 16.84 17.07 27.80
CA GLU W 37 17.92 17.55 28.64
C GLU W 37 17.52 18.74 29.49
N LYS W 38 16.98 19.79 28.90
CA LYS W 38 16.67 21.01 29.63
C LYS W 38 15.26 21.47 29.27
N LEU W 39 14.53 21.93 30.29
CA LEU W 39 13.20 22.48 30.13
C LEU W 39 13.13 23.86 30.76
N ASP W 40 12.60 24.83 30.01
CA ASP W 40 12.46 26.21 30.48
C ASP W 40 11.05 26.68 30.11
N PHE W 41 10.17 26.72 31.09
CA PHE W 41 8.76 27.04 30.89
C PHE W 41 8.42 28.34 31.61
N LYS W 42 7.61 29.18 30.97
CA LYS W 42 7.24 30.47 31.54
C LYS W 42 5.92 30.94 30.95
N ASP W 43 5.23 31.77 31.72
CA ASP W 43 4.14 32.63 31.24
C ASP W 43 3.01 31.80 30.60
N ARG W 44 2.33 31.06 31.46
CA ARG W 44 1.12 30.33 31.09
C ARG W 44 1.41 29.25 30.05
N VAL W 45 2.24 28.30 30.45
CA VAL W 45 2.58 27.15 29.63
C VAL W 45 2.20 25.89 30.39
N GLN W 46 1.32 25.08 29.81
CA GLN W 46 0.90 23.82 30.38
C GLN W 46 1.36 22.69 29.46
N SER W 47 2.10 21.74 30.01
CA SER W 47 2.73 20.69 29.22
C SER W 47 2.35 19.32 29.77
N LYS W 48 2.46 18.32 28.89
CA LYS W 48 2.20 16.92 29.24
C LYS W 48 3.27 16.10 28.54
N ILE W 49 4.32 15.75 29.27
CA ILE W 49 5.50 15.09 28.71
C ILE W 49 5.51 13.67 29.24
N GLY W 50 5.09 12.72 28.41
CA GLY W 50 5.14 11.32 28.78
C GLY W 50 3.84 10.88 29.45
N SER W 51 2.99 10.18 28.71
CA SER W 51 1.70 9.81 29.25
C SER W 51 1.18 8.59 28.50
N LEU W 52 0.57 7.69 29.27
CA LEU W 52 -0.15 6.54 28.73
C LEU W 52 -1.46 6.49 29.51
N ASP W 53 -2.45 7.22 29.04
CA ASP W 53 -3.68 7.49 29.78
C ASP W 53 -4.89 6.95 29.06
N ASN W 54 -5.79 6.34 29.83
CA ASN W 54 -7.03 5.80 29.31
C ASN W 54 -8.19 6.43 30.07
N ILE W 55 -9.17 6.93 29.34
CA ILE W 55 -10.33 7.58 29.93
C ILE W 55 -11.59 7.04 29.27
N THR W 56 -12.61 6.74 30.07
CA THR W 56 -13.91 6.28 29.60
C THR W 56 -14.95 7.25 30.16
N HIS W 57 -15.22 8.30 29.40
CA HIS W 57 -16.18 9.34 29.81
C HIS W 57 -17.53 8.98 29.22
N VAL W 58 -18.46 8.57 30.07
CA VAL W 58 -19.79 8.14 29.63
C VAL W 58 -20.83 8.88 30.46
N PRO W 59 -21.02 10.18 30.23
CA PRO W 59 -22.03 10.91 31.00
C PRO W 59 -23.41 10.81 30.36
N GLY W 60 -24.40 10.36 31.12
CA GLY W 60 -25.75 10.37 30.60
C GLY W 60 -26.26 11.80 30.57
N GLY W 61 -26.27 12.39 29.38
CA GLY W 61 -26.59 13.80 29.26
C GLY W 61 -25.33 14.64 29.26
N GLY W 62 -24.91 15.11 28.09
CA GLY W 62 -23.76 15.99 28.00
C GLY W 62 -24.13 17.26 27.27
N ASN W 63 -24.11 18.39 27.99
CA ASN W 63 -24.56 19.65 27.42
C ASN W 63 -23.81 20.78 28.10
N LYS W 64 -23.10 21.57 27.32
CA LYS W 64 -22.35 22.71 27.84
C LYS W 64 -22.75 23.96 27.08
N LYS W 65 -23.21 24.97 27.82
CA LYS W 65 -23.68 26.23 27.24
C LYS W 65 -22.79 27.35 27.75
N ILE W 66 -22.10 28.01 26.83
CA ILE W 66 -21.12 29.05 27.16
C ILE W 66 -21.63 30.37 26.65
N GLU W 67 -21.61 31.39 27.51
CA GLU W 67 -22.01 32.76 27.15
C GLU W 67 -20.95 33.70 27.70
N THR W 68 -20.37 34.52 26.84
CA THR W 68 -19.33 35.48 27.23
C THR W 68 -19.83 36.87 26.90
N HIS W 69 -20.42 37.54 27.89
CA HIS W 69 -20.85 38.92 27.73
C HIS W 69 -19.71 39.86 28.08
N LYS W 70 -19.50 40.87 27.24
CA LYS W 70 -18.42 41.83 27.45
C LYS W 70 -18.91 43.22 27.07
N LEU W 71 -18.29 44.23 27.67
CA LEU W 71 -18.64 45.61 27.41
C LEU W 71 -17.50 46.48 27.91
N THR W 72 -17.00 47.36 27.03
CA THR W 72 -15.83 48.18 27.32
C THR W 72 -16.08 49.60 26.87
N PHE W 73 -15.38 50.54 27.51
CA PHE W 73 -15.49 51.96 27.18
C PHE W 73 -14.12 52.53 26.83
#